data_9MIL
# 
_entry.id   9MIL 
# 
_audit_conform.dict_name       mmcif_pdbx.dic 
_audit_conform.dict_version    5.404 
_audit_conform.dict_location   http://mmcif.pdb.org/dictionaries/ascii/mmcif_pdbx.dic 
# 
loop_
_database_2.database_id 
_database_2.database_code 
_database_2.pdbx_database_accession 
_database_2.pdbx_DOI 
PDB   9MIL         pdb_00009mil 10.2210/pdb9mil/pdb 
WWPDB D_1000291050 ?            ?                   
# 
loop_
_pdbx_audit_revision_history.ordinal 
_pdbx_audit_revision_history.data_content_type 
_pdbx_audit_revision_history.major_revision 
_pdbx_audit_revision_history.minor_revision 
_pdbx_audit_revision_history.revision_date 
_pdbx_audit_revision_history.part_number 
1 'Structure model' 1 0 2025-06-04 ? 
2 'Structure model' 1 1 2025-06-18 ? 
# 
_pdbx_audit_revision_details.ordinal             1 
_pdbx_audit_revision_details.revision_ordinal    1 
_pdbx_audit_revision_details.data_content_type   'Structure model' 
_pdbx_audit_revision_details.provider            repository 
_pdbx_audit_revision_details.type                'Initial release' 
_pdbx_audit_revision_details.description         ? 
_pdbx_audit_revision_details.details             ? 
# 
_pdbx_audit_revision_group.ordinal             1 
_pdbx_audit_revision_group.revision_ordinal    2 
_pdbx_audit_revision_group.data_content_type   'Structure model' 
_pdbx_audit_revision_group.group               'Database references' 
# 
loop_
_pdbx_audit_revision_category.ordinal 
_pdbx_audit_revision_category.revision_ordinal 
_pdbx_audit_revision_category.data_content_type 
_pdbx_audit_revision_category.category 
1 2 'Structure model' citation        
2 2 'Structure model' citation_author 
# 
loop_
_pdbx_audit_revision_item.ordinal 
_pdbx_audit_revision_item.revision_ordinal 
_pdbx_audit_revision_item.data_content_type 
_pdbx_audit_revision_item.item 
1 2 'Structure model' '_citation.journal_volume'          
2 2 'Structure model' '_citation.page_first'              
3 2 'Structure model' '_citation.page_last'               
4 2 'Structure model' '_citation_author.identifier_ORCID' 
# 
_pdbx_database_status.status_code                     REL 
_pdbx_database_status.status_code_sf                  REL 
_pdbx_database_status.status_code_mr                  ? 
_pdbx_database_status.entry_id                        9MIL 
_pdbx_database_status.recvd_initial_deposition_date   2024-12-13 
_pdbx_database_status.SG_entry                        N 
_pdbx_database_status.deposit_site                    RCSB 
_pdbx_database_status.process_site                    RCSB 
_pdbx_database_status.status_code_cs                  ? 
_pdbx_database_status.status_code_nmr_data            ? 
_pdbx_database_status.methods_development_category    ? 
_pdbx_database_status.pdb_format_compatible           Y 
# 
_pdbx_contact_author.id                 2 
_pdbx_contact_author.email              tdo5@utk.edu 
_pdbx_contact_author.name_first         Thanh 
_pdbx_contact_author.name_last          Do 
_pdbx_contact_author.name_mi            ? 
_pdbx_contact_author.role               'principal investigator/group leader' 
_pdbx_contact_author.identifier_ORCID   0000-0002-1978-4365 
# 
loop_
_audit_author.name 
_audit_author.pdbx_ordinal 
_audit_author.identifier_ORCID 
'Sawaya, M.R.'     1 0000-0003-0874-9043 
'Hirschbeck, S.S.' 2 0009-0000-0201-6960 
'Eisenberg, D.S.'  3 0000-0003-2432-5419 
'Do, T.'           4 0000-0002-1978-4365 
# 
_citation.abstract                  ? 
_citation.abstract_id_CAS           ? 
_citation.book_id_ISBN              ? 
_citation.book_publisher            ? 
_citation.book_publisher_city       ? 
_citation.book_title                ? 
_citation.coordinate_linkage        ? 
_citation.country                   US 
_citation.database_id_Medline       ? 
_citation.details                   ? 
_citation.id                        primary 
_citation.journal_abbrev            J.Am.Chem.Soc. 
_citation.journal_id_ASTM           JACSAT 
_citation.journal_id_CSD            ? 
_citation.journal_id_ISSN           1520-5126 
_citation.journal_full              ? 
_citation.journal_issue             ? 
_citation.journal_volume            147 
_citation.language                  ? 
_citation.page_first                18594 
_citation.page_last                 18605 
_citation.title                     'Amyloid Oligomers: Expediting Crystal Growth and Revisiting the Corkscrew Structures.' 
_citation.year                      2025 
_citation.database_id_CSD           ? 
_citation.pdbx_database_id_DOI      10.1021/jacs.5c00656 
_citation.pdbx_database_id_PubMed   40398050 
_citation.pdbx_database_id_patent   ? 
_citation.unpublished_flag          ? 
# 
loop_
_citation_author.citation_id 
_citation_author.name 
_citation_author.ordinal 
_citation_author.identifier_ORCID 
primary 'Hirschbeck, S.S.'     1 ? 
primary 'Sawaya, M.R.'         2 ? 
primary 'Lindberg, E.T.'       3 ? 
primary 'Limbach, M.N.'        4 ? 
primary 'Jang, J.H.'           5 ? 
primary 'Lazar Cantrell, K.L.' 6 ? 
primary 'Eisenberg, D.S.'      7 ? 
primary 'Do, T.D.'             8 ? 
# 
loop_
_entity.id 
_entity.type 
_entity.src_method 
_entity.pdbx_description 
_entity.formula_weight 
_entity.pdbx_number_of_molecules 
_entity.pdbx_ec 
_entity.pdbx_mutation 
_entity.pdbx_fragment 
_entity.details 
1 polymer     syn 'Superoxide dismutase [Cu-Zn]' 1386.704 10 1.15.1.1 ? ? ? 
2 non-polymer syn 'SULFATE ION'                  96.063   5  ?        ? ? ? 
3 non-polymer syn 'TETRAETHYLENE GLYCOL'         194.226  2  ?        ? ? ? 
4 non-polymer syn 'DI(HYDROXYETHYL)ETHER'        106.120  1  ?        ? ? ? 
5 water       nat water                          18.015   11 ?        ? ? ? 
# 
_entity_name_com.entity_id   1 
_entity_name_com.name        'Superoxide dismutase 1,hSod1' 
# 
_entity_poly.entity_id                      1 
_entity_poly.type                           'polypeptide(L)' 
_entity_poly.nstd_linkage                   no 
_entity_poly.nstd_monomer                   no 
_entity_poly.pdbx_seq_one_letter_code       PVKVWGSIKRLT 
_entity_poly.pdbx_seq_one_letter_code_can   PVKVWGSIKRLT 
_entity_poly.pdbx_strand_id                 A,B,C,D,E,F,G,H,I,J 
_entity_poly.pdbx_target_identifier         ? 
# 
loop_
_pdbx_entity_nonpoly.entity_id 
_pdbx_entity_nonpoly.name 
_pdbx_entity_nonpoly.comp_id 
2 'SULFATE ION'           SO4 
3 'TETRAETHYLENE GLYCOL'  PG4 
4 'DI(HYDROXYETHYL)ETHER' PEG 
5 water                   HOH 
# 
loop_
_entity_poly_seq.entity_id 
_entity_poly_seq.num 
_entity_poly_seq.mon_id 
_entity_poly_seq.hetero 
1 1  PRO n 
1 2  VAL n 
1 3  LYS n 
1 4  VAL n 
1 5  TRP n 
1 6  GLY n 
1 7  SER n 
1 8  ILE n 
1 9  LYS n 
1 10 ARG n 
1 11 LEU n 
1 12 THR n 
# 
_pdbx_entity_src_syn.entity_id              1 
_pdbx_entity_src_syn.pdbx_src_id            1 
_pdbx_entity_src_syn.pdbx_alt_source_flag   sample 
_pdbx_entity_src_syn.pdbx_beg_seq_num       1 
_pdbx_entity_src_syn.pdbx_end_seq_num       12 
_pdbx_entity_src_syn.organism_scientific    'Homo sapiens' 
_pdbx_entity_src_syn.organism_common_name   human 
_pdbx_entity_src_syn.ncbi_taxonomy_id       9606 
_pdbx_entity_src_syn.details                ? 
# 
loop_
_chem_comp.id 
_chem_comp.type 
_chem_comp.mon_nstd_flag 
_chem_comp.name 
_chem_comp.pdbx_synonyms 
_chem_comp.formula 
_chem_comp.formula_weight 
ARG 'L-peptide linking' y ARGININE                ? 'C6 H15 N4 O2 1' 175.209 
GLY 'peptide linking'   y GLYCINE                 ? 'C2 H5 N O2'     75.067  
HOH non-polymer         . WATER                   ? 'H2 O'           18.015  
ILE 'L-peptide linking' y ISOLEUCINE              ? 'C6 H13 N O2'    131.173 
LEU 'L-peptide linking' y LEUCINE                 ? 'C6 H13 N O2'    131.173 
LYS 'L-peptide linking' y LYSINE                  ? 'C6 H15 N2 O2 1' 147.195 
PEG non-polymer         . 'DI(HYDROXYETHYL)ETHER' ? 'C4 H10 O3'      106.120 
PG4 non-polymer         . 'TETRAETHYLENE GLYCOL'  ? 'C8 H18 O5'      194.226 
PRO 'L-peptide linking' y PROLINE                 ? 'C5 H9 N O2'     115.130 
SER 'L-peptide linking' y SERINE                  ? 'C3 H7 N O3'     105.093 
SO4 non-polymer         . 'SULFATE ION'           ? 'O4 S -2'        96.063  
THR 'L-peptide linking' y THREONINE               ? 'C4 H9 N O3'     119.119 
TRP 'L-peptide linking' y TRYPTOPHAN              ? 'C11 H12 N2 O2'  204.225 
VAL 'L-peptide linking' y VALINE                  ? 'C5 H11 N O2'    117.146 
# 
loop_
_pdbx_poly_seq_scheme.asym_id 
_pdbx_poly_seq_scheme.entity_id 
_pdbx_poly_seq_scheme.seq_id 
_pdbx_poly_seq_scheme.mon_id 
_pdbx_poly_seq_scheme.ndb_seq_num 
_pdbx_poly_seq_scheme.pdb_seq_num 
_pdbx_poly_seq_scheme.auth_seq_num 
_pdbx_poly_seq_scheme.pdb_mon_id 
_pdbx_poly_seq_scheme.auth_mon_id 
_pdbx_poly_seq_scheme.pdb_strand_id 
_pdbx_poly_seq_scheme.pdb_ins_code 
_pdbx_poly_seq_scheme.hetero 
A 1 1  PRO 1  28 28 PRO PRO A . n 
A 1 2  VAL 2  29 29 VAL VAL A . n 
A 1 3  LYS 3  30 30 LYS LYS A . n 
A 1 4  VAL 4  31 31 VAL VAL A . n 
A 1 5  TRP 5  32 32 TRP TRP A . n 
A 1 6  GLY 6  33 33 GLY GLY A . n 
A 1 7  SER 7  34 34 SER SER A . n 
A 1 8  ILE 8  35 35 ILE ILE A . n 
A 1 9  LYS 9  36 36 LYS LYS A . n 
A 1 10 ARG 10 37 37 ARG ARG A . n 
A 1 11 LEU 11 38 38 LEU LEU A . n 
A 1 12 THR 12 39 39 THR THR A . n 
B 1 1  PRO 1  28 28 PRO PRO B . n 
B 1 2  VAL 2  29 29 VAL VAL B . n 
B 1 3  LYS 3  30 30 LYS LYS B . n 
B 1 4  VAL 4  31 31 VAL VAL B . n 
B 1 5  TRP 5  32 32 TRP TRP B . n 
B 1 6  GLY 6  33 33 GLY GLY B . n 
B 1 7  SER 7  34 34 SER SER B . n 
B 1 8  ILE 8  35 35 ILE ILE B . n 
B 1 9  LYS 9  36 36 LYS LYS B . n 
B 1 10 ARG 10 37 37 ARG ARG B . n 
B 1 11 LEU 11 38 38 LEU LEU B . n 
B 1 12 THR 12 39 39 THR THR B . n 
C 1 1  PRO 1  28 28 PRO PRO C . n 
C 1 2  VAL 2  29 29 VAL VAL C . n 
C 1 3  LYS 3  30 30 LYS LYS C . n 
C 1 4  VAL 4  31 31 VAL VAL C . n 
C 1 5  TRP 5  32 32 TRP TRP C . n 
C 1 6  GLY 6  33 33 GLY GLY C . n 
C 1 7  SER 7  34 34 SER SER C . n 
C 1 8  ILE 8  35 35 ILE ILE C . n 
C 1 9  LYS 9  36 36 LYS LYS C . n 
C 1 10 ARG 10 37 37 ARG ARG C . n 
C 1 11 LEU 11 38 38 LEU LEU C . n 
C 1 12 THR 12 39 39 THR THR C . n 
D 1 1  PRO 1  28 28 PRO PRO D . n 
D 1 2  VAL 2  29 29 VAL VAL D . n 
D 1 3  LYS 3  30 30 LYS LYS D . n 
D 1 4  VAL 4  31 31 VAL VAL D . n 
D 1 5  TRP 5  32 32 TRP TRP D . n 
D 1 6  GLY 6  33 33 GLY GLY D . n 
D 1 7  SER 7  34 34 SER SER D . n 
D 1 8  ILE 8  35 35 ILE ILE D . n 
D 1 9  LYS 9  36 36 LYS LYS D . n 
D 1 10 ARG 10 37 37 ARG ARG D . n 
D 1 11 LEU 11 38 38 LEU LEU D . n 
D 1 12 THR 12 39 39 THR THR D . n 
E 1 1  PRO 1  28 28 PRO PRO E . n 
E 1 2  VAL 2  29 29 VAL VAL E . n 
E 1 3  LYS 3  30 30 LYS LYS E . n 
E 1 4  VAL 4  31 31 VAL VAL E . n 
E 1 5  TRP 5  32 32 TRP TRP E . n 
E 1 6  GLY 6  33 33 GLY GLY E . n 
E 1 7  SER 7  34 34 SER SER E . n 
E 1 8  ILE 8  35 35 ILE ILE E . n 
E 1 9  LYS 9  36 36 LYS LYS E . n 
E 1 10 ARG 10 37 37 ARG ARG E . n 
E 1 11 LEU 11 38 38 LEU LEU E . n 
E 1 12 THR 12 39 39 THR THR E . n 
F 1 1  PRO 1  28 28 PRO PRO F . n 
F 1 2  VAL 2  29 29 VAL VAL F . n 
F 1 3  LYS 3  30 30 LYS LYS F . n 
F 1 4  VAL 4  31 31 VAL VAL F . n 
F 1 5  TRP 5  32 32 TRP TRP F . n 
F 1 6  GLY 6  33 33 GLY GLY F . n 
F 1 7  SER 7  34 34 SER SER F . n 
F 1 8  ILE 8  35 35 ILE ILE F . n 
F 1 9  LYS 9  36 36 LYS LYS F . n 
F 1 10 ARG 10 37 37 ARG ARG F . n 
F 1 11 LEU 11 38 38 LEU LEU F . n 
F 1 12 THR 12 39 39 THR THR F . n 
G 1 1  PRO 1  28 28 PRO PRO G . n 
G 1 2  VAL 2  29 29 VAL VAL G . n 
G 1 3  LYS 3  30 30 LYS LYS G . n 
G 1 4  VAL 4  31 31 VAL VAL G . n 
G 1 5  TRP 5  32 32 TRP TRP G . n 
G 1 6  GLY 6  33 33 GLY GLY G . n 
G 1 7  SER 7  34 34 SER SER G . n 
G 1 8  ILE 8  35 35 ILE ILE G . n 
G 1 9  LYS 9  36 36 LYS LYS G . n 
G 1 10 ARG 10 37 37 ARG ARG G . n 
G 1 11 LEU 11 38 38 LEU LEU G . n 
G 1 12 THR 12 39 39 THR THR G . n 
H 1 1  PRO 1  28 28 PRO PRO H . n 
H 1 2  VAL 2  29 29 VAL VAL H . n 
H 1 3  LYS 3  30 30 LYS LYS H . n 
H 1 4  VAL 4  31 31 VAL VAL H . n 
H 1 5  TRP 5  32 32 TRP TRP H . n 
H 1 6  GLY 6  33 33 GLY GLY H . n 
H 1 7  SER 7  34 34 SER SER H . n 
H 1 8  ILE 8  35 35 ILE ILE H . n 
H 1 9  LYS 9  36 36 LYS LYS H . n 
H 1 10 ARG 10 37 37 ARG ARG H . n 
H 1 11 LEU 11 38 38 LEU LEU H . n 
H 1 12 THR 12 39 39 THR THR H . n 
I 1 1  PRO 1  28 28 PRO PRO I . n 
I 1 2  VAL 2  29 29 VAL VAL I . n 
I 1 3  LYS 3  30 30 LYS LYS I . n 
I 1 4  VAL 4  31 31 VAL VAL I . n 
I 1 5  TRP 5  32 32 TRP TRP I . n 
I 1 6  GLY 6  33 33 GLY GLY I . n 
I 1 7  SER 7  34 34 SER SER I . n 
I 1 8  ILE 8  35 35 ILE ILE I . n 
I 1 9  LYS 9  36 36 LYS LYS I . n 
I 1 10 ARG 10 37 37 ARG ARG I . n 
I 1 11 LEU 11 38 38 LEU LEU I . n 
I 1 12 THR 12 39 39 THR THR I . n 
J 1 1  PRO 1  28 28 PRO PRO J . n 
J 1 2  VAL 2  29 29 VAL VAL J . n 
J 1 3  LYS 3  30 30 LYS LYS J . n 
J 1 4  VAL 4  31 31 VAL VAL J . n 
J 1 5  TRP 5  32 32 TRP TRP J . n 
J 1 6  GLY 6  33 33 GLY GLY J . n 
J 1 7  SER 7  34 34 SER SER J . n 
J 1 8  ILE 8  35 35 ILE ILE J . n 
J 1 9  LYS 9  36 36 LYS LYS J . n 
J 1 10 ARG 10 37 37 ARG ARG J . n 
J 1 11 LEU 11 38 38 LEU LEU J . n 
J 1 12 THR 12 39 39 THR THR J . n 
# 
loop_
_pdbx_nonpoly_scheme.asym_id 
_pdbx_nonpoly_scheme.entity_id 
_pdbx_nonpoly_scheme.mon_id 
_pdbx_nonpoly_scheme.ndb_seq_num 
_pdbx_nonpoly_scheme.pdb_seq_num 
_pdbx_nonpoly_scheme.auth_seq_num 
_pdbx_nonpoly_scheme.pdb_mon_id 
_pdbx_nonpoly_scheme.auth_mon_id 
_pdbx_nonpoly_scheme.pdb_strand_id 
_pdbx_nonpoly_scheme.pdb_ins_code 
K 2 SO4 1 101 102 SO4 SO4 A . 
L 3 PG4 1 102 101 PG4 PG4 A . 
M 4 PEG 1 101 101 PEG PEG D . 
N 2 SO4 1 101 102 SO4 SO4 F . 
O 2 SO4 1 101 102 SO4 SO4 G . 
P 2 SO4 1 101 102 SO4 SO4 H . 
Q 2 SO4 1 101 102 SO4 SO4 I . 
R 3 PG4 1 101 101 PG4 PG4 J . 
S 5 HOH 1 101 103 HOH HOH B . 
T 5 HOH 1 101 106 HOH HOH C . 
T 5 HOH 2 102 103 HOH HOH C . 
T 5 HOH 3 103 105 HOH HOH C . 
T 5 HOH 4 104 104 HOH HOH C . 
U 5 HOH 1 201 104 HOH HOH D . 
U 5 HOH 2 202 103 HOH HOH D . 
V 5 HOH 1 101 103 HOH HOH E . 
W 5 HOH 1 201 103 HOH HOH F . 
X 5 HOH 1 201 104 HOH HOH G . 
Y 5 HOH 1 201 103 HOH HOH I . 
# 
loop_
_software.citation_id 
_software.classification 
_software.compiler_name 
_software.compiler_version 
_software.contact_author 
_software.contact_author_email 
_software.date 
_software.description 
_software.dependencies 
_software.hardware 
_software.language 
_software.location 
_software.mods 
_software.name 
_software.os 
_software.os_version 
_software.type 
_software.version 
_software.pdbx_ordinal 
? refinement       ? ? ? ? ? ? ? ? ? ? ? PHENIX ? ? ? 1.21_5207 1 
? 'data scaling'   ? ? ? ? ? ? ? ? ? ? ? XSCALE ? ? ? 20220820  2 
? 'data reduction' ? ? ? ? ? ? ? ? ? ? ? XDS    ? ? ? 20220820  3 
? phasing          ? ? ? ? ? ? ? ? ? ? ? PHASER ? ? ? 2.8.3     4 
# 
_cell.angle_alpha                  90.000 
_cell.angle_alpha_esd              ? 
_cell.angle_beta                   90.000 
_cell.angle_beta_esd               ? 
_cell.angle_gamma                  120.000 
_cell.angle_gamma_esd              ? 
_cell.entry_id                     9MIL 
_cell.details                      ? 
_cell.formula_units_Z              ? 
_cell.length_a                     59.890 
_cell.length_a_esd                 ? 
_cell.length_b                     59.890 
_cell.length_b_esd                 ? 
_cell.length_c                     93.760 
_cell.length_c_esd                 ? 
_cell.volume                       291243.913 
_cell.volume_esd                   ? 
_cell.Z_PDB                        60 
_cell.reciprocal_angle_alpha       ? 
_cell.reciprocal_angle_beta        ? 
_cell.reciprocal_angle_gamma       ? 
_cell.reciprocal_angle_alpha_esd   ? 
_cell.reciprocal_angle_beta_esd    ? 
_cell.reciprocal_angle_gamma_esd   ? 
_cell.reciprocal_length_a          ? 
_cell.reciprocal_length_b          ? 
_cell.reciprocal_length_c          ? 
_cell.reciprocal_length_a_esd      ? 
_cell.reciprocal_length_b_esd      ? 
_cell.reciprocal_length_c_esd      ? 
_cell.pdbx_unique_axis             ? 
_cell.pdbx_esd_method              ? 
# 
_symmetry.entry_id                         9MIL 
_symmetry.cell_setting                     ? 
_symmetry.Int_Tables_number                152 
_symmetry.space_group_name_Hall            
;P 31 2"
;
_symmetry.space_group_name_H-M             'P 31 2 1' 
_symmetry.pdbx_full_space_group_name_H-M   ? 
# 
_exptl.absorpt_coefficient_mu     ? 
_exptl.absorpt_correction_T_max   ? 
_exptl.absorpt_correction_T_min   ? 
_exptl.absorpt_correction_type    ? 
_exptl.absorpt_process_details    ? 
_exptl.entry_id                   9MIL 
_exptl.crystals_number            1 
_exptl.details                    ? 
_exptl.method                     'X-RAY DIFFRACTION' 
_exptl.method_details             ? 
# 
_exptl_crystal.colour                       ? 
_exptl_crystal.density_diffrn               ? 
_exptl_crystal.density_Matthews             3.51 
_exptl_crystal.density_method               ? 
_exptl_crystal.density_percent_sol          65 
_exptl_crystal.description                  'thick hexagonal plate' 
_exptl_crystal.F_000                        ? 
_exptl_crystal.id                           1 
_exptl_crystal.preparation                  ? 
_exptl_crystal.size_max                     ? 
_exptl_crystal.size_mid                     ? 
_exptl_crystal.size_min                     ? 
_exptl_crystal.size_rad                     ? 
_exptl_crystal.colour_lustre                ? 
_exptl_crystal.colour_modifier              ? 
_exptl_crystal.colour_primary               ? 
_exptl_crystal.density_meas                 ? 
_exptl_crystal.density_meas_esd             ? 
_exptl_crystal.density_meas_gt              ? 
_exptl_crystal.density_meas_lt              ? 
_exptl_crystal.density_meas_temp            ? 
_exptl_crystal.density_meas_temp_esd        ? 
_exptl_crystal.density_meas_temp_gt         ? 
_exptl_crystal.density_meas_temp_lt         ? 
_exptl_crystal.pdbx_crystal_image_url       ? 
_exptl_crystal.pdbx_crystal_image_format    ? 
_exptl_crystal.pdbx_mosaicity               ? 
_exptl_crystal.pdbx_mosaicity_esd           ? 
_exptl_crystal.pdbx_mosaic_method           ? 
_exptl_crystal.pdbx_mosaic_block_size       ? 
_exptl_crystal.pdbx_mosaic_block_size_esd   ? 
# 
_exptl_crystal_grow.apparatus       ? 
_exptl_crystal_grow.atmosphere      ? 
_exptl_crystal_grow.crystal_id      1 
_exptl_crystal_grow.details         ? 
_exptl_crystal_grow.method          'VAPOR DIFFUSION, HANGING DROP' 
_exptl_crystal_grow.method_ref      ? 
_exptl_crystal_grow.pH              5.5 
_exptl_crystal_grow.pressure        ? 
_exptl_crystal_grow.pressure_esd    ? 
_exptl_crystal_grow.seeding         ? 
_exptl_crystal_grow.seeding_ref     ? 
_exptl_crystal_grow.temp_details    ? 
_exptl_crystal_grow.temp_esd        ? 
_exptl_crystal_grow.time            ? 
_exptl_crystal_grow.pdbx_details    '1.0 M Ammonium sulfate, 0.1 M BIS-TRIS pH 5.5, 1% w/v Polyethylene glycol 3,350' 
_exptl_crystal_grow.pdbx_pH_range   ? 
_exptl_crystal_grow.temp            298 
# 
_diffrn.ambient_environment              ? 
_diffrn.ambient_temp                     100 
_diffrn.ambient_temp_details             ? 
_diffrn.ambient_temp_esd                 ? 
_diffrn.crystal_id                       1 
_diffrn.crystal_support                  ? 
_diffrn.crystal_treatment                ? 
_diffrn.details                          ? 
_diffrn.id                               1 
_diffrn.ambient_pressure                 ? 
_diffrn.ambient_pressure_esd             ? 
_diffrn.ambient_pressure_gt              ? 
_diffrn.ambient_pressure_lt              ? 
_diffrn.ambient_temp_gt                  ? 
_diffrn.ambient_temp_lt                  ? 
_diffrn.pdbx_serial_crystal_experiment   N 
# 
_diffrn_detector.details                      ? 
_diffrn_detector.detector                     PIXEL 
_diffrn_detector.diffrn_id                    1 
_diffrn_detector.type                         'DECTRIS EIGER X 16M' 
_diffrn_detector.area_resol_mean              ? 
_diffrn_detector.dtime                        ? 
_diffrn_detector.pdbx_frames_total            ? 
_diffrn_detector.pdbx_collection_time_total   ? 
_diffrn_detector.pdbx_collection_date         2023-08-06 
_diffrn_detector.pdbx_frequency               ? 
_diffrn_detector.id                           ? 
_diffrn_detector.number_of_axes               ? 
# 
_diffrn_radiation.collimation                      ? 
_diffrn_radiation.diffrn_id                        1 
_diffrn_radiation.filter_edge                      ? 
_diffrn_radiation.inhomogeneity                    ? 
_diffrn_radiation.monochromator                    ? 
_diffrn_radiation.polarisn_norm                    ? 
_diffrn_radiation.polarisn_ratio                   ? 
_diffrn_radiation.probe                            ? 
_diffrn_radiation.type                             ? 
_diffrn_radiation.xray_symbol                      ? 
_diffrn_radiation.wavelength_id                    1 
_diffrn_radiation.pdbx_monochromatic_or_laue_m_l   M 
_diffrn_radiation.pdbx_wavelength_list             ? 
_diffrn_radiation.pdbx_wavelength                  ? 
_diffrn_radiation.pdbx_diffrn_protocol             'SINGLE WAVELENGTH' 
_diffrn_radiation.pdbx_analyzer                    ? 
_diffrn_radiation.pdbx_scattering_type             x-ray 
# 
_diffrn_radiation_wavelength.id           1 
_diffrn_radiation_wavelength.wavelength   0.979340 
_diffrn_radiation_wavelength.wt           1.0 
# 
_diffrn_source.current                     ? 
_diffrn_source.details                     ? 
_diffrn_source.diffrn_id                   1 
_diffrn_source.power                       ? 
_diffrn_source.size                        ? 
_diffrn_source.source                      SYNCHROTRON 
_diffrn_source.target                      ? 
_diffrn_source.type                        'NSLS-II BEAMLINE 17-ID-2' 
_diffrn_source.voltage                     ? 
_diffrn_source.take-off_angle              ? 
_diffrn_source.pdbx_wavelength_list        0.979340 
_diffrn_source.pdbx_wavelength             ? 
_diffrn_source.pdbx_synchrotron_beamline   17-ID-2 
_diffrn_source.pdbx_synchrotron_site       NSLS-II 
# 
_reflns.B_iso_Wilson_estimate                          76.76 
_reflns.entry_id                                       9MIL 
_reflns.data_reduction_details                         ? 
_reflns.data_reduction_method                          ? 
_reflns.d_resolution_high                              2.5 
_reflns.d_resolution_low                               19.6 
_reflns.details                                        ? 
_reflns.limit_h_max                                    ? 
_reflns.limit_h_min                                    ? 
_reflns.limit_k_max                                    ? 
_reflns.limit_k_min                                    ? 
_reflns.limit_l_max                                    ? 
_reflns.limit_l_min                                    ? 
_reflns.number_all                                     ? 
_reflns.number_obs                                     7087 
_reflns.observed_criterion                             ? 
_reflns.observed_criterion_F_max                       ? 
_reflns.observed_criterion_F_min                       ? 
_reflns.observed_criterion_I_max                       ? 
_reflns.observed_criterion_I_min                       ? 
_reflns.observed_criterion_sigma_F                     ? 
_reflns.observed_criterion_sigma_I                     ? 
_reflns.percent_possible_obs                           99.5 
_reflns.R_free_details                                 ? 
_reflns.Rmerge_F_all                                   ? 
_reflns.Rmerge_F_obs                                   ? 
_reflns.Friedel_coverage                               ? 
_reflns.number_gt                                      ? 
_reflns.threshold_expression                           ? 
_reflns.pdbx_redundancy                                8.1 
_reflns.pdbx_netI_over_av_sigmaI                       ? 
_reflns.pdbx_netI_over_sigmaI                          10.03 
_reflns.pdbx_res_netI_over_av_sigmaI_2                 ? 
_reflns.pdbx_res_netI_over_sigmaI_2                    ? 
_reflns.pdbx_chi_squared                               ? 
_reflns.pdbx_scaling_rejects                           ? 
_reflns.pdbx_d_res_high_opt                            ? 
_reflns.pdbx_d_res_low_opt                             ? 
_reflns.pdbx_d_res_opt_method                          ? 
_reflns.phase_calculation_details                      ? 
_reflns.pdbx_Rrim_I_all                                0.129 
_reflns.pdbx_Rpim_I_all                                ? 
_reflns.pdbx_d_opt                                     ? 
_reflns.pdbx_number_measured_all                       ? 
_reflns.pdbx_diffrn_id                                 1 
_reflns.pdbx_ordinal                                   1 
_reflns.pdbx_CC_half                                   0.997 
_reflns.pdbx_CC_star                                   ? 
_reflns.pdbx_R_split                                   ? 
_reflns.pdbx_Rmerge_I_obs                              0.12 
_reflns.pdbx_Rmerge_I_all                              ? 
_reflns.pdbx_Rsym_value                                ? 
_reflns.pdbx_CC_split_method                           ? 
_reflns.pdbx_aniso_diffraction_limit_axis_1_ortho[1]   ? 
_reflns.pdbx_aniso_diffraction_limit_axis_1_ortho[2]   ? 
_reflns.pdbx_aniso_diffraction_limit_axis_1_ortho[3]   ? 
_reflns.pdbx_aniso_diffraction_limit_axis_2_ortho[1]   ? 
_reflns.pdbx_aniso_diffraction_limit_axis_2_ortho[2]   ? 
_reflns.pdbx_aniso_diffraction_limit_axis_2_ortho[3]   ? 
_reflns.pdbx_aniso_diffraction_limit_axis_3_ortho[1]   ? 
_reflns.pdbx_aniso_diffraction_limit_axis_3_ortho[2]   ? 
_reflns.pdbx_aniso_diffraction_limit_axis_3_ortho[3]   ? 
_reflns.pdbx_aniso_diffraction_limit_1                 ? 
_reflns.pdbx_aniso_diffraction_limit_2                 ? 
_reflns.pdbx_aniso_diffraction_limit_3                 ? 
_reflns.pdbx_aniso_B_tensor_eigenvector_1_ortho[1]     ? 
_reflns.pdbx_aniso_B_tensor_eigenvector_1_ortho[2]     ? 
_reflns.pdbx_aniso_B_tensor_eigenvector_1_ortho[3]     ? 
_reflns.pdbx_aniso_B_tensor_eigenvector_2_ortho[1]     ? 
_reflns.pdbx_aniso_B_tensor_eigenvector_2_ortho[2]     ? 
_reflns.pdbx_aniso_B_tensor_eigenvector_2_ortho[3]     ? 
_reflns.pdbx_aniso_B_tensor_eigenvector_3_ortho[1]     ? 
_reflns.pdbx_aniso_B_tensor_eigenvector_3_ortho[2]     ? 
_reflns.pdbx_aniso_B_tensor_eigenvector_3_ortho[3]     ? 
_reflns.pdbx_aniso_B_tensor_eigenvalue_1               ? 
_reflns.pdbx_aniso_B_tensor_eigenvalue_2               ? 
_reflns.pdbx_aniso_B_tensor_eigenvalue_3               ? 
_reflns.pdbx_orthogonalization_convention              ? 
_reflns.pdbx_percent_possible_ellipsoidal              ? 
_reflns.pdbx_percent_possible_spherical                ? 
_reflns.pdbx_percent_possible_ellipsoidal_anomalous    ? 
_reflns.pdbx_percent_possible_spherical_anomalous      ? 
_reflns.pdbx_redundancy_anomalous                      ? 
_reflns.pdbx_CC_half_anomalous                         ? 
_reflns.pdbx_absDiff_over_sigma_anomalous              ? 
_reflns.pdbx_percent_possible_anomalous                ? 
_reflns.pdbx_observed_signal_threshold                 ? 
_reflns.pdbx_signal_type                               ? 
_reflns.pdbx_signal_details                            ? 
_reflns.pdbx_signal_software_id                        ? 
# 
loop_
_reflns_shell.d_res_high 
_reflns_shell.d_res_low 
_reflns_shell.meanI_over_sigI_all 
_reflns_shell.meanI_over_sigI_obs 
_reflns_shell.number_measured_all 
_reflns_shell.number_measured_obs 
_reflns_shell.number_possible 
_reflns_shell.number_unique_all 
_reflns_shell.number_unique_obs 
_reflns_shell.percent_possible_obs 
_reflns_shell.Rmerge_F_all 
_reflns_shell.Rmerge_F_obs 
_reflns_shell.meanI_over_sigI_gt 
_reflns_shell.meanI_over_uI_all 
_reflns_shell.meanI_over_uI_gt 
_reflns_shell.number_measured_gt 
_reflns_shell.number_unique_gt 
_reflns_shell.percent_possible_gt 
_reflns_shell.Rmerge_F_gt 
_reflns_shell.Rmerge_I_gt 
_reflns_shell.pdbx_redundancy 
_reflns_shell.pdbx_chi_squared 
_reflns_shell.pdbx_netI_over_sigmaI_all 
_reflns_shell.pdbx_netI_over_sigmaI_obs 
_reflns_shell.pdbx_Rrim_I_all 
_reflns_shell.pdbx_Rpim_I_all 
_reflns_shell.pdbx_rejects 
_reflns_shell.pdbx_ordinal 
_reflns_shell.pdbx_diffrn_id 
_reflns_shell.pdbx_CC_half 
_reflns_shell.pdbx_CC_star 
_reflns_shell.pdbx_R_split 
_reflns_shell.percent_possible_all 
_reflns_shell.Rmerge_I_all 
_reflns_shell.Rmerge_I_obs 
_reflns_shell.pdbx_Rsym_value 
_reflns_shell.pdbx_percent_possible_ellipsoidal 
_reflns_shell.pdbx_percent_possible_spherical 
_reflns_shell.pdbx_percent_possible_ellipsoidal_anomalous 
_reflns_shell.pdbx_percent_possible_spherical_anomalous 
_reflns_shell.pdbx_redundancy_anomalous 
_reflns_shell.pdbx_CC_half_anomalous 
_reflns_shell.pdbx_absDiff_over_sigma_anomalous 
_reflns_shell.pdbx_percent_possible_anomalous 
2.50  2.56  ? ? ? ? ? ? 493 ? ? ? ? ? ? ? ? ? ? ? ? ? ? ? 1.963 ? ? 1  1 0.35  ? ? ? ? 1.835 ? ? ? ? ? ? ? ? ? 
2.56  2.63  ? ? ? ? ? ? 500 ? ? ? ? ? ? ? ? ? ? ? ? ? ? ? 1.858 ? ? 2  1 0.446 ? ? ? ? 1.737 ? ? ? ? ? ? ? ? ? 
2.63  2.71  ? ? ? ? ? ? 504 ? ? ? ? ? ? ? ? ? ? ? ? ? ? ? 1.459 ? ? 3  1 0.587 ? ? ? ? 1.372 ? ? ? ? ? ? ? ? ? 
2.71  2.79  ? ? ? ? ? ? 462 ? ? ? ? ? ? ? ? ? ? ? ? ? ? ? 1.077 ? ? 4  1 0.711 ? ? ? ? 1.012 ? ? ? ? ? ? ? ? ? 
2.79  2.88  ? ? ? ? ? ? 473 ? ? ? ? ? ? ? ? ? ? ? ? ? ? ? 0.855 ? ? 5  1 0.762 ? ? ? ? 0.802 ? ? ? ? ? ? ? ? ? 
2.88  2.98  ? ? ? ? ? ? 452 ? ? ? ? ? ? ? ? ? ? ? ? ? ? ? 0.593 ? ? 6  1 0.898 ? ? ? ? 0.556 ? ? ? ? ? ? ? ? ? 
2.98  3.1   ? ? ? ? ? ? 417 ? ? ? ? ? ? ? ? ? ? ? ? ? ? ? 0.384 ? ? 7  1 0.939 ? ? ? ? 0.36  ? ? ? ? ? ? ? ? ? 
3.10  3.22  ? ? ? ? ? ? 427 ? ? ? ? ? ? ? ? ? ? ? ? ? ? ? 0.286 ? ? 8  1 0.965 ? ? ? ? 0.267 ? ? ? ? ? ? ? ? ? 
3.22  3.37  ? ? ? ? ? ? 400 ? ? ? ? ? ? ? ? ? ? ? ? ? ? ? 0.254 ? ? 9  1 0.98  ? ? ? ? 0.236 ? ? ? ? ? ? ? ? ? 
3.37  3.53  ? ? ? ? ? ? 384 ? ? ? ? ? ? ? ? ? ? ? ? ? ? ? 0.207 ? ? 10 1 0.981 ? ? ? ? 0.191 ? ? ? ? ? ? ? ? ? 
3.53  3.72  ? ? ? ? ? ? 360 ? ? ? ? ? ? ? ? ? ? ? ? ? ? ? 0.197 ? ? 11 1 0.981 ? ? ? ? 0.183 ? ? ? ? ? ? ? ? ? 
3.72  3.95  ? ? ? ? ? ? 340 ? ? ? ? ? ? ? ? ? ? ? ? ? ? ? 0.139 ? ? 12 1 0.99  ? ? ? ? 0.129 ? ? ? ? ? ? ? ? ? 
3.95  4.22  ? ? ? ? ? ? 336 ? ? ? ? ? ? ? ? ? ? ? ? ? ? ? 0.115 ? ? 13 1 0.99  ? ? ? ? 0.107 ? ? ? ? ? ? ? ? ? 
4.22  4.56  ? ? ? ? ? ? 308 ? ? ? ? ? ? ? ? ? ? ? ? ? ? ? 0.1   ? ? 14 1 0.994 ? ? ? ? 0.093 ? ? ? ? ? ? ? ? ? 
4.56  4.99  ? ? ? ? ? ? 295 ? ? ? ? ? ? ? ? ? ? ? ? ? ? ? 0.094 ? ? 15 1 0.995 ? ? ? ? 0.088 ? ? ? ? ? ? ? ? ? 
4.99  5.58  ? ? ? ? ? ? 256 ? ? ? ? ? ? ? ? ? ? ? ? ? ? ? 0.092 ? ? 16 1 0.994 ? ? ? ? 0.086 ? ? ? ? ? ? ? ? ? 
5.58  6.45  ? ? ? ? ? ? 232 ? ? ? ? ? ? ? ? ? ? ? ? ? ? ? 0.097 ? ? 17 1 0.991 ? ? ? ? 0.09  ? ? ? ? ? ? ? ? ? 
6.45  7.9   ? ? ? ? ? ? 207 ? ? ? ? ? ? ? ? ? ? ? ? ? ? ? 0.086 ? ? 18 1 0.991 ? ? ? ? 0.079 ? ? ? ? ? ? ? ? ? 
7.90  11.17 ? ? ? ? ? ? 161 ? ? ? ? ? ? ? ? ? ? ? ? ? ? ? 0.069 ? ? 19 1 0.999 ? ? ? ? 0.063 ? ? ? ? ? ? ? ? ? 
11.17 19.6  ? ? ? ? ? ? 80  ? ? ? ? ? ? ? ? ? ? ? ? ? ? ? 0.064 ? ? 20 1 0.996 ? ? ? ? 0.058 ? ? ? ? ? ? ? ? ? 
# 
_refine.aniso_B[1][1]                            ? 
_refine.aniso_B[1][2]                            ? 
_refine.aniso_B[1][3]                            ? 
_refine.aniso_B[2][2]                            ? 
_refine.aniso_B[2][3]                            ? 
_refine.aniso_B[3][3]                            ? 
_refine.B_iso_max                                ? 
_refine.B_iso_mean                               87.64 
_refine.B_iso_min                                ? 
_refine.correlation_coeff_Fo_to_Fc               ? 
_refine.correlation_coeff_Fo_to_Fc_free          ? 
_refine.details                                  ? 
_refine.diff_density_max                         ? 
_refine.diff_density_max_esd                     ? 
_refine.diff_density_min                         ? 
_refine.diff_density_min_esd                     ? 
_refine.diff_density_rms                         ? 
_refine.diff_density_rms_esd                     ? 
_refine.entry_id                                 9MIL 
_refine.pdbx_refine_id                           'X-RAY DIFFRACTION' 
_refine.ls_abs_structure_details                 ? 
_refine.ls_abs_structure_Flack                   ? 
_refine.ls_abs_structure_Flack_esd               ? 
_refine.ls_abs_structure_Rogers                  ? 
_refine.ls_abs_structure_Rogers_esd              ? 
_refine.ls_d_res_high                            2.50 
_refine.ls_d_res_low                             19.60 
_refine.ls_extinction_coef                       ? 
_refine.ls_extinction_coef_esd                   ? 
_refine.ls_extinction_expression                 ? 
_refine.ls_extinction_method                     ? 
_refine.ls_goodness_of_fit_all                   ? 
_refine.ls_goodness_of_fit_all_esd               ? 
_refine.ls_goodness_of_fit_obs                   ? 
_refine.ls_goodness_of_fit_obs_esd               ? 
_refine.ls_hydrogen_treatment                    ? 
_refine.ls_matrix_type                           ? 
_refine.ls_number_constraints                    ? 
_refine.ls_number_parameters                     ? 
_refine.ls_number_reflns_all                     ? 
_refine.ls_number_reflns_obs                     7085 
_refine.ls_number_reflns_R_free                  709 
_refine.ls_number_reflns_R_work                  6376 
_refine.ls_number_restraints                     ? 
_refine.ls_percent_reflns_obs                    99.76 
_refine.ls_percent_reflns_R_free                 10.01 
_refine.ls_R_factor_all                          ? 
_refine.ls_R_factor_obs                          0.2231 
_refine.ls_R_factor_R_free                       0.2628 
_refine.ls_R_factor_R_free_error                 ? 
_refine.ls_R_factor_R_free_error_details         ? 
_refine.ls_R_factor_R_work                       0.2187 
_refine.ls_R_Fsqd_factor_obs                     ? 
_refine.ls_R_I_factor_obs                        ? 
_refine.ls_redundancy_reflns_all                 ? 
_refine.ls_redundancy_reflns_obs                 ? 
_refine.ls_restrained_S_all                      ? 
_refine.ls_restrained_S_obs                      ? 
_refine.ls_shift_over_esd_max                    ? 
_refine.ls_shift_over_esd_mean                   ? 
_refine.ls_structure_factor_coef                 ? 
_refine.ls_weighting_details                     ? 
_refine.ls_weighting_scheme                      ? 
_refine.ls_wR_factor_all                         ? 
_refine.ls_wR_factor_obs                         ? 
_refine.ls_wR_factor_R_free                      ? 
_refine.ls_wR_factor_R_work                      ? 
_refine.occupancy_max                            ? 
_refine.occupancy_min                            ? 
_refine.solvent_model_details                    'FLAT BULK SOLVENT MODEL' 
_refine.solvent_model_param_bsol                 ? 
_refine.solvent_model_param_ksol                 ? 
_refine.pdbx_R_complete                          ? 
_refine.ls_R_factor_gt                           ? 
_refine.ls_goodness_of_fit_gt                    ? 
_refine.ls_goodness_of_fit_ref                   ? 
_refine.ls_shift_over_su_max                     ? 
_refine.ls_shift_over_su_max_lt                  ? 
_refine.ls_shift_over_su_mean                    ? 
_refine.ls_shift_over_su_mean_lt                 ? 
_refine.pdbx_ls_sigma_I                          ? 
_refine.pdbx_ls_sigma_F                          1.34 
_refine.pdbx_ls_sigma_Fsqd                       ? 
_refine.pdbx_data_cutoff_high_absF               ? 
_refine.pdbx_data_cutoff_high_rms_absF           ? 
_refine.pdbx_data_cutoff_low_absF                ? 
_refine.pdbx_isotropic_thermal_model             ? 
_refine.pdbx_ls_cross_valid_method               'FREE R-VALUE' 
_refine.pdbx_method_to_determine_struct          'MOLECULAR REPLACEMENT' 
_refine.pdbx_starting_model                      ? 
_refine.pdbx_stereochemistry_target_values       'GeoStd + Monomer Library + CDL v1.2' 
_refine.pdbx_R_Free_selection_details            ? 
_refine.pdbx_stereochem_target_val_spec_case     ? 
_refine.pdbx_overall_ESU_R                       ? 
_refine.pdbx_overall_ESU_R_Free                  ? 
_refine.pdbx_solvent_vdw_probe_radii             1.1000 
_refine.pdbx_solvent_ion_probe_radii             ? 
_refine.pdbx_solvent_shrinkage_radii             0.9000 
_refine.pdbx_real_space_R                        ? 
_refine.pdbx_density_correlation                 ? 
_refine.pdbx_pd_number_of_powder_patterns        ? 
_refine.pdbx_pd_number_of_points                 ? 
_refine.pdbx_pd_meas_number_of_points            ? 
_refine.pdbx_pd_proc_ls_prof_R_factor            ? 
_refine.pdbx_pd_proc_ls_prof_wR_factor           ? 
_refine.pdbx_pd_Marquardt_correlation_coeff      ? 
_refine.pdbx_pd_Fsqrd_R_factor                   ? 
_refine.pdbx_pd_ls_matrix_band_width             ? 
_refine.pdbx_overall_phase_error                 31.5062 
_refine.pdbx_overall_SU_R_free_Cruickshank_DPI   ? 
_refine.pdbx_overall_SU_R_free_Blow_DPI          ? 
_refine.pdbx_overall_SU_R_Blow_DPI               ? 
_refine.pdbx_TLS_residual_ADP_flag               ? 
_refine.pdbx_diffrn_id                           1 
_refine.overall_SU_B                             ? 
_refine.overall_SU_ML                            0.4045 
_refine.overall_SU_R_Cruickshank_DPI             ? 
_refine.overall_SU_R_free                        ? 
_refine.overall_FOM_free_R_set                   ? 
_refine.overall_FOM_work_R_set                   ? 
_refine.pdbx_average_fsc_overall                 ? 
_refine.pdbx_average_fsc_work                    ? 
_refine.pdbx_average_fsc_free                    ? 
# 
_refine_hist.pdbx_refine_id                   'X-RAY DIFFRACTION' 
_refine_hist.cycle_id                         LAST 
_refine_hist.details                          ? 
_refine_hist.d_res_high                       2.50 
_refine_hist.d_res_low                        19.60 
_refine_hist.number_atoms_solvent             11 
_refine_hist.number_atoms_total               1049 
_refine_hist.number_reflns_all                ? 
_refine_hist.number_reflns_obs                ? 
_refine_hist.number_reflns_R_free             ? 
_refine_hist.number_reflns_R_work             ? 
_refine_hist.R_factor_all                     ? 
_refine_hist.R_factor_obs                     ? 
_refine_hist.R_factor_R_free                  ? 
_refine_hist.R_factor_R_work                  ? 
_refine_hist.pdbx_number_residues_total       ? 
_refine_hist.pdbx_B_iso_mean_ligand           ? 
_refine_hist.pdbx_B_iso_mean_solvent          ? 
_refine_hist.pdbx_number_atoms_protein        980 
_refine_hist.pdbx_number_atoms_nucleic_acid   0 
_refine_hist.pdbx_number_atoms_ligand         58 
_refine_hist.pdbx_number_atoms_lipid          ? 
_refine_hist.pdbx_number_atoms_carb           ? 
_refine_hist.pdbx_pseudo_atom_details         ? 
# 
loop_
_refine_ls_restr.pdbx_refine_id 
_refine_ls_restr.criterion 
_refine_ls_restr.dev_ideal 
_refine_ls_restr.dev_ideal_target 
_refine_ls_restr.number 
_refine_ls_restr.rejects 
_refine_ls_restr.type 
_refine_ls_restr.weight 
_refine_ls_restr.pdbx_restraint_function 
'X-RAY DIFFRACTION' ? 0.0042  ? 1050 ? f_bond_d           ? ? 
'X-RAY DIFFRACTION' ? 0.6817  ? 1397 ? f_angle_d          ? ? 
'X-RAY DIFFRACTION' ? 0.0620  ? 160  ? f_chiral_restr     ? ? 
'X-RAY DIFFRACTION' ? 0.0044  ? 140  ? f_plane_restr      ? ? 
'X-RAY DIFFRACTION' ? 13.7031 ? 404  ? f_dihedral_angle_d ? ? 
# 
loop_
_refine_ls_restr_ncs.pdbx_ordinal 
_refine_ls_restr_ncs.pdbx_refine_id 
_refine_ls_restr_ncs.dom_id 
_refine_ls_restr_ncs.pdbx_ens_id 
_refine_ls_restr_ncs.rms_dev_position 
_refine_ls_restr_ncs.weight_position 
_refine_ls_restr_ncs.rms_dev_B_iso 
_refine_ls_restr_ncs.weight_B_iso 
_refine_ls_restr_ncs.pdbx_type 
_refine_ls_restr_ncs.pdbx_asym_id 
_refine_ls_restr_ncs.pdbx_auth_asym_id 
_refine_ls_restr_ncs.pdbx_number 
_refine_ls_restr_ncs.pdbx_rms 
_refine_ls_restr_ncs.pdbx_weight 
_refine_ls_restr_ncs.ncs_model_details 
1 'X-RAY DIFFRACTION' d_2 ens_1 1.16013385867  ? ? ? 'Torsion NCS' A A ? ? ? ? 
2 'X-RAY DIFFRACTION' d_3 ens_1 0.904171500083 ? ? ? 'Torsion NCS' A A ? ? ? ? 
3 'X-RAY DIFFRACTION' d_4 ens_1 1.21670148224  ? ? ? 'Torsion NCS' A A ? ? ? ? 
4 'X-RAY DIFFRACTION' d_5 ens_1 1.54422206447  ? ? ? 'Torsion NCS' A A ? ? ? ? 
5 'X-RAY DIFFRACTION' d_2 ens_2 1.04831399398  ? ? ? 'Torsion NCS' B B ? ? ? ? 
6 'X-RAY DIFFRACTION' d_3 ens_2 1.20386726995  ? ? ? 'Torsion NCS' B B ? ? ? ? 
7 'X-RAY DIFFRACTION' d_4 ens_2 1.38598078665  ? ? ? 'Torsion NCS' B B ? ? ? ? 
8 'X-RAY DIFFRACTION' d_5 ens_2 1.75080390407  ? ? ? 'Torsion NCS' B B ? ? ? ? 
# 
loop_
_refine_ls_shell.pdbx_refine_id 
_refine_ls_shell.d_res_high 
_refine_ls_shell.d_res_low 
_refine_ls_shell.number_reflns_all 
_refine_ls_shell.number_reflns_obs 
_refine_ls_shell.number_reflns_R_free 
_refine_ls_shell.number_reflns_R_work 
_refine_ls_shell.percent_reflns_obs 
_refine_ls_shell.percent_reflns_R_free 
_refine_ls_shell.R_factor_all 
_refine_ls_shell.R_factor_obs 
_refine_ls_shell.R_factor_R_free_error 
_refine_ls_shell.R_factor_R_work 
_refine_ls_shell.redundancy_reflns_all 
_refine_ls_shell.redundancy_reflns_obs 
_refine_ls_shell.wR_factor_all 
_refine_ls_shell.wR_factor_obs 
_refine_ls_shell.wR_factor_R_free 
_refine_ls_shell.wR_factor_R_work 
_refine_ls_shell.pdbx_R_complete 
_refine_ls_shell.pdbx_total_number_of_bins_used 
_refine_ls_shell.pdbx_phase_error 
_refine_ls_shell.pdbx_fsc_work 
_refine_ls_shell.pdbx_fsc_free 
_refine_ls_shell.R_factor_R_free 
'X-RAY DIFFRACTION' 2.50 2.69  . . 137 1236 99.56  . . . . 0.3498 . . . . . . . . . . . 0.3976 
'X-RAY DIFFRACTION' 2.69 2.96  . . 138 1241 100.00 . . . . 0.3262 . . . . . . . . . . . 0.3959 
'X-RAY DIFFRACTION' 2.96 3.39  . . 142 1274 100.00 . . . . 0.2247 . . . . . . . . . . . 0.2893 
'X-RAY DIFFRACTION' 3.39 4.25  . . 141 1274 99.37  . . . . 0.2084 . . . . . . . . . . . 0.2836 
'X-RAY DIFFRACTION' 4.26 19.60 . . 151 1351 99.87  . . . . 0.1985 . . . . . . . . . . . 0.2192 
# 
loop_
_struct_ncs_oper.id 
_struct_ncs_oper.code 
_struct_ncs_oper.matrix[1][1] 
_struct_ncs_oper.matrix[1][2] 
_struct_ncs_oper.matrix[1][3] 
_struct_ncs_oper.matrix[2][1] 
_struct_ncs_oper.matrix[2][2] 
_struct_ncs_oper.matrix[2][3] 
_struct_ncs_oper.matrix[3][1] 
_struct_ncs_oper.matrix[3][2] 
_struct_ncs_oper.matrix[3][3] 
_struct_ncs_oper.vector[1] 
_struct_ncs_oper.vector[2] 
_struct_ncs_oper.vector[3] 
_struct_ncs_oper.details 
1 given 0.76590241983   0.507384661857 0.394910481266  -0.480419278818 0.859815578054 -0.172958053512 -0.427306447226 -0.057253616894 0.902292205171  -3.3145991529  -3.5577954571 3.42046923990 ? 
2 given 0.00378124715   0.837121650772 0.547003696494  -0.62237650173  0.430120849016 -0.65394460418  -0.782708880914 -0.337969520890 0.52263123777   -6.3921999806  -4.8398203065 8.74674399202 ? 
3 given -0.685639191692 0.684292324008 0.248279910825  -0.275264930365 0.072023683770 -0.958666681953 -0.673890285526 -0.725642201281 0.138979418595  -7.4840403060  -6.7740329654 14.7838590787 ? 
4 given -0.923433972195 0.383555227469 -0.012453372098 0.040663741677  0.065529018043 -0.997021769023 -0.381596854164 -0.921190173241 -0.076108512114 -9.7390735707  -9.9630415373 20.506801000  ? 
5 given 0.709111037966  0.557173970939 0.432109594829  -0.476951234774 0.830393734976 -0.288034311432 -0.519306321435 -0.001846895262 0.854586176752  -3.6180147485  -3.2347653269 3.4613156508  ? 
6 given 0.043654350868  0.856698862179 0.513966299664  -0.613070483911 0.429173385840 -0.663290876345 -0.788821196094 -0.286142035406 0.543952071571  -7.2284714222  -4.7957438928 8.31470183524 ? 
7 given -0.659948913765 0.707394113380 0.253102745098  -0.253574735831 0.107394621012 -0.961335658720 -0.707225059347 -0.698612885461 0.108502311948  -7.6617157291  -7.4915687495 14.7110896029 ? 
8 given -0.896757722796 0.436229716890 -0.074358729875 0.103783783914  0.043976956712 -0.993627170258 -0.43017962853  -0.898760068862 -0.084710246231 -11.0187384838 -11.081318841 20.7691801990 ? 
# 
loop_
_struct_ncs_dom.pdbx_ens_id 
_struct_ncs_dom.id 
_struct_ncs_dom.details 
ens_1 d_1 
;(chain "A" and resid 28 through 36)
;
ens_1 d_2 
;(chain "C" and resid 28 through 36)
;
ens_1 d_3 
;(chain "E" and resid 28 through 36)
;
ens_1 d_4 
;(chain "G" and resid 28 through 36)
;
ens_1 d_5 
;(chain "I" and resid 28 through 36)
;
ens_2 d_1 
;(chain "B" and resid 28 through 36)
;
ens_2 d_2 
;(chain "D" and resid 28 through 36)
;
ens_2 d_3 
;(chain "F" and resid 28 through 36)
;
ens_2 d_4 
;(chain "H" and resid 28 through 36)
;
ens_2 d_5 
;(chain "J" and resid 28 through 36)
;
# 
loop_
_struct_ncs_dom_lim.pdbx_ens_id 
_struct_ncs_dom_lim.dom_id 
_struct_ncs_dom_lim.pdbx_component_id 
_struct_ncs_dom_lim.beg_label_asym_id 
_struct_ncs_dom_lim.beg_label_comp_id 
_struct_ncs_dom_lim.beg_label_seq_id 
_struct_ncs_dom_lim.beg_label_alt_id 
_struct_ncs_dom_lim.end_label_asym_id 
_struct_ncs_dom_lim.end_label_comp_id 
_struct_ncs_dom_lim.end_label_seq_id 
_struct_ncs_dom_lim.end_label_alt_id 
_struct_ncs_dom_lim.beg_auth_asym_id 
_struct_ncs_dom_lim.beg_auth_comp_id 
_struct_ncs_dom_lim.beg_auth_seq_id 
_struct_ncs_dom_lim.end_auth_asym_id 
_struct_ncs_dom_lim.end_auth_comp_id 
_struct_ncs_dom_lim.end_auth_seq_id 
_struct_ncs_dom_lim.pdbx_refine_code 
_struct_ncs_dom_lim.selection_details 
ens_1 d_1 1 A PRO 1 . A LYS 9 . A PRO 28 A LYS 36 ? ? 
ens_1 d_2 1 C PRO 1 . C LYS 9 . C PRO 28 C LYS 36 ? ? 
ens_1 d_3 1 E PRO 1 . E LYS 9 . E PRO 28 E LYS 36 ? ? 
ens_1 d_4 1 G PRO 1 . G LYS 9 . G PRO 28 G LYS 36 ? ? 
ens_1 d_5 1 I PRO 1 . I LYS 9 . I PRO 28 I LYS 36 ? ? 
ens_2 d_1 1 B PRO 1 . B LYS 9 . B PRO 28 B LYS 36 ? ? 
ens_2 d_2 1 D PRO 1 . D LYS 9 . D PRO 28 D LYS 36 ? ? 
ens_2 d_3 1 F PRO 1 . F LYS 9 . F PRO 28 F LYS 36 ? ? 
ens_2 d_4 1 H PRO 1 . H LYS 9 . H PRO 28 H LYS 36 ? ? 
ens_2 d_5 1 J PRO 1 . J LYS 9 . J PRO 28 J LYS 36 ? ? 
# 
loop_
_struct_ncs_ens.id 
_struct_ncs_ens.details 
ens_1 ? 
ens_2 ? 
# 
loop_
_struct_ncs_ens_gen.ens_id 
_struct_ncs_ens_gen.dom_id_1 
_struct_ncs_ens_gen.dom_id_2 
_struct_ncs_ens_gen.oper_id 
ens_1 d_2 d_1 1 
ens_1 d_3 d_1 2 
ens_1 d_4 d_1 3 
ens_1 d_5 d_1 4 
ens_2 d_2 d_1 5 
ens_2 d_3 d_1 6 
ens_2 d_4 d_1 7 
ens_2 d_5 d_1 8 
# 
_struct.entry_id                     9MIL 
_struct.title                        'Superoxide dismutase residues 28-39 with G37R mutation' 
_struct.pdbx_model_details           ? 
_struct.pdbx_formula_weight          ? 
_struct.pdbx_formula_weight_method   ? 
_struct.pdbx_model_type_details      ? 
_struct.pdbx_CASP_flag               N 
# 
_struct_keywords.entry_id        9MIL 
_struct_keywords.text            'Corkescrew, amyloid oligomer, PROTEIN FIBRIL' 
_struct_keywords.pdbx_keywords   'PROTEIN FIBRIL' 
# 
loop_
_struct_asym.id 
_struct_asym.pdbx_blank_PDB_chainid_flag 
_struct_asym.pdbx_modified 
_struct_asym.entity_id 
_struct_asym.details 
A N N 1 ? 
B N N 1 ? 
C N N 1 ? 
D N N 1 ? 
E N N 1 ? 
F N N 1 ? 
G N N 1 ? 
H N N 1 ? 
I N N 1 ? 
J N N 1 ? 
K N N 2 ? 
L N N 3 ? 
M N N 4 ? 
N N N 2 ? 
O N N 2 ? 
P N N 2 ? 
Q N N 2 ? 
R N N 3 ? 
S N N 5 ? 
T N N 5 ? 
U N N 5 ? 
V N N 5 ? 
W N N 5 ? 
X N N 5 ? 
Y N N 5 ? 
# 
_struct_ref.id                         1 
_struct_ref.db_name                    UNP 
_struct_ref.db_code                    SODC_HUMAN 
_struct_ref.pdbx_db_accession          P00441 
_struct_ref.pdbx_db_isoform            ? 
_struct_ref.entity_id                  1 
_struct_ref.pdbx_seq_one_letter_code   PVKVWGSIKGLT 
_struct_ref.pdbx_align_begin           29 
# 
loop_
_struct_ref_seq.align_id 
_struct_ref_seq.ref_id 
_struct_ref_seq.pdbx_PDB_id_code 
_struct_ref_seq.pdbx_strand_id 
_struct_ref_seq.seq_align_beg 
_struct_ref_seq.pdbx_seq_align_beg_ins_code 
_struct_ref_seq.seq_align_end 
_struct_ref_seq.pdbx_seq_align_end_ins_code 
_struct_ref_seq.pdbx_db_accession 
_struct_ref_seq.db_align_beg 
_struct_ref_seq.pdbx_db_align_beg_ins_code 
_struct_ref_seq.db_align_end 
_struct_ref_seq.pdbx_db_align_end_ins_code 
_struct_ref_seq.pdbx_auth_seq_align_beg 
_struct_ref_seq.pdbx_auth_seq_align_end 
1  1 9MIL A 1 ? 12 ? P00441 29 ? 40 ? 28 39 
2  1 9MIL B 1 ? 12 ? P00441 29 ? 40 ? 28 39 
3  1 9MIL C 1 ? 12 ? P00441 29 ? 40 ? 28 39 
4  1 9MIL D 1 ? 12 ? P00441 29 ? 40 ? 28 39 
5  1 9MIL E 1 ? 12 ? P00441 29 ? 40 ? 28 39 
6  1 9MIL F 1 ? 12 ? P00441 29 ? 40 ? 28 39 
7  1 9MIL G 1 ? 12 ? P00441 29 ? 40 ? 28 39 
8  1 9MIL H 1 ? 12 ? P00441 29 ? 40 ? 28 39 
9  1 9MIL I 1 ? 12 ? P00441 29 ? 40 ? 28 39 
10 1 9MIL J 1 ? 12 ? P00441 29 ? 40 ? 28 39 
# 
loop_
_struct_ref_seq_dif.align_id 
_struct_ref_seq_dif.pdbx_pdb_id_code 
_struct_ref_seq_dif.mon_id 
_struct_ref_seq_dif.pdbx_pdb_strand_id 
_struct_ref_seq_dif.seq_num 
_struct_ref_seq_dif.pdbx_pdb_ins_code 
_struct_ref_seq_dif.pdbx_seq_db_name 
_struct_ref_seq_dif.pdbx_seq_db_accession_code 
_struct_ref_seq_dif.db_mon_id 
_struct_ref_seq_dif.pdbx_seq_db_seq_num 
_struct_ref_seq_dif.details 
_struct_ref_seq_dif.pdbx_auth_seq_num 
_struct_ref_seq_dif.pdbx_ordinal 
1  9MIL ARG A 10 ? UNP P00441 GLY 38 variant 37 1  
2  9MIL ARG B 10 ? UNP P00441 GLY 38 variant 37 2  
3  9MIL ARG C 10 ? UNP P00441 GLY 38 variant 37 3  
4  9MIL ARG D 10 ? UNP P00441 GLY 38 variant 37 4  
5  9MIL ARG E 10 ? UNP P00441 GLY 38 variant 37 5  
6  9MIL ARG F 10 ? UNP P00441 GLY 38 variant 37 6  
7  9MIL ARG G 10 ? UNP P00441 GLY 38 variant 37 7  
8  9MIL ARG H 10 ? UNP P00441 GLY 38 variant 37 8  
9  9MIL ARG I 10 ? UNP P00441 GLY 38 variant 37 9  
10 9MIL ARG J 10 ? UNP P00441 GLY 38 variant 37 10 
# 
_pdbx_struct_assembly.id                   1 
_pdbx_struct_assembly.details              author_defined_assembly 
_pdbx_struct_assembly.method_details       ? 
_pdbx_struct_assembly.oligomeric_details   decameric 
_pdbx_struct_assembly.oligomeric_count     10 
# 
_pdbx_struct_assembly_gen.assembly_id       1 
_pdbx_struct_assembly_gen.oper_expression   1 
_pdbx_struct_assembly_gen.asym_id_list      A,B,C,D,E,F,G,H,I,J,K,L,M,N,O,P,Q,R,S,T,U,V,W,X,Y 
# 
_pdbx_struct_assembly_auth_evidence.id                     1 
_pdbx_struct_assembly_auth_evidence.assembly_id            1 
_pdbx_struct_assembly_auth_evidence.experimental_support   none 
_pdbx_struct_assembly_auth_evidence.details                ? 
# 
_pdbx_struct_oper_list.id                   1 
_pdbx_struct_oper_list.type                 'identity operation' 
_pdbx_struct_oper_list.name                 1_555 
_pdbx_struct_oper_list.symmetry_operation   x,y,z 
_pdbx_struct_oper_list.matrix[1][1]         1.0000000000 
_pdbx_struct_oper_list.matrix[1][2]         0.0000000000 
_pdbx_struct_oper_list.matrix[1][3]         0.0000000000 
_pdbx_struct_oper_list.vector[1]            0.0000000000 
_pdbx_struct_oper_list.matrix[2][1]         0.0000000000 
_pdbx_struct_oper_list.matrix[2][2]         1.0000000000 
_pdbx_struct_oper_list.matrix[2][3]         0.0000000000 
_pdbx_struct_oper_list.vector[2]            0.0000000000 
_pdbx_struct_oper_list.matrix[3][1]         0.0000000000 
_pdbx_struct_oper_list.matrix[3][2]         0.0000000000 
_pdbx_struct_oper_list.matrix[3][3]         1.0000000000 
_pdbx_struct_oper_list.vector[3]            0.0000000000 
# 
_struct_sheet.id               AA1 
_struct_sheet.type             ? 
_struct_sheet.number_strands   10 
_struct_sheet.details          ? 
# 
loop_
_struct_sheet_order.sheet_id 
_struct_sheet_order.range_id_1 
_struct_sheet_order.range_id_2 
_struct_sheet_order.offset 
_struct_sheet_order.sense 
AA1 1 2  ? anti-parallel 
AA1 2 3  ? anti-parallel 
AA1 3 4  ? anti-parallel 
AA1 4 5  ? anti-parallel 
AA1 5 6  ? anti-parallel 
AA1 6 7  ? anti-parallel 
AA1 7 8  ? anti-parallel 
AA1 8 9  ? anti-parallel 
AA1 9 10 ? anti-parallel 
# 
loop_
_struct_sheet_range.sheet_id 
_struct_sheet_range.id 
_struct_sheet_range.beg_label_comp_id 
_struct_sheet_range.beg_label_asym_id 
_struct_sheet_range.beg_label_seq_id 
_struct_sheet_range.pdbx_beg_PDB_ins_code 
_struct_sheet_range.end_label_comp_id 
_struct_sheet_range.end_label_asym_id 
_struct_sheet_range.end_label_seq_id 
_struct_sheet_range.pdbx_end_PDB_ins_code 
_struct_sheet_range.beg_auth_comp_id 
_struct_sheet_range.beg_auth_asym_id 
_struct_sheet_range.beg_auth_seq_id 
_struct_sheet_range.end_auth_comp_id 
_struct_sheet_range.end_auth_asym_id 
_struct_sheet_range.end_auth_seq_id 
AA1 1  VAL A 2 ? ILE A 8 ? VAL A 29 ILE A 35 
AA1 2  VAL B 2 ? ILE B 8 ? VAL B 29 ILE B 35 
AA1 3  VAL C 2 ? ILE C 8 ? VAL C 29 ILE C 35 
AA1 4  VAL D 2 ? ILE D 8 ? VAL D 29 ILE D 35 
AA1 5  VAL E 2 ? ILE E 8 ? VAL E 29 ILE E 35 
AA1 6  VAL F 2 ? ILE F 8 ? VAL F 29 ILE F 35 
AA1 7  VAL G 2 ? ILE G 8 ? VAL G 29 ILE G 35 
AA1 8  VAL H 2 ? ILE H 8 ? VAL H 29 ILE H 35 
AA1 9  VAL I 2 ? ILE I 8 ? VAL I 29 ILE I 35 
AA1 10 VAL J 2 ? SER J 7 ? VAL J 29 SER J 34 
# 
loop_
_pdbx_struct_sheet_hbond.sheet_id 
_pdbx_struct_sheet_hbond.range_id_1 
_pdbx_struct_sheet_hbond.range_id_2 
_pdbx_struct_sheet_hbond.range_1_label_atom_id 
_pdbx_struct_sheet_hbond.range_1_label_comp_id 
_pdbx_struct_sheet_hbond.range_1_label_asym_id 
_pdbx_struct_sheet_hbond.range_1_label_seq_id 
_pdbx_struct_sheet_hbond.range_1_PDB_ins_code 
_pdbx_struct_sheet_hbond.range_1_auth_atom_id 
_pdbx_struct_sheet_hbond.range_1_auth_comp_id 
_pdbx_struct_sheet_hbond.range_1_auth_asym_id 
_pdbx_struct_sheet_hbond.range_1_auth_seq_id 
_pdbx_struct_sheet_hbond.range_2_label_atom_id 
_pdbx_struct_sheet_hbond.range_2_label_comp_id 
_pdbx_struct_sheet_hbond.range_2_label_asym_id 
_pdbx_struct_sheet_hbond.range_2_label_seq_id 
_pdbx_struct_sheet_hbond.range_2_PDB_ins_code 
_pdbx_struct_sheet_hbond.range_2_auth_atom_id 
_pdbx_struct_sheet_hbond.range_2_auth_comp_id 
_pdbx_struct_sheet_hbond.range_2_auth_asym_id 
_pdbx_struct_sheet_hbond.range_2_auth_seq_id 
AA1 1 2  N VAL A 4 ? N VAL A 31 O GLY B 6 ? O GLY B 33 
AA1 2 3  N TRP B 5 ? N TRP B 32 O LYS C 3 ? O LYS C 30 
AA1 3 4  N VAL C 4 ? N VAL C 31 O GLY D 6 ? O GLY D 33 
AA1 4 5  N TRP D 5 ? N TRP D 32 O LYS E 3 ? O LYS E 30 
AA1 5 6  N VAL E 4 ? N VAL E 31 O GLY F 6 ? O GLY F 33 
AA1 6 7  N LYS F 3 ? N LYS F 30 O TRP G 5 ? O TRP G 32 
AA1 7 8  N ILE G 8 ? N ILE G 35 O VAL H 2 ? O VAL H 29 
AA1 8 9  N TRP H 5 ? N TRP H 32 O LYS I 3 ? O LYS I 30 
AA1 9 10 N VAL I 4 ? N VAL I 31 O GLY J 6 ? O GLY J 33 
# 
_pdbx_entry_details.entry_id                   9MIL 
_pdbx_entry_details.nonpolymer_details         ? 
_pdbx_entry_details.sequence_details           ? 
_pdbx_entry_details.compound_details           ? 
_pdbx_entry_details.source_details             ? 
_pdbx_entry_details.has_ligand_of_interest     N 
_pdbx_entry_details.has_protein_modification   N 
# 
_pdbx_validate_torsion.id              1 
_pdbx_validate_torsion.PDB_model_num   1 
_pdbx_validate_torsion.auth_comp_id    LEU 
_pdbx_validate_torsion.auth_asym_id    C 
_pdbx_validate_torsion.auth_seq_id     38 
_pdbx_validate_torsion.PDB_ins_code    ? 
_pdbx_validate_torsion.label_alt_id    ? 
_pdbx_validate_torsion.phi             -71.05 
_pdbx_validate_torsion.psi             -71.57 
# 
loop_
_space_group_symop.id 
_space_group_symop.operation_xyz 
1 x,y,z          
2 -y,x-y,z+1/3   
3 -x+y,-x,z+2/3  
4 x-y,-y,-z+2/3  
5 -x,-x+y,-z+1/3 
6 y,x,-z         
# 
loop_
_chem_comp_atom.comp_id 
_chem_comp_atom.atom_id 
_chem_comp_atom.type_symbol 
_chem_comp_atom.pdbx_aromatic_flag 
_chem_comp_atom.pdbx_stereo_config 
_chem_comp_atom.pdbx_ordinal 
ARG N    N N N 1   
ARG CA   C N S 2   
ARG C    C N N 3   
ARG O    O N N 4   
ARG CB   C N N 5   
ARG CG   C N N 6   
ARG CD   C N N 7   
ARG NE   N N N 8   
ARG CZ   C N N 9   
ARG NH1  N N N 10  
ARG NH2  N N N 11  
ARG OXT  O N N 12  
ARG H    H N N 13  
ARG H2   H N N 14  
ARG HA   H N N 15  
ARG HB2  H N N 16  
ARG HB3  H N N 17  
ARG HG2  H N N 18  
ARG HG3  H N N 19  
ARG HD2  H N N 20  
ARG HD3  H N N 21  
ARG HE   H N N 22  
ARG HH11 H N N 23  
ARG HH12 H N N 24  
ARG HH21 H N N 25  
ARG HH22 H N N 26  
ARG HXT  H N N 27  
GLY N    N N N 28  
GLY CA   C N N 29  
GLY C    C N N 30  
GLY O    O N N 31  
GLY OXT  O N N 32  
GLY H    H N N 33  
GLY H2   H N N 34  
GLY HA2  H N N 35  
GLY HA3  H N N 36  
GLY HXT  H N N 37  
HOH O    O N N 38  
HOH H1   H N N 39  
HOH H2   H N N 40  
ILE N    N N N 41  
ILE CA   C N S 42  
ILE C    C N N 43  
ILE O    O N N 44  
ILE CB   C N S 45  
ILE CG1  C N N 46  
ILE CG2  C N N 47  
ILE CD1  C N N 48  
ILE OXT  O N N 49  
ILE H    H N N 50  
ILE H2   H N N 51  
ILE HA   H N N 52  
ILE HB   H N N 53  
ILE HG12 H N N 54  
ILE HG13 H N N 55  
ILE HG21 H N N 56  
ILE HG22 H N N 57  
ILE HG23 H N N 58  
ILE HD11 H N N 59  
ILE HD12 H N N 60  
ILE HD13 H N N 61  
ILE HXT  H N N 62  
LEU N    N N N 63  
LEU CA   C N S 64  
LEU C    C N N 65  
LEU O    O N N 66  
LEU CB   C N N 67  
LEU CG   C N N 68  
LEU CD1  C N N 69  
LEU CD2  C N N 70  
LEU OXT  O N N 71  
LEU H    H N N 72  
LEU H2   H N N 73  
LEU HA   H N N 74  
LEU HB2  H N N 75  
LEU HB3  H N N 76  
LEU HG   H N N 77  
LEU HD11 H N N 78  
LEU HD12 H N N 79  
LEU HD13 H N N 80  
LEU HD21 H N N 81  
LEU HD22 H N N 82  
LEU HD23 H N N 83  
LEU HXT  H N N 84  
LYS N    N N N 85  
LYS CA   C N S 86  
LYS C    C N N 87  
LYS O    O N N 88  
LYS CB   C N N 89  
LYS CG   C N N 90  
LYS CD   C N N 91  
LYS CE   C N N 92  
LYS NZ   N N N 93  
LYS OXT  O N N 94  
LYS H    H N N 95  
LYS H2   H N N 96  
LYS HA   H N N 97  
LYS HB2  H N N 98  
LYS HB3  H N N 99  
LYS HG2  H N N 100 
LYS HG3  H N N 101 
LYS HD2  H N N 102 
LYS HD3  H N N 103 
LYS HE2  H N N 104 
LYS HE3  H N N 105 
LYS HZ1  H N N 106 
LYS HZ2  H N N 107 
LYS HZ3  H N N 108 
LYS HXT  H N N 109 
PEG C1   C N N 110 
PEG O1   O N N 111 
PEG C2   C N N 112 
PEG O2   O N N 113 
PEG C3   C N N 114 
PEG C4   C N N 115 
PEG O4   O N N 116 
PEG H11  H N N 117 
PEG H12  H N N 118 
PEG HO1  H N N 119 
PEG H21  H N N 120 
PEG H22  H N N 121 
PEG H31  H N N 122 
PEG H32  H N N 123 
PEG H41  H N N 124 
PEG H42  H N N 125 
PEG HO4  H N N 126 
PG4 O1   O N N 127 
PG4 C1   C N N 128 
PG4 C2   C N N 129 
PG4 O2   O N N 130 
PG4 C3   C N N 131 
PG4 C4   C N N 132 
PG4 O3   O N N 133 
PG4 C5   C N N 134 
PG4 C6   C N N 135 
PG4 O4   O N N 136 
PG4 C7   C N N 137 
PG4 C8   C N N 138 
PG4 O5   O N N 139 
PG4 HO1  H N N 140 
PG4 H11  H N N 141 
PG4 H12  H N N 142 
PG4 H21  H N N 143 
PG4 H22  H N N 144 
PG4 H31  H N N 145 
PG4 H32  H N N 146 
PG4 H41  H N N 147 
PG4 H42  H N N 148 
PG4 H51  H N N 149 
PG4 H52  H N N 150 
PG4 H61  H N N 151 
PG4 H62  H N N 152 
PG4 H71  H N N 153 
PG4 H72  H N N 154 
PG4 H81  H N N 155 
PG4 H82  H N N 156 
PG4 HO5  H N N 157 
PRO N    N N N 158 
PRO CA   C N S 159 
PRO C    C N N 160 
PRO O    O N N 161 
PRO CB   C N N 162 
PRO CG   C N N 163 
PRO CD   C N N 164 
PRO OXT  O N N 165 
PRO H    H N N 166 
PRO HA   H N N 167 
PRO HB2  H N N 168 
PRO HB3  H N N 169 
PRO HG2  H N N 170 
PRO HG3  H N N 171 
PRO HD2  H N N 172 
PRO HD3  H N N 173 
PRO HXT  H N N 174 
SER N    N N N 175 
SER CA   C N S 176 
SER C    C N N 177 
SER O    O N N 178 
SER CB   C N N 179 
SER OG   O N N 180 
SER OXT  O N N 181 
SER H    H N N 182 
SER H2   H N N 183 
SER HA   H N N 184 
SER HB2  H N N 185 
SER HB3  H N N 186 
SER HG   H N N 187 
SER HXT  H N N 188 
SO4 S    S N N 189 
SO4 O1   O N N 190 
SO4 O2   O N N 191 
SO4 O3   O N N 192 
SO4 O4   O N N 193 
THR N    N N N 194 
THR CA   C N S 195 
THR C    C N N 196 
THR O    O N N 197 
THR CB   C N R 198 
THR OG1  O N N 199 
THR CG2  C N N 200 
THR OXT  O N N 201 
THR H    H N N 202 
THR H2   H N N 203 
THR HA   H N N 204 
THR HB   H N N 205 
THR HG1  H N N 206 
THR HG21 H N N 207 
THR HG22 H N N 208 
THR HG23 H N N 209 
THR HXT  H N N 210 
TRP N    N N N 211 
TRP CA   C N S 212 
TRP C    C N N 213 
TRP O    O N N 214 
TRP CB   C N N 215 
TRP CG   C Y N 216 
TRP CD1  C Y N 217 
TRP CD2  C Y N 218 
TRP NE1  N Y N 219 
TRP CE2  C Y N 220 
TRP CE3  C Y N 221 
TRP CZ2  C Y N 222 
TRP CZ3  C Y N 223 
TRP CH2  C Y N 224 
TRP OXT  O N N 225 
TRP H    H N N 226 
TRP H2   H N N 227 
TRP HA   H N N 228 
TRP HB2  H N N 229 
TRP HB3  H N N 230 
TRP HD1  H N N 231 
TRP HE1  H N N 232 
TRP HE3  H N N 233 
TRP HZ2  H N N 234 
TRP HZ3  H N N 235 
TRP HH2  H N N 236 
TRP HXT  H N N 237 
VAL N    N N N 238 
VAL CA   C N S 239 
VAL C    C N N 240 
VAL O    O N N 241 
VAL CB   C N N 242 
VAL CG1  C N N 243 
VAL CG2  C N N 244 
VAL OXT  O N N 245 
VAL H    H N N 246 
VAL H2   H N N 247 
VAL HA   H N N 248 
VAL HB   H N N 249 
VAL HG11 H N N 250 
VAL HG12 H N N 251 
VAL HG13 H N N 252 
VAL HG21 H N N 253 
VAL HG22 H N N 254 
VAL HG23 H N N 255 
VAL HXT  H N N 256 
# 
loop_
_chem_comp_bond.comp_id 
_chem_comp_bond.atom_id_1 
_chem_comp_bond.atom_id_2 
_chem_comp_bond.value_order 
_chem_comp_bond.pdbx_aromatic_flag 
_chem_comp_bond.pdbx_stereo_config 
_chem_comp_bond.pdbx_ordinal 
ARG N   CA   sing N N 1   
ARG N   H    sing N N 2   
ARG N   H2   sing N N 3   
ARG CA  C    sing N N 4   
ARG CA  CB   sing N N 5   
ARG CA  HA   sing N N 6   
ARG C   O    doub N N 7   
ARG C   OXT  sing N N 8   
ARG CB  CG   sing N N 9   
ARG CB  HB2  sing N N 10  
ARG CB  HB3  sing N N 11  
ARG CG  CD   sing N N 12  
ARG CG  HG2  sing N N 13  
ARG CG  HG3  sing N N 14  
ARG CD  NE   sing N N 15  
ARG CD  HD2  sing N N 16  
ARG CD  HD3  sing N N 17  
ARG NE  CZ   sing N N 18  
ARG NE  HE   sing N N 19  
ARG CZ  NH1  sing N N 20  
ARG CZ  NH2  doub N N 21  
ARG NH1 HH11 sing N N 22  
ARG NH1 HH12 sing N N 23  
ARG NH2 HH21 sing N N 24  
ARG NH2 HH22 sing N N 25  
ARG OXT HXT  sing N N 26  
GLY N   CA   sing N N 27  
GLY N   H    sing N N 28  
GLY N   H2   sing N N 29  
GLY CA  C    sing N N 30  
GLY CA  HA2  sing N N 31  
GLY CA  HA3  sing N N 32  
GLY C   O    doub N N 33  
GLY C   OXT  sing N N 34  
GLY OXT HXT  sing N N 35  
HOH O   H1   sing N N 36  
HOH O   H2   sing N N 37  
ILE N   CA   sing N N 38  
ILE N   H    sing N N 39  
ILE N   H2   sing N N 40  
ILE CA  C    sing N N 41  
ILE CA  CB   sing N N 42  
ILE CA  HA   sing N N 43  
ILE C   O    doub N N 44  
ILE C   OXT  sing N N 45  
ILE CB  CG1  sing N N 46  
ILE CB  CG2  sing N N 47  
ILE CB  HB   sing N N 48  
ILE CG1 CD1  sing N N 49  
ILE CG1 HG12 sing N N 50  
ILE CG1 HG13 sing N N 51  
ILE CG2 HG21 sing N N 52  
ILE CG2 HG22 sing N N 53  
ILE CG2 HG23 sing N N 54  
ILE CD1 HD11 sing N N 55  
ILE CD1 HD12 sing N N 56  
ILE CD1 HD13 sing N N 57  
ILE OXT HXT  sing N N 58  
LEU N   CA   sing N N 59  
LEU N   H    sing N N 60  
LEU N   H2   sing N N 61  
LEU CA  C    sing N N 62  
LEU CA  CB   sing N N 63  
LEU CA  HA   sing N N 64  
LEU C   O    doub N N 65  
LEU C   OXT  sing N N 66  
LEU CB  CG   sing N N 67  
LEU CB  HB2  sing N N 68  
LEU CB  HB3  sing N N 69  
LEU CG  CD1  sing N N 70  
LEU CG  CD2  sing N N 71  
LEU CG  HG   sing N N 72  
LEU CD1 HD11 sing N N 73  
LEU CD1 HD12 sing N N 74  
LEU CD1 HD13 sing N N 75  
LEU CD2 HD21 sing N N 76  
LEU CD2 HD22 sing N N 77  
LEU CD2 HD23 sing N N 78  
LEU OXT HXT  sing N N 79  
LYS N   CA   sing N N 80  
LYS N   H    sing N N 81  
LYS N   H2   sing N N 82  
LYS CA  C    sing N N 83  
LYS CA  CB   sing N N 84  
LYS CA  HA   sing N N 85  
LYS C   O    doub N N 86  
LYS C   OXT  sing N N 87  
LYS CB  CG   sing N N 88  
LYS CB  HB2  sing N N 89  
LYS CB  HB3  sing N N 90  
LYS CG  CD   sing N N 91  
LYS CG  HG2  sing N N 92  
LYS CG  HG3  sing N N 93  
LYS CD  CE   sing N N 94  
LYS CD  HD2  sing N N 95  
LYS CD  HD3  sing N N 96  
LYS CE  NZ   sing N N 97  
LYS CE  HE2  sing N N 98  
LYS CE  HE3  sing N N 99  
LYS NZ  HZ1  sing N N 100 
LYS NZ  HZ2  sing N N 101 
LYS NZ  HZ3  sing N N 102 
LYS OXT HXT  sing N N 103 
PEG C1  O1   sing N N 104 
PEG C1  C2   sing N N 105 
PEG C1  H11  sing N N 106 
PEG C1  H12  sing N N 107 
PEG O1  HO1  sing N N 108 
PEG C2  O2   sing N N 109 
PEG C2  H21  sing N N 110 
PEG C2  H22  sing N N 111 
PEG O2  C3   sing N N 112 
PEG C3  C4   sing N N 113 
PEG C3  H31  sing N N 114 
PEG C3  H32  sing N N 115 
PEG C4  O4   sing N N 116 
PEG C4  H41  sing N N 117 
PEG C4  H42  sing N N 118 
PEG O4  HO4  sing N N 119 
PG4 O1  C1   sing N N 120 
PG4 O1  HO1  sing N N 121 
PG4 C1  C2   sing N N 122 
PG4 C1  H11  sing N N 123 
PG4 C1  H12  sing N N 124 
PG4 C2  O2   sing N N 125 
PG4 C2  H21  sing N N 126 
PG4 C2  H22  sing N N 127 
PG4 O2  C3   sing N N 128 
PG4 C3  C4   sing N N 129 
PG4 C3  H31  sing N N 130 
PG4 C3  H32  sing N N 131 
PG4 C4  O3   sing N N 132 
PG4 C4  H41  sing N N 133 
PG4 C4  H42  sing N N 134 
PG4 O3  C5   sing N N 135 
PG4 C5  C6   sing N N 136 
PG4 C5  H51  sing N N 137 
PG4 C5  H52  sing N N 138 
PG4 C6  O4   sing N N 139 
PG4 C6  H61  sing N N 140 
PG4 C6  H62  sing N N 141 
PG4 O4  C7   sing N N 142 
PG4 C7  C8   sing N N 143 
PG4 C7  H71  sing N N 144 
PG4 C7  H72  sing N N 145 
PG4 C8  O5   sing N N 146 
PG4 C8  H81  sing N N 147 
PG4 C8  H82  sing N N 148 
PG4 O5  HO5  sing N N 149 
PRO N   CA   sing N N 150 
PRO N   CD   sing N N 151 
PRO N   H    sing N N 152 
PRO CA  C    sing N N 153 
PRO CA  CB   sing N N 154 
PRO CA  HA   sing N N 155 
PRO C   O    doub N N 156 
PRO C   OXT  sing N N 157 
PRO CB  CG   sing N N 158 
PRO CB  HB2  sing N N 159 
PRO CB  HB3  sing N N 160 
PRO CG  CD   sing N N 161 
PRO CG  HG2  sing N N 162 
PRO CG  HG3  sing N N 163 
PRO CD  HD2  sing N N 164 
PRO CD  HD3  sing N N 165 
PRO OXT HXT  sing N N 166 
SER N   CA   sing N N 167 
SER N   H    sing N N 168 
SER N   H2   sing N N 169 
SER CA  C    sing N N 170 
SER CA  CB   sing N N 171 
SER CA  HA   sing N N 172 
SER C   O    doub N N 173 
SER C   OXT  sing N N 174 
SER CB  OG   sing N N 175 
SER CB  HB2  sing N N 176 
SER CB  HB3  sing N N 177 
SER OG  HG   sing N N 178 
SER OXT HXT  sing N N 179 
SO4 S   O1   doub N N 180 
SO4 S   O2   doub N N 181 
SO4 S   O3   sing N N 182 
SO4 S   O4   sing N N 183 
THR N   CA   sing N N 184 
THR N   H    sing N N 185 
THR N   H2   sing N N 186 
THR CA  C    sing N N 187 
THR CA  CB   sing N N 188 
THR CA  HA   sing N N 189 
THR C   O    doub N N 190 
THR C   OXT  sing N N 191 
THR CB  OG1  sing N N 192 
THR CB  CG2  sing N N 193 
THR CB  HB   sing N N 194 
THR OG1 HG1  sing N N 195 
THR CG2 HG21 sing N N 196 
THR CG2 HG22 sing N N 197 
THR CG2 HG23 sing N N 198 
THR OXT HXT  sing N N 199 
TRP N   CA   sing N N 200 
TRP N   H    sing N N 201 
TRP N   H2   sing N N 202 
TRP CA  C    sing N N 203 
TRP CA  CB   sing N N 204 
TRP CA  HA   sing N N 205 
TRP C   O    doub N N 206 
TRP C   OXT  sing N N 207 
TRP CB  CG   sing N N 208 
TRP CB  HB2  sing N N 209 
TRP CB  HB3  sing N N 210 
TRP CG  CD1  doub Y N 211 
TRP CG  CD2  sing Y N 212 
TRP CD1 NE1  sing Y N 213 
TRP CD1 HD1  sing N N 214 
TRP CD2 CE2  doub Y N 215 
TRP CD2 CE3  sing Y N 216 
TRP NE1 CE2  sing Y N 217 
TRP NE1 HE1  sing N N 218 
TRP CE2 CZ2  sing Y N 219 
TRP CE3 CZ3  doub Y N 220 
TRP CE3 HE3  sing N N 221 
TRP CZ2 CH2  doub Y N 222 
TRP CZ2 HZ2  sing N N 223 
TRP CZ3 CH2  sing Y N 224 
TRP CZ3 HZ3  sing N N 225 
TRP CH2 HH2  sing N N 226 
TRP OXT HXT  sing N N 227 
VAL N   CA   sing N N 228 
VAL N   H    sing N N 229 
VAL N   H2   sing N N 230 
VAL CA  C    sing N N 231 
VAL CA  CB   sing N N 232 
VAL CA  HA   sing N N 233 
VAL C   O    doub N N 234 
VAL C   OXT  sing N N 235 
VAL CB  CG1  sing N N 236 
VAL CB  CG2  sing N N 237 
VAL CB  HB   sing N N 238 
VAL CG1 HG11 sing N N 239 
VAL CG1 HG12 sing N N 240 
VAL CG1 HG13 sing N N 241 
VAL CG2 HG21 sing N N 242 
VAL CG2 HG22 sing N N 243 
VAL CG2 HG23 sing N N 244 
VAL OXT HXT  sing N N 245 
# 
_pdbx_audit_support.funding_organization   'National Institutes of Health/National Institute on Aging (NIH/NIA)' 
_pdbx_audit_support.country                'United States' 
_pdbx_audit_support.grant_number           1R01AG070895-01A1 
_pdbx_audit_support.ordinal                1 
# 
_pdbx_initial_refinement_model.id               1 
_pdbx_initial_refinement_model.entity_id_list   ? 
_pdbx_initial_refinement_model.type             'experimental model' 
_pdbx_initial_refinement_model.source_name      PDB 
_pdbx_initial_refinement_model.accession_code   5wor 
_pdbx_initial_refinement_model.details          ? 
# 
_space_group.name_H-M_alt     'P 31 2 1' 
_space_group.name_Hall        
;P 31 2"
;
_space_group.IT_number        152 
_space_group.crystal_system   trigonal 
_space_group.id               1 
# 
_atom_sites.entry_id                    9MIL 
_atom_sites.Cartn_transf_matrix[1][1]   ? 
_atom_sites.Cartn_transf_matrix[1][2]   ? 
_atom_sites.Cartn_transf_matrix[1][3]   ? 
_atom_sites.Cartn_transf_matrix[2][1]   ? 
_atom_sites.Cartn_transf_matrix[2][2]   ? 
_atom_sites.Cartn_transf_matrix[2][3]   ? 
_atom_sites.Cartn_transf_matrix[3][1]   ? 
_atom_sites.Cartn_transf_matrix[3][2]   ? 
_atom_sites.Cartn_transf_matrix[3][3]   ? 
_atom_sites.Cartn_transf_vector[1]      ? 
_atom_sites.Cartn_transf_vector[2]      ? 
_atom_sites.Cartn_transf_vector[3]      ? 
_atom_sites.Cartn_transform_axes        ? 
_atom_sites.fract_transf_matrix[1][1]   -0.01690506 
_atom_sites.fract_transf_matrix[1][2]   0.00784663 
_atom_sites.fract_transf_matrix[1][3]   0.00493648 
_atom_sites.fract_transf_matrix[2][1]   -0.01111103 
_atom_sites.fract_transf_matrix[2][2]   -0.00856976 
_atom_sites.fract_transf_matrix[2][3]   0.01322206 
_atom_sites.fract_transf_matrix[3][1]   0.00483912 
_atom_sites.fract_transf_matrix[3][2]   0.00558849 
_atom_sites.fract_transf_matrix[3][3]   0.00768864 
_atom_sites.fract_transf_vector[1]      0.352597 
_atom_sites.fract_transf_vector[2]      -0.232574 
_atom_sites.fract_transf_vector[3]      0.134843 
_atom_sites.solution_primary            ? 
_atom_sites.solution_secondary          ? 
_atom_sites.solution_hydrogens          ? 
_atom_sites.special_details             ? 
# 
loop_
_atom_type.symbol 
_atom_type.scat_dispersion_real 
_atom_type.scat_dispersion_imag 
_atom_type.scat_Cromer_Mann_a1 
_atom_type.scat_Cromer_Mann_a2 
_atom_type.scat_Cromer_Mann_a3 
_atom_type.scat_Cromer_Mann_a4 
_atom_type.scat_Cromer_Mann_b1 
_atom_type.scat_Cromer_Mann_b2 
_atom_type.scat_Cromer_Mann_b3 
_atom_type.scat_Cromer_Mann_b4 
_atom_type.scat_Cromer_Mann_c 
_atom_type.scat_source 
_atom_type.scat_dispersion_source 
C ? ? 3.54356 2.42580 ? ? 25.62398 1.50364  ? ? 0.0 
;2-Gaussian fit: Grosse-Kunstleve RW, Sauter NK, Adams PD: Newsletter of the IUCr Commission on Crystallographic Computing 2004, 3, 22-31.
;
? 
N ? ? 4.01032 2.96436 ? ? 19.97189 1.75589  ? ? 0.0 
;2-Gaussian fit: Grosse-Kunstleve RW, Sauter NK, Adams PD: Newsletter of the IUCr Commission on Crystallographic Computing 2004, 3, 22-31.
;
? 
O ? ? 4.49882 3.47563 ? ? 15.80542 1.70748  ? ? 0.0 
;2-Gaussian fit: Grosse-Kunstleve RW, Sauter NK, Adams PD: Newsletter of the IUCr Commission on Crystallographic Computing 2004, 3, 22-31.
;
? 
S ? ? 9.55732 6.39887 ? ? 1.23737  29.19336 ? ? 0.0 
;2-Gaussian fit: Grosse-Kunstleve RW, Sauter NK, Adams PD: Newsletter of the IUCr Commission on Crystallographic Computing 2004, 3, 22-31.
;
? 
# 
loop_
_atom_site.group_PDB 
_atom_site.id 
_atom_site.type_symbol 
_atom_site.label_atom_id 
_atom_site.label_alt_id 
_atom_site.label_comp_id 
_atom_site.label_asym_id 
_atom_site.label_entity_id 
_atom_site.label_seq_id 
_atom_site.pdbx_PDB_ins_code 
_atom_site.Cartn_x 
_atom_site.Cartn_y 
_atom_site.Cartn_z 
_atom_site.occupancy 
_atom_site.B_iso_or_equiv 
_atom_site.pdbx_formal_charge 
_atom_site.auth_seq_id 
_atom_site.auth_comp_id 
_atom_site.auth_asym_id 
_atom_site.auth_atom_id 
_atom_site.pdbx_PDB_model_num 
ATOM   1    N N   . PRO A 1 1  ? 9.66721   24.43445  -9.26230  1.000 118.99000 ? 28  PRO A N   1 
ATOM   2    C CA  . PRO A 1 1  ? 10.12376  23.16235  -8.69993  1.000 107.73000 ? 28  PRO A CA  1 
ATOM   3    C C   . PRO A 1 1  ? 9.62365   22.96119  -7.27621  1.000 87.02000  ? 28  PRO A C   1 
ATOM   4    O O   . PRO A 1 1  ? 9.69966   23.87829  -6.46190  1.000 101.51000 ? 28  PRO A O   1 
ATOM   5    C CB  . PRO A 1 1  ? 11.65009  23.29543  -8.72797  1.000 113.65000 ? 28  PRO A CB  1 
ATOM   6    C CG  . PRO A 1 1  ? 11.94349  24.37555  -9.76154  1.000 127.93000 ? 28  PRO A CG  1 
ATOM   7    C CD  . PRO A 1 1  ? 10.64163  24.98158  -10.21778 1.000 143.07000 ? 28  PRO A CD  1 
ATOM   8    N N   . VAL A 1 2  ? 9.11873   21.76638  -6.98613  1.000 67.31000  ? 29  VAL A N   1 
ATOM   9    C CA  . VAL A 1 2  ? 8.62876   21.40416  -5.66120  1.000 75.69000  ? 29  VAL A CA  1 
ATOM   10   C C   . VAL A 1 2  ? 9.53573   20.33228  -5.06590  1.000 62.13000  ? 29  VAL A C   1 
ATOM   11   O O   . VAL A 1 2  ? 9.71046   19.25923  -5.65831  1.000 67.54000  ? 29  VAL A O   1 
ATOM   12   C CB  . VAL A 1 2  ? 7.16915   20.93038  -5.71189  1.000 63.83000  ? 29  VAL A CB  1 
ATOM   13   C CG1 . VAL A 1 2  ? 6.73719   20.42058  -4.35366  1.000 67.26000  ? 29  VAL A CG1 1 
ATOM   14   C CG2 . VAL A 1 2  ? 6.26794   22.06735  -6.16391  1.000 83.95000  ? 29  VAL A CG2 1 
ATOM   15   N N   . LYS A 1 3  ? 10.14891  20.64135  -3.92161  1.000 57.63000  ? 30  LYS A N   1 
ATOM   16   C CA  . LYS A 1 3  ? 10.94866  19.66907  -3.18417  1.000 47.44000  ? 30  LYS A CA  1 
ATOM   17   C C   . LYS A 1 3  ? 10.02477  18.72908  -2.41608  1.000 54.38000  ? 30  LYS A C   1 
ATOM   18   O O   . LYS A 1 3  ? 9.00250   19.15537  -1.87167  1.000 59.74000  ? 30  LYS A O   1 
ATOM   19   C CB  . LYS A 1 3  ? 11.88355  20.36866  -2.19883  1.000 52.66000  ? 30  LYS A CB  1 
ATOM   20   C CG  . LYS A 1 3  ? 13.11601  21.01775  -2.79846  1.000 58.83000  ? 30  LYS A CG  1 
ATOM   21   C CD  . LYS A 1 3  ? 13.83368  21.82972  -1.73035  1.000 68.17000  ? 30  LYS A CD  1 
ATOM   22   C CE  . LYS A 1 3  ? 15.16539  22.36900  -2.21276  1.000 92.50000  ? 30  LYS A CE  1 
ATOM   23   N NZ  . LYS A 1 3  ? 15.90130  23.05511  -1.11319  1.000 97.45000  ? 30  LYS A NZ  1 
ATOM   24   N N   . VAL A 1 4  ? 10.38214  17.44502  -2.37496  1.000 55.28000  ? 31  VAL A N   1 
ATOM   25   C CA  . VAL A 1 4  ? 9.57692   16.42778  -1.70449  1.000 60.23000  ? 31  VAL A CA  1 
ATOM   26   C C   . VAL A 1 4  ? 10.47058  15.59010  -0.79798  1.000 49.02000  ? 31  VAL A C   1 
ATOM   27   O O   . VAL A 1 4  ? 11.54457  15.14637  -1.21107  1.000 57.40000  ? 31  VAL A O   1 
ATOM   28   C CB  . VAL A 1 4  ? 8.84879   15.52081  -2.72194  1.000 53.63000  ? 31  VAL A CB  1 
ATOM   29   C CG1 . VAL A 1 4  ? 7.90848   14.57554  -2.01044  1.000 62.88000  ? 31  VAL A CG1 1 
ATOM   30   C CG2 . VAL A 1 4  ? 8.09205   16.35644  -3.74365  1.000 54.01000  ? 31  VAL A CG2 1 
ATOM   31   N N   . TRP A 1 5  ? 10.00528  15.34573  0.42576   1.000 53.13000  ? 32  TRP A N   1 
ATOM   32   C CA  . TRP A 1 5  ? 10.75036  14.54820  1.39382   1.000 48.32000  ? 32  TRP A CA  1 
ATOM   33   C C   . TRP A 1 5  ? 9.79849   14.14779  2.51146   1.000 48.49000  ? 32  TRP A C   1 
ATOM   34   O O   . TRP A 1 5  ? 8.75180   14.77166  2.70845   1.000 56.15000  ? 32  TRP A O   1 
ATOM   35   C CB  . TRP A 1 5  ? 11.96122  15.30945  1.95257   1.000 47.56000  ? 32  TRP A CB  1 
ATOM   36   C CG  . TRP A 1 5  ? 11.62428  16.31083  3.01547   1.000 55.40000  ? 32  TRP A CG  1 
ATOM   37   C CD1 . TRP A 1 5  ? 11.74409  16.14387  4.36403   1.000 49.61000  ? 32  TRP A CD1 1 
ATOM   38   C CD2 . TRP A 1 5  ? 11.09493  17.62744  2.82030   1.000 46.57000  ? 32  TRP A CD2 1 
ATOM   39   N NE1 . TRP A 1 5  ? 11.33141  17.27673  5.01834   1.000 50.37000  ? 32  TRP A NE1 1 
ATOM   40   C CE2 . TRP A 1 5  ? 10.92570  18.20225  4.09324   1.000 51.71000  ? 32  TRP A CE2 1 
ATOM   41   C CE3 . TRP A 1 5  ? 10.74816  18.37480  1.69074   1.000 58.51000  ? 32  TRP A CE3 1 
ATOM   42   C CZ2 . TRP A 1 5  ? 10.42679  19.49266  4.26976   1.000 51.85000  ? 32  TRP A CZ2 1 
ATOM   43   C CZ3 . TRP A 1 5  ? 10.25386  19.65307  1.86763   1.000 54.50000  ? 32  TRP A CZ3 1 
ATOM   44   C CH2 . TRP A 1 5  ? 10.09700  20.19901  3.14683   1.000 43.39000  ? 32  TRP A CH2 1 
ATOM   45   N N   . GLY A 1 6  ? 10.14573  13.06893  3.20055   1.000 52.63000  ? 33  GLY A N   1 
ATOM   46   C CA  . GLY A 1 6  ? 9.39087   12.58539  4.33507   1.000 48.87000  ? 33  GLY A CA  1 
ATOM   47   C C   . GLY A 1 6  ? 9.25426   11.07862  4.27606   1.000 49.59000  ? 33  GLY A C   1 
ATOM   48   O O   . GLY A 1 6  ? 10.00885  10.40147  3.57888   1.000 72.83000  ? 33  GLY A O   1 
ATOM   49   N N   . SER A 1 7  ? 8.27744   10.54110  5.00826   1.000 56.82000  ? 34  SER A N   1 
ATOM   50   C CA  . SER A 1 7  ? 8.08679   9.09596   5.03418   1.000 78.61000  ? 34  SER A CA  1 
ATOM   51   C C   . SER A 1 7  ? 6.62604   8.74560   5.28709   1.000 72.53000  ? 34  SER A C   1 
ATOM   52   O O   . SER A 1 7  ? 5.89550   9.50020   5.93364   1.000 90.87000  ? 34  SER A O   1 
ATOM   53   C CB  . SER A 1 7  ? 8.97651   8.43441   6.09675   1.000 77.78000  ? 34  SER A CB  1 
ATOM   54   O OG  . SER A 1 7  ? 8.58472   8.81408   7.40468   1.000 88.89000  ? 34  SER A OG  1 
ATOM   55   N N   . ILE A 1 8  ? 6.20377   7.59699   4.75355   1.000 71.54000  ? 35  ILE A N   1 
ATOM   56   C CA  . ILE A 1 8  ? 4.86651   7.06036   4.98367   1.000 76.17000  ? 35  ILE A CA  1 
ATOM   57   C C   . ILE A 1 8  ? 5.00145   5.71321   5.68647   1.000 57.92000  ? 35  ILE A C   1 
ATOM   58   O O   . ILE A 1 8  ? 5.90144   4.92529   5.37506   1.000 75.19000  ? 35  ILE A O   1 
ATOM   59   C CB  . ILE A 1 8  ? 4.05931   6.92543   3.67400   1.000 70.09000  ? 35  ILE A CB  1 
ATOM   60   C CG1 . ILE A 1 8  ? 4.76222   5.99911   2.67858   1.000 101.04000 ? 35  ILE A CG1 1 
ATOM   61   C CG2 . ILE A 1 8  ? 3.82569   8.29390   3.05665   1.000 91.72000  ? 35  ILE A CG2 1 
ATOM   62   C CD1 . ILE A 1 8  ? 4.15849   4.60798   2.59506   1.000 131.79000 ? 35  ILE A CD1 1 
ATOM   63   N N   . LYS A 1 9  ? 4.11782   5.46157   6.65165   1.000 70.13000  ? 36  LYS A N   1 
ATOM   64   C CA  . LYS A 1 9  ? 4.10827   4.19707   7.37700   1.000 70.94000  ? 36  LYS A CA  1 
ATOM   65   C C   . LYS A 1 9  ? 3.07159   3.20783   6.85769   1.000 70.26000  ? 36  LYS A C   1 
ATOM   66   O O   . LYS A 1 9  ? 3.17416   2.01295   7.15806   1.000 74.90000  ? 36  LYS A O   1 
ATOM   67   C CB  . LYS A 1 9  ? 3.87091   4.44701   8.87207   1.000 85.02000  ? 36  LYS A CB  1 
ATOM   68   C CG  . LYS A 1 9  ? 4.55475   3.43194   9.77600   1.000 124.76000 ? 36  LYS A CG  1 
ATOM   69   C CD  . LYS A 1 9  ? 4.37756   3.77056   11.24642  1.000 135.51000 ? 36  LYS A CD  1 
ATOM   70   C CE  . LYS A 1 9  ? 5.12079   2.77778   12.12867  1.000 134.94000 ? 36  LYS A CE  1 
ATOM   71   N NZ  . LYS A 1 9  ? 4.84590   3.00231   13.57428  1.000 105.52000 ? 36  LYS A NZ  1 
ATOM   72   N N   . ARG A 1 10 ? 2.08375   3.67169   6.09490   1.000 74.43000  ? 37  ARG A N   1 
ATOM   73   C CA  . ARG A 1 10 ? 0.99787   2.84035   5.59721   1.000 82.77000  ? 37  ARG A CA  1 
ATOM   74   C C   . ARG A 1 10 ? 0.92037   2.98579   4.08506   1.000 89.65000  ? 37  ARG A C   1 
ATOM   75   O O   . ARG A 1 10 ? 1.18040   4.06591   3.54694   1.000 94.51000  ? 37  ARG A O   1 
ATOM   76   C CB  . ARG A 1 10 ? -0.33962  3.23780   6.24445   1.000 79.21000  ? 37  ARG A CB  1 
ATOM   77   C CG  . ARG A 1 10 ? -0.23227  3.50927   7.74276   1.000 127.41000 ? 37  ARG A CG  1 
ATOM   78   C CD  . ARG A 1 10 ? -1.22194  4.56740   8.21664   1.000 137.52000 ? 37  ARG A CD  1 
ATOM   79   N NE  . ARG A 1 10 ? -2.53181  4.00889   8.53142   1.000 164.22000 ? 37  ARG A NE  1 
ATOM   80   C CZ  . ARG A 1 10 ? -2.90133  3.60847   9.74034   1.000 172.77000 ? 37  ARG A CZ  1 
ATOM   81   N NH1 . ARG A 1 10 ? -2.08077  3.68755   10.77423  1.000 163.91000 ? 37  ARG A NH1 1 
ATOM   82   N NH2 . ARG A 1 10 ? -4.12542  3.11768   9.91446   1.000 156.07000 ? 37  ARG A NH2 1 
ATOM   83   N N   . LEU A 1 11 ? 0.56501   1.89954   3.40028   1.000 79.56000  ? 38  LEU A N   1 
ATOM   84   C CA  . LEU A 1 11 ? 0.51973   1.91889   1.94285   1.000 103.27000 ? 38  LEU A CA  1 
ATOM   85   C C   . LEU A 1 11 ? -0.64264  2.75871   1.42727   1.000 116.55000 ? 38  LEU A C   1 
ATOM   86   O O   . LEU A 1 11 ? -0.43117  3.81251   0.81815   1.000 148.85000 ? 38  LEU A O   1 
ATOM   87   C CB  . LEU A 1 11 ? 0.43078   0.49597   1.39059   1.000 131.50000 ? 38  LEU A CB  1 
ATOM   88   C CG  . LEU A 1 11 ? 1.70579   0.02028   0.68972   1.000 173.72000 ? 38  LEU A CG  1 
ATOM   89   C CD1 . LEU A 1 11 ? 1.50155   -1.34198  0.05218   1.000 167.07000 ? 38  LEU A CD1 1 
ATOM   90   C CD2 . LEU A 1 11 ? 2.15234   1.04091   -0.34704  1.000 186.52000 ? 38  LEU A CD2 1 
ATOM   91   N N   . THR A 1 12 ? -1.87094  2.30725   1.66562   1.000 91.61000  ? 39  THR A N   1 
ATOM   92   C CA  . THR A 1 12 ? -3.04440  3.01481   1.16436   1.000 140.47000 ? 39  THR A CA  1 
ATOM   93   C C   . THR A 1 12 ? -3.72208  3.82787   2.26507   1.000 163.62000 ? 39  THR A C   1 
ATOM   94   O O   . THR A 1 12 ? -3.56496  3.54854   3.45404   1.000 159.33000 ? 39  THR A O   1 
ATOM   95   C CB  . THR A 1 12 ? -4.06909  2.04115   0.54711   1.000 107.84000 ? 39  THR A CB  1 
ATOM   96   O OG1 . THR A 1 12 ? -5.12985  2.78476   -0.06793  1.000 99.34000  ? 39  THR A OG1 1 
ATOM   97   C CG2 . THR A 1 12 ? -4.64665  1.11955   1.61378   1.000 101.10000 ? 39  THR A CG2 1 
ATOM   98   O OXT . THR A 1 12 ? -4.44140  4.78884   1.98742   1.000 133.82000 ? 39  THR A OXT 1 
ATOM   99   N N   . PRO B 1 1  ? 9.25888   2.07997   7.55381   1.000 84.18000  ? 28  PRO B N   1 
ATOM   100  C CA  . PRO B 1 1  ? 8.63955   3.19846   6.83237   1.000 93.87000  ? 28  PRO B CA  1 
ATOM   101  C C   . PRO B 1 1  ? 9.19513   3.36692   5.42386   1.000 70.44000  ? 28  PRO B C   1 
ATOM   102  O O   . PRO B 1 1  ? 10.31670  2.94926   5.14639   1.000 67.77000  ? 28  PRO B O   1 
ATOM   103  C CB  . PRO B 1 1  ? 8.98800   4.41571   7.69541   1.000 90.39000  ? 28  PRO B CB  1 
ATOM   104  C CG  . PRO B 1 1  ? 10.19888  4.00675   8.46103   1.000 97.31000  ? 28  PRO B CG  1 
ATOM   105  C CD  . PRO B 1 1  ? 10.04909  2.53695   8.70944   1.000 83.79000  ? 28  PRO B CD  1 
ATOM   106  N N   . VAL B 1 2  ? 8.40172   3.95577   4.53802   1.000 58.27000  ? 29  VAL B N   1 
ATOM   107  C CA  . VAL B 1 2  ? 8.80722   4.22268   3.16490   1.000 62.51000  ? 29  VAL B CA  1 
ATOM   108  C C   . VAL B 1 2  ? 9.25189   5.67607   3.09241   1.000 58.21000  ? 29  VAL B C   1 
ATOM   109  O O   . VAL B 1 2  ? 8.44705   6.58850   3.30200   1.000 61.48000  ? 29  VAL B O   1 
ATOM   110  C CB  . VAL B 1 2  ? 7.66891   3.93672   2.17756   1.000 74.96000  ? 29  VAL B CB  1 
ATOM   111  C CG1 . VAL B 1 2  ? 7.98840   4.52171   0.82021   1.000 79.62000  ? 29  VAL B CG1 1 
ATOM   112  C CG2 . VAL B 1 2  ? 7.42224   2.44138   2.06992   1.000 67.45000  ? 29  VAL B CG2 1 
ATOM   113  N N   . LYS B 1 3  ? 10.53914  5.88992   2.83706   1.000 60.66000  ? 30  LYS B N   1 
ATOM   114  C CA  . LYS B 1 3  ? 11.11406  7.22115   2.71173   1.000 50.00000  ? 30  LYS B CA  1 
ATOM   115  C C   . LYS B 1 3  ? 11.11295  7.70128   1.26198   1.000 52.32000  ? 30  LYS B C   1 
ATOM   116  O O   . LYS B 1 3  ? 11.26116  6.91475   0.32263   1.000 58.99000  ? 30  LYS B O   1 
ATOM   117  C CB  . LYS B 1 3  ? 12.53708  7.24963   3.27421   1.000 48.95000  ? 30  LYS B CB  1 
ATOM   118  C CG  . LYS B 1 3  ? 12.61607  7.08998   4.79297   1.000 64.89000  ? 30  LYS B CG  1 
ATOM   119  C CD  . LYS B 1 3  ? 12.52079  5.64592   5.26720   1.000 76.19000  ? 30  LYS B CD  1 
ATOM   120  C CE  . LYS B 1 3  ? 13.70325  4.81997   4.80981   1.000 94.20000  ? 30  LYS B CE  1 
ATOM   121  N NZ  . LYS B 1 3  ? 13.76247  3.52249   5.53804   1.000 91.90000  ? 30  LYS B NZ  1 
ATOM   122  N N   . VAL B 1 4  ? 10.95185  9.01550   1.09621   1.000 48.82000  ? 31  VAL B N   1 
ATOM   123  C CA  . VAL B 1 4  ? 10.95576  9.68097   -0.20149  1.000 48.70000  ? 31  VAL B CA  1 
ATOM   124  C C   . VAL B 1 4  ? 11.90618  10.86986  -0.12397  1.000 55.02000  ? 31  VAL B C   1 
ATOM   125  O O   . VAL B 1 4  ? 12.10143  11.45995  0.94314   1.000 49.91000  ? 31  VAL B O   1 
ATOM   126  C CB  . VAL B 1 4  ? 9.54254   10.14336  -0.63444  1.000 51.55000  ? 31  VAL B CB  1 
ATOM   127  C CG1 . VAL B 1 4  ? 8.57218   8.97366   -0.62735  1.000 61.66000  ? 31  VAL B CG1 1 
ATOM   128  C CG2 . VAL B 1 4  ? 9.04419   11.26888  0.25808   1.000 60.05000  ? 31  VAL B CG2 1 
ATOM   129  N N   . TRP B 1 5  ? 12.53264  11.19960  -1.25318  1.000 42.80000  ? 32  TRP B N   1 
ATOM   130  C CA  . TRP B 1 5  ? 13.45360  12.32970  -1.28225  1.000 47.17000  ? 32  TRP B CA  1 
ATOM   131  C C   . TRP B 1 5  ? 13.72730  12.73207  -2.72498  1.000 45.06000  ? 32  TRP B C   1 
ATOM   132  O O   . TRP B 1 5  ? 14.03990  11.87953  -3.56167  1.000 52.95000  ? 32  TRP B O   1 
ATOM   133  C CB  . TRP B 1 5  ? 14.75536  11.96513  -0.56169  1.000 45.21000  ? 32  TRP B CB  1 
ATOM   134  C CG  . TRP B 1 5  ? 15.79251  13.04965  -0.49204  1.000 51.23000  ? 32  TRP B CG  1 
ATOM   135  C CD1 . TRP B 1 5  ? 16.73985  13.33992  -1.42967  1.000 66.61000  ? 32  TRP B CD1 1 
ATOM   136  C CD2 . TRP B 1 5  ? 16.00300  13.96690  0.58849   1.000 48.49000  ? 32  TRP B CD2 1 
ATOM   137  N NE1 . TRP B 1 5  ? 17.52087  14.38661  -1.00485  1.000 53.46000  ? 32  TRP B NE1 1 
ATOM   138  C CE2 . TRP B 1 5  ? 17.09055  14.78919  0.23161   1.000 43.25000  ? 32  TRP B CE2 1 
ATOM   139  C CE3 . TRP B 1 5  ? 15.37350  14.17566  1.82066   1.000 40.14000  ? 32  TRP B CE3 1 
ATOM   140  C CZ2 . TRP B 1 5  ? 17.56317  15.80431  1.06215   1.000 43.04000  ? 32  TRP B CZ2 1 
ATOM   141  C CZ3 . TRP B 1 5  ? 15.84375  15.18630  2.64485   1.000 45.90000  ? 32  TRP B CZ3 1 
ATOM   142  C CH2 . TRP B 1 5  ? 16.92761  15.98768  2.26110   1.000 50.71000  ? 32  TRP B CH2 1 
ATOM   143  N N   . GLY B 1 6  ? 13.66629  14.02737  -2.99826  1.000 47.14000  ? 33  GLY B N   1 
ATOM   144  C CA  . GLY B 1 6  ? 13.94602  14.54893  -4.31640  1.000 49.14000  ? 33  GLY B CA  1 
ATOM   145  C C   . GLY B 1 6  ? 13.05165  15.72935  -4.62952  1.000 45.18000  ? 33  GLY B C   1 
ATOM   146  O O   . GLY B 1 6  ? 12.51973  16.38346  -3.73391  1.000 53.74000  ? 33  GLY B O   1 
ATOM   147  N N   . SER B 1 7  ? 12.90923  16.01229  -5.92192  1.000 55.20000  ? 34  SER B N   1 
ATOM   148  C CA  . SER B 1 7  ? 12.11312  17.14448  -6.36309  1.000 66.07000  ? 34  SER B CA  1 
ATOM   149  C C   . SER B 1 7  ? 11.53742  16.85656  -7.73778  1.000 64.92000  ? 34  SER B C   1 
ATOM   150  O O   . SER B 1 7  ? 12.16360  16.18522  -8.55951  1.000 62.63000  ? 34  SER B O   1 
ATOM   151  C CB  . SER B 1 7  ? 12.94705  18.42570  -6.41255  1.000 60.16000  ? 34  SER B CB  1 
ATOM   152  O OG  . SER B 1 7  ? 13.93918  18.33309  -7.41636  1.000 96.11000  ? 34  SER B OG  1 
ATOM   153  N N   . ILE B 1 8  ? 10.31952  17.33195  -7.96463  1.000 61.94000  ? 35  ILE B N   1 
ATOM   154  C CA  . ILE B 1 8  ? 9.72856   17.31538  -9.28417  1.000 73.54000  ? 35  ILE B CA  1 
ATOM   155  C C   . ILE B 1 8  ? 9.87360   18.69935  -9.90280  1.000 79.18000  ? 35  ILE B C   1 
ATOM   156  O O   . ILE B 1 8  ? 10.30860  19.65075  -9.25891  1.000 84.46000  ? 35  ILE B O   1 
ATOM   157  C CB  . ILE B 1 8  ? 8.27435   16.80208  -9.22908  1.000 86.32000  ? 35  ILE B CB  1 
ATOM   158  C CG1 . ILE B 1 8  ? 8.20989   15.68262  -8.18756  1.000 93.23000  ? 35  ILE B CG1 1 
ATOM   159  C CG2 . ILE B 1 8  ? 7.80768   16.32392  -10.57712 1.000 101.87000 ? 35  ILE B CG2 1 
ATOM   160  C CD1 . ILE B 1 8  ? 6.86417   15.37012  -7.68221  1.000 92.35000  ? 35  ILE B CD1 1 
ATOM   161  N N   . LYS B 1 9  ? 9.48646   18.83188  -11.17462 1.000 101.00000 ? 36  LYS B N   1 
ATOM   162  C CA  . LYS B 1 9  ? 9.62382   20.09140  -11.89495 1.000 98.26000  ? 36  LYS B CA  1 
ATOM   163  C C   . LYS B 1 9  ? 8.30448   20.82130  -12.09312 1.000 101.68000 ? 36  LYS B C   1 
ATOM   164  O O   . LYS B 1 9  ? 8.19675   22.00111  -11.73977 1.000 103.03000 ? 36  LYS B O   1 
ATOM   165  C CB  . LYS B 1 9  ? 10.31418  19.86059  -13.25067 1.000 111.61000 ? 36  LYS B CB  1 
ATOM   166  C CG  . LYS B 1 9  ? 9.65288   18.82981  -14.15222 1.000 137.39000 ? 36  LYS B CG  1 
ATOM   167  C CD  . LYS B 1 9  ? 10.27426  18.84278  -15.53768 1.000 139.63000 ? 36  LYS B CD  1 
ATOM   168  C CE  . LYS B 1 9  ? 9.65644   17.78315  -16.43452 1.000 152.71000 ? 36  LYS B CE  1 
ATOM   169  N NZ  . LYS B 1 9  ? 10.49824  17.51880  -17.63368 1.000 167.20000 ? 36  LYS B NZ  1 
ATOM   170  N N   . ARG B 1 10 ? 7.28995   20.16076  -12.64471 1.000 102.07000 ? 37  ARG B N   1 
ATOM   171  C CA  . ARG B 1 10 ? 5.97665   20.76133  -12.81372 1.000 120.46000 ? 37  ARG B CA  1 
ATOM   172  C C   . ARG B 1 10 ? 4.96826   20.03118  -11.93689 1.000 117.98000 ? 37  ARG B C   1 
ATOM   173  O O   . ARG B 1 10 ? 5.01080   18.80313  -11.80907 1.000 130.17000 ? 37  ARG B O   1 
ATOM   174  C CB  . ARG B 1 10 ? 5.53710   20.74718  -14.28443 1.000 144.32000 ? 37  ARG B CB  1 
ATOM   175  C CG  . ARG B 1 10 ? 5.18317   19.38698  -14.85977 1.000 157.76000 ? 37  ARG B CG  1 
ATOM   176  C CD  . ARG B 1 10 ? 4.73425   19.51834  -16.30966 1.000 150.30000 ? 37  ARG B CD  1 
ATOM   177  N NE  . ARG B 1 10 ? 3.81348   18.45808  -16.70324 1.000 169.24000 ? 37  ARG B NE  1 
ATOM   178  C CZ  . ARG B 1 10 ? 4.18353   17.29992  -17.23187 1.000 142.95000 ? 37  ARG B CZ  1 
ATOM   179  N NH1 . ARG B 1 10 ? 5.45770   17.01412  -17.44875 1.000 150.11000 ? 37  ARG B NH1 1 
ATOM   180  N NH2 . ARG B 1 10 ? 3.25209   16.40412  -17.54824 1.000 125.67000 ? 37  ARG B NH2 1 
ATOM   181  N N   . LEU B 1 11 ? 4.07168   20.80018  -11.31700 1.000 121.11000 ? 38  LEU B N   1 
ATOM   182  C CA  . LEU B 1 11 ? 3.15965   20.23914  -10.32687 1.000 133.31000 ? 38  LEU B CA  1 
ATOM   183  C C   . LEU B 1 11 ? 2.02461   19.45633  -10.97732 1.000 141.68000 ? 38  LEU B C   1 
ATOM   184  O O   . LEU B 1 11 ? 1.60794   18.41437  -10.45713 1.000 120.34000 ? 38  LEU B O   1 
ATOM   185  C CB  . LEU B 1 11 ? 2.61117   21.35829  -9.43978  1.000 146.78000 ? 38  LEU B CB  1 
ATOM   186  C CG  . LEU B 1 11 ? 1.58369   21.01692  -8.35908  1.000 155.87000 ? 38  LEU B CG  1 
ATOM   187  C CD1 . LEU B 1 11 ? 1.97476   19.77285  -7.58859  1.000 168.92000 ? 38  LEU B CD1 1 
ATOM   188  C CD2 . LEU B 1 11 ? 1.44177   22.18364  -7.41010  1.000 126.85000 ? 38  LEU B CD2 1 
ATOM   189  N N   . THR B 1 12 ? 1.51259   19.93642  -12.10548 1.000 157.14000 ? 39  THR B N   1 
ATOM   190  C CA  . THR B 1 12 ? 0.42445   19.25498  -12.79809 1.000 166.08000 ? 39  THR B CA  1 
ATOM   191  C C   . THR B 1 12 ? 0.96638   18.33291  -13.88812 1.000 163.14000 ? 39  THR B C   1 
ATOM   192  O O   . THR B 1 12 ? 2.17279   18.28541  -14.13290 1.000 131.68000 ? 39  THR B O   1 
ATOM   193  C CB  . THR B 1 12 ? -0.56781  20.25849  -13.42042 1.000 175.71000 ? 39  THR B CB  1 
ATOM   194  O OG1 . THR B 1 12 ? -1.63153  19.54839  -14.06734 1.000 183.21000 ? 39  THR B OG1 1 
ATOM   195  C CG2 . THR B 1 12 ? 0.13462   21.14864  -14.43461 1.000 157.23000 ? 39  THR B CG2 1 
ATOM   196  O OXT . THR B 1 12 ? 0.21493   17.61219  -14.54490 1.000 130.93000 ? 39  THR B OXT 1 
ATOM   197  N N   . PRO C 1 1  ? 13.06502  14.06367  -10.26633 1.000 96.31000  ? 28  PRO C N   1 
ATOM   198  C CA  . PRO C 1 1  ? 12.80424  12.71177  -9.75771  1.000 81.50000  ? 28  PRO C CA  1 
ATOM   199  C C   . PRO C 1 1  ? 12.82369  12.64724  -8.23315  1.000 66.60000  ? 28  PRO C C   1 
ATOM   200  O O   . PRO C 1 1  ? 13.68828  13.25575  -7.60069  1.000 62.26000  ? 28  PRO C O   1 
ATOM   201  C CB  . PRO C 1 1  ? 13.94836  11.88199  -10.35188 1.000 75.64000  ? 28  PRO C CB  1 
ATOM   202  C CG  . PRO C 1 1  ? 15.02553  12.86775  -10.64070 1.000 100.93000 ? 28  PRO C CG  1 
ATOM   203  C CD  . PRO C 1 1  ? 14.32846  14.13704  -11.01914 1.000 105.74000 ? 28  PRO C CD  1 
ATOM   204  N N   . VAL C 1 2  ? 11.86163  11.93439  -7.65468  1.000 52.59000  ? 29  VAL C N   1 
ATOM   205  C CA  . VAL C 1 2  ? 11.78131  11.72087  -6.21429  1.000 54.45000  ? 29  VAL C CA  1 
ATOM   206  C C   . VAL C 1 2  ? 12.10659  10.25958  -5.95339  1.000 53.29000  ? 29  VAL C C   1 
ATOM   207  O O   . VAL C 1 2  ? 11.35731  9.36554   -6.36488  1.000 53.66000  ? 29  VAL C O   1 
ATOM   208  C CB  . VAL C 1 2  ? 10.39607  12.08681  -5.66114  1.000 55.52000  ? 29  VAL C CB  1 
ATOM   209  C CG1 . VAL C 1 2  ? 10.28743  11.69712  -4.19834  1.000 66.99000  ? 29  VAL C CG1 1 
ATOM   210  C CG2 . VAL C 1 2  ? 10.13067  13.57434  -5.83869  1.000 61.02000  ? 29  VAL C CG2 1 
ATOM   211  N N   . LYS C 1 3  ? 13.20823  10.01462  -5.25348  1.000 50.15000  ? 30  LYS C N   1 
ATOM   212  C CA  . LYS C 1 3  ? 13.60552  8.65331   -4.93578  1.000 61.01000  ? 30  LYS C CA  1 
ATOM   213  C C   . LYS C 1 3  ? 12.75783  8.11848   -3.79294  1.000 63.22000  ? 30  LYS C C   1 
ATOM   214  O O   . LYS C 1 3  ? 12.44423  8.83992   -2.84230  1.000 51.92000  ? 30  LYS C O   1 
ATOM   215  C CB  . LYS C 1 3  ? 15.08743  8.60249   -4.56915  1.000 76.20000  ? 30  LYS C CB  1 
ATOM   216  C CG  . LYS C 1 3  ? 16.01693  8.68993   -5.76845  1.000 103.20000 ? 30  LYS C CG  1 
ATOM   217  C CD  . LYS C 1 3  ? 17.46325  8.82619   -5.33089  1.000 115.83000 ? 30  LYS C CD  1 
ATOM   218  C CE  . LYS C 1 3  ? 18.40965  8.74847   -6.51512  1.000 120.30000 ? 30  LYS C CE  1 
ATOM   219  N NZ  . LYS C 1 3  ? 19.83168  8.76180   -6.07557  1.000 138.51000 ? 30  LYS C NZ  1 
ATOM   220  N N   . VAL C 1 4  ? 12.38145  6.84357   -3.89733  1.000 49.98000  ? 31  VAL C N   1 
ATOM   221  C CA  . VAL C 1 4  ? 11.54301  6.16735   -2.91418  1.000 51.34000  ? 31  VAL C CA  1 
ATOM   222  C C   . VAL C 1 4  ? 12.20113  4.84984   -2.54139  1.000 46.45000  ? 31  VAL C C   1 
ATOM   223  O O   . VAL C 1 4  ? 12.66517  4.11024   -3.41676  1.000 63.69000  ? 31  VAL C O   1 
ATOM   224  C CB  . VAL C 1 4  ? 10.11739  5.91451   -3.44928  1.000 44.99000  ? 31  VAL C CB  1 
ATOM   225  C CG1 . VAL C 1 4  ? 9.18650   5.56239   -2.31335  1.000 48.30000  ? 31  VAL C CG1 1 
ATOM   226  C CG2 . VAL C 1 4  ? 9.60166   7.13364   -4.20363  1.000 61.31000  ? 31  VAL C CG2 1 
ATOM   227  N N   . TRP C 1 5  ? 12.22162  4.54375   -1.24836  1.000 46.95000  ? 32  TRP C N   1 
ATOM   228  C CA  . TRP C 1 5  ? 12.83818  3.31892   -0.76002  1.000 50.21000  ? 32  TRP C CA  1 
ATOM   229  C C   . TRP C 1 5  ? 12.34688  3.06429   0.65540   1.000 48.55000  ? 32  TRP C C   1 
ATOM   230  O O   . TRP C 1 5  ? 11.89086  3.98413   1.33645   1.000 50.06000  ? 32  TRP C O   1 
ATOM   231  C CB  . TRP C 1 5  ? 14.36992  3.41123   -0.79098  1.000 53.73000  ? 32  TRP C CB  1 
ATOM   232  C CG  . TRP C 1 5  ? 14.93164  4.25009   0.32246   1.000 54.47000  ? 32  TRP C CG  1 
ATOM   233  C CD1 . TRP C 1 5  ? 15.44564  3.81019   1.50895   1.000 54.01000  ? 32  TRP C CD1 1 
ATOM   234  C CD2 . TRP C 1 5  ? 15.02672  5.67929   0.35024   1.000 64.06000  ? 32  TRP C CD2 1 
ATOM   235  N NE1 . TRP C 1 5  ? 15.85214  4.87836   2.27457   1.000 65.06000  ? 32  TRP C NE1 1 
ATOM   236  C CE2 . TRP C 1 5  ? 15.60729  6.03630   1.58425   1.000 56.39000  ? 32  TRP C CE2 1 
ATOM   237  C CE3 . TRP C 1 5  ? 14.67379  6.69227   -0.54818  1.000 67.85000  ? 32  TRP C CE3 1 
ATOM   238  C CZ2 . TRP C 1 5  ? 15.84520  7.36366   1.94020   1.000 70.63000  ? 32  TRP C CZ2 1 
ATOM   239  C CZ3 . TRP C 1 5  ? 14.91040  8.00865   -0.19315  1.000 65.34000  ? 32  TRP C CZ3 1 
ATOM   240  C CH2 . TRP C 1 5  ? 15.49105  8.33257   1.03989   1.000 64.90000  ? 32  TRP C CH2 1 
ATOM   241  N N   . GLY C 1 6  ? 12.37220  1.79911   1.05965   1.000 50.01000  ? 33  GLY C N   1 
ATOM   242  C CA  . GLY C 1 6  ? 12.02978  1.41740   2.40992   1.000 47.81000  ? 33  GLY C CA  1 
ATOM   243  C C   . GLY C 1 6  ? 11.10262  0.22041   2.41522   1.000 50.02000  ? 33  GLY C C   1 
ATOM   244  O O   . GLY C 1 6  ? 10.99590  -0.50701  1.42827   1.000 57.62000  ? 33  GLY C O   1 
ATOM   245  N N   . SER C 1 7  ? 10.41858  0.03241   3.54562   1.000 52.97000  ? 34  SER C N   1 
ATOM   246  C CA  . SER C 1 7  ? 9.47659   -1.06795  3.71336   1.000 54.82000  ? 34  SER C CA  1 
ATOM   247  C C   . SER C 1 7  ? 8.37915   -0.66836  4.69349   1.000 55.52000  ? 34  SER C C   1 
ATOM   248  O O   . SER C 1 7  ? 8.60603   0.13334   5.60353   1.000 64.49000  ? 34  SER C O   1 
ATOM   249  C CB  . SER C 1 7  ? 10.18046  -2.34218  4.19930   1.000 68.69000  ? 34  SER C CB  1 
ATOM   250  O OG  . SER C 1 7  ? 10.68646  -2.17616  5.51224   1.000 72.15000  ? 34  SER C OG  1 
ATOM   251  N N   . ILE C 1 8  ? 7.18520   -1.23675  4.49997   1.000 60.95000  ? 35  ILE C N   1 
ATOM   252  C CA  . ILE C 1 8  ? 6.05103   -1.01585  5.39173   1.000 73.09000  ? 35  ILE C CA  1 
ATOM   253  C C   . ILE C 1 8  ? 5.64282   -2.34331  6.01978   1.000 71.19000  ? 35  ILE C C   1 
ATOM   254  O O   . ILE C 1 8  ? 5.70066   -3.39876  5.37993   1.000 60.23000  ? 35  ILE C O   1 
ATOM   255  C CB  . ILE C 1 8  ? 4.84655   -0.34746  4.68737   1.000 70.98000  ? 35  ILE C CB  1 
ATOM   256  C CG1 . ILE C 1 8  ? 4.45498   -1.09389  3.40937   1.000 87.36000  ? 35  ILE C CG1 1 
ATOM   257  C CG2 . ILE C 1 8  ? 5.13555   1.11481   4.40815   1.000 76.47000  ? 35  ILE C CG2 1 
ATOM   258  C CD1 . ILE C 1 8  ? 3.25443   -1.98962  3.58140   1.000 116.13000 ? 35  ILE C CD1 1 
ATOM   259  N N   . LYS C 1 9  ? 5.20482   -2.28040  7.28044   1.000 79.27000  ? 36  LYS C N   1 
ATOM   260  C CA  . LYS C 1 9  ? 4.79565   -3.47134  8.01656   1.000 78.97000  ? 36  LYS C CA  1 
ATOM   261  C C   . LYS C 1 9  ? 3.29914   -3.74490  7.91154   1.000 72.94000  ? 36  LYS C C   1 
ATOM   262  O O   . LYS C 1 9  ? 2.88683   -4.91024  7.94712   1.000 84.36000  ? 36  LYS C O   1 
ATOM   263  C CB  . LYS C 1 9  ? 5.13384   -3.33985  9.50878   1.000 97.74000  ? 36  LYS C CB  1 
ATOM   264  C CG  . LYS C 1 9  ? 6.60629   -3.19276  9.87762   1.000 123.13000 ? 36  LYS C CG  1 
ATOM   265  C CD  . LYS C 1 9  ? 7.04764   -1.73079  9.78018   1.000 151.57000 ? 36  LYS C CD  1 
ATOM   266  C CE  . LYS C 1 9  ? 8.52557   -1.54595  10.08624  1.000 158.46000 ? 36  LYS C CE  1 
ATOM   267  N NZ  . LYS C 1 9  ? 8.86644   -0.10496  10.26843  1.000 155.04000 ? 36  LYS C NZ  1 
ATOM   268  N N   . ARG C 1 10 ? 2.47735   -2.70377  7.80242   1.000 77.82000  ? 37  ARG C N   1 
ATOM   269  C CA  . ARG C 1 10 ? 1.02923   -2.83849  7.71723   1.000 86.50000  ? 37  ARG C CA  1 
ATOM   270  C C   . ARG C 1 10 ? 0.53505   -2.20921  6.42224   1.000 71.17000  ? 37  ARG C C   1 
ATOM   271  O O   . ARG C 1 10 ? 1.07913   -1.19876  5.96684   1.000 84.89000  ? 37  ARG C O   1 
ATOM   272  C CB  . ARG C 1 10 ? 0.34076   -2.18719  8.92566   1.000 84.31000  ? 37  ARG C CB  1 
ATOM   273  C CG  . ARG C 1 10 ? 0.76226   -0.75108  9.18412   1.000 146.40000 ? 37  ARG C CG  1 
ATOM   274  C CD  . ARG C 1 10 ? -0.07265  -0.12194  10.28720  1.000 176.97000 ? 37  ARG C CD  1 
ATOM   275  N NE  . ARG C 1 10 ? 0.18645   1.30675   10.41604  1.000 170.79000 ? 37  ARG C NE  1 
ATOM   276  C CZ  . ARG C 1 10 ? 0.95056   1.85212   11.35184  1.000 138.79000 ? 37  ARG C CZ  1 
ATOM   277  N NH1 . ARG C 1 10 ? 1.53147   1.11787   12.28567  1.000 152.76000 ? 37  ARG C NH1 1 
ATOM   278  N NH2 . ARG C 1 10 ? 1.13385   3.16995   11.35095  1.000 114.28000 ? 37  ARG C NH2 1 
ATOM   279  N N   . LEU C 1 11 ? -0.48956  -2.81923  5.82639   1.000 84.12000  ? 38  LEU C N   1 
ATOM   280  C CA  . LEU C 1 11 ? -1.03478  -2.33208  4.56555   1.000 104.46000 ? 38  LEU C CA  1 
ATOM   281  C C   . LEU C 1 11 ? -1.78657  -1.02368  4.77162   1.000 115.30000 ? 38  LEU C C   1 
ATOM   282  O O   . LEU C 1 11 ? -1.31773  0.04243   4.36196   1.000 132.21000 ? 38  LEU C O   1 
ATOM   283  C CB  . LEU C 1 11 ? -1.95592  -3.37830  3.93725   1.000 111.78000 ? 38  LEU C CB  1 
ATOM   284  C CG  . LEU C 1 11 ? -2.60549  -2.97901  2.60759   1.000 128.56000 ? 38  LEU C CG  1 
ATOM   285  C CD1 . LEU C 1 11 ? -1.54659  -2.70809  1.55138   1.000 129.87000 ? 38  LEU C CD1 1 
ATOM   286  C CD2 . LEU C 1 11 ? -3.57664  -4.04897  2.13622   1.000 120.98000 ? 38  LEU C CD2 1 
ATOM   287  N N   . THR C 1 12 ? -2.95114  -1.09780  5.40725   1.000 98.07000  ? 39  THR C N   1 
ATOM   288  C CA  . THR C 1 12 ? -3.76171  0.08295   5.67512   1.000 129.77000 ? 39  THR C CA  1 
ATOM   289  C C   . THR C 1 12 ? -3.34940  0.72001   6.99736   1.000 148.95000 ? 39  THR C C   1 
ATOM   290  O O   . THR C 1 12 ? -3.35940  1.94123   7.15783   1.000 172.69000 ? 39  THR C O   1 
ATOM   291  C CB  . THR C 1 12 ? -5.26426  -0.26471  5.71238   1.000 135.66000 ? 39  THR C CB  1 
ATOM   292  O OG1 . THR C 1 12 ? -5.66893  -0.76896  4.43306   1.000 102.49000 ? 39  THR C OG1 1 
ATOM   293  C CG2 . THR C 1 12 ? -6.09903  0.96173   6.05660   1.000 142.54000 ? 39  THR C CG2 1 
ATOM   294  O OXT . THR C 1 12 ? -2.98274  0.02028   7.93829   1.000 116.10000 ? 39  THR C OXT 1 
ATOM   295  N N   . PRO D 1 1  ? 7.40751   -8.13314  5.14994   1.000 79.01000  ? 28  PRO D N   1 
ATOM   296  C CA  . PRO D 1 1  ? 7.34602   -6.69871  4.84103   1.000 74.19000  ? 28  PRO D CA  1 
ATOM   297  C C   . PRO D 1 1  ? 7.20648   -6.41466  3.34763   1.000 70.58000  ? 28  PRO D C   1 
ATOM   298  O O   . PRO D 1 1  ? 7.58236   -7.23540  2.51182   1.000 63.63000  ? 28  PRO D O   1 
ATOM   299  C CB  . PRO D 1 1  ? 8.67814   -6.16465  5.37484   1.000 71.02000  ? 28  PRO D CB  1 
ATOM   300  C CG  . PRO D 1 1  ? 9.58439   -7.35589  5.40951   1.000 90.20000  ? 28  PRO D CG  1 
ATOM   301  C CD  . PRO D 1 1  ? 8.70402   -8.52515  5.72727   1.000 74.03000  ? 28  PRO D CD  1 
ATOM   302  N N   . VAL D 1 2  ? 6.63674   -5.26105  3.02309   1.000 71.52000  ? 29  VAL D N   1 
ATOM   303  C CA  . VAL D 1 2  ? 6.44863   -4.82624  1.64490   1.000 72.04000  ? 29  VAL D CA  1 
ATOM   304  C C   . VAL D 1 2  ? 7.57708   -3.86316  1.30283   1.000 66.37000  ? 29  VAL D C   1 
ATOM   305  O O   . VAL D 1 2  ? 7.65231   -2.76237  1.85787   1.000 73.38000  ? 29  VAL D O   1 
ATOM   306  C CB  . VAL D 1 2  ? 5.07637   -4.17137  1.45134   1.000 69.28000  ? 29  VAL D CB  1 
ATOM   307  C CG1 . VAL D 1 2  ? 5.02530   -3.41790  0.13677   1.000 82.38000  ? 29  VAL D CG1 1 
ATOM   308  C CG2 . VAL D 1 2  ? 3.97583   -5.22226  1.51644   1.000 81.48000  ? 29  VAL D CG2 1 
ATOM   309  N N   . LYS D 1 3  ? 8.44838   -4.26392  0.38125   1.000 63.85000  ? 30  LYS D N   1 
ATOM   310  C CA  . LYS D 1 3  ? 9.57544   -3.43557  -0.02016  1.000 64.53000  ? 30  LYS D CA  1 
ATOM   311  C C   . LYS D 1 3  ? 9.17228   -2.52108  -1.17191  1.000 63.47000  ? 30  LYS D C   1 
ATOM   312  O O   . LYS D 1 3  ? 8.32863   -2.87007  -2.00061  1.000 55.80000  ? 30  LYS D O   1 
ATOM   313  C CB  . LYS D 1 3  ? 10.76529  -4.29731  -0.44788  1.000 67.79000  ? 30  LYS D CB  1 
ATOM   314  C CG  . LYS D 1 3  ? 11.39038  -5.15774  0.64836   1.000 96.12000  ? 30  LYS D CG  1 
ATOM   315  C CD  . LYS D 1 3  ? 10.62529  -6.46801  0.81849   1.000 116.97000 ? 30  LYS D CD  1 
ATOM   316  C CE  . LYS D 1 3  ? 11.25357  -7.37537  1.86220   1.000 110.98000 ? 30  LYS D CE  1 
ATOM   317  N NZ  . LYS D 1 3  ? 10.45144  -8.62223  2.02481   1.000 95.68000  ? 30  LYS D NZ  1 
ATOM   318  N N   . VAL D 1 4  ? 9.77161   -1.33061  -1.20612  1.000 54.88000  ? 31  VAL D N   1 
ATOM   319  C CA  . VAL D 1 4  ? 9.53670   -0.37176  -2.27959  1.000 59.39000  ? 31  VAL D CA  1 
ATOM   320  C C   . VAL D 1 4  ? 10.88635  0.12040   -2.78621  1.000 46.50000  ? 31  VAL D C   1 
ATOM   321  O O   . VAL D 1 4  ? 11.84280  0.25971   -2.01758  1.000 57.50000  ? 31  VAL D O   1 
ATOM   322  C CB  . VAL D 1 4  ? 8.66247   0.82263   -1.83036  1.000 55.61000  ? 31  VAL D CB  1 
ATOM   323  C CG1 . VAL D 1 4  ? 7.36344   0.33472   -1.21719  1.000 63.42000  ? 31  VAL D CG1 1 
ATOM   324  C CG2 . VAL D 1 4  ? 9.41718   1.69881   -0.85719  1.000 62.87000  ? 31  VAL D CG2 1 
ATOM   325  N N   . TRP D 1 5  ? 10.96058  0.39119   -4.08961  1.000 48.39000  ? 32  TRP D N   1 
ATOM   326  C CA  . TRP D 1 5  ? 12.20977  0.87192   -4.66619  1.000 44.69000  ? 32  TRP D CA  1 
ATOM   327  C C   . TRP D 1 5  ? 11.94354  1.47227   -6.04063  1.000 47.70000  ? 32  TRP D C   1 
ATOM   328  O O   . TRP D 1 5  ? 11.29043  0.84347   -6.87744  1.000 55.99000  ? 32  TRP D O   1 
ATOM   329  C CB  . TRP D 1 5  ? 13.22945  -0.26636  -4.77747  1.000 65.18000  ? 32  TRP D CB  1 
ATOM   330  C CG  . TRP D 1 5  ? 14.53146  0.17517   -5.33799  1.000 79.16000  ? 32  TRP D CG  1 
ATOM   331  C CD1 . TRP D 1 5  ? 14.87210  0.27055   -6.65660  1.000 67.85000  ? 32  TRP D CD1 1 
ATOM   332  C CD2 . TRP D 1 5  ? 15.67481  0.59880   -4.59401  1.000 67.31000  ? 32  TRP D CD2 1 
ATOM   333  N NE1 . TRP D 1 5  ? 16.16110  0.72755   -6.77765  1.000 69.58000  ? 32  TRP D NE1 1 
ATOM   334  C CE2 . TRP D 1 5  ? 16.67636  0.93652   -5.52534  1.000 62.33000  ? 32  TRP D CE2 1 
ATOM   335  C CE3 . TRP D 1 5  ? 15.95100  0.72342   -3.22981  1.000 69.54000  ? 32  TRP D CE3 1 
ATOM   336  C CZ2 . TRP D 1 5  ? 17.93495  1.39182   -5.13354  1.000 63.44000  ? 32  TRP D CZ2 1 
ATOM   337  C CZ3 . TRP D 1 5  ? 17.19706  1.17464   -2.84242  1.000 85.44000  ? 32  TRP D CZ3 1 
ATOM   338  C CH2 . TRP D 1 5  ? 18.17565  1.50230   -3.79082  1.000 81.16000  ? 32  TRP D CH2 1 
ATOM   339  N N   . GLY D 1 6  ? 12.51561  2.64808   -6.29534  1.000 48.16000  ? 33  GLY D N   1 
ATOM   340  C CA  . GLY D 1 6  ? 12.35527  3.31295   -7.57107  1.000 48.20000  ? 33  GLY D CA  1 
ATOM   341  C C   . GLY D 1 6  ? 12.28142  4.81633   -7.39655  1.000 44.73000  ? 33  GLY D C   1 
ATOM   342  O O   . GLY D 1 6  ? 12.82235  5.37542   -6.44401  1.000 51.55000  ? 33  GLY D O   1 
ATOM   343  N N   . SER D 1 7  ? 11.65667  5.47483   -8.37258  1.000 50.60000  ? 34  SER D N   1 
ATOM   344  C CA  . SER D 1 7  ? 11.49849  6.92148   -8.34652  1.000 49.08000  ? 34  SER D CA  1 
ATOM   345  C C   . SER D 1 7  ? 10.21838  7.28933   -9.08031  1.000 48.30000  ? 34  SER D C   1 
ATOM   346  O O   . SER D 1 7  ? 9.84718   6.62148   -10.04675 1.000 52.34000  ? 34  SER D O   1 
ATOM   347  C CB  . SER D 1 7  ? 12.70145  7.62791   -8.97899  1.000 60.62000  ? 34  SER D CB  1 
ATOM   348  O OG  . SER D 1 7  ? 12.77722  7.35895   -10.36408 1.000 80.56000  ? 34  SER D OG  1 
ATOM   349  N N   . ILE D 1 8  ? 9.51060   8.30573   -8.57595  1.000 48.82000  ? 35  ILE D N   1 
ATOM   350  C CA  . ILE D 1 8  ? 8.33545   8.86210   -9.24370  1.000 55.71000  ? 35  ILE D CA  1 
ATOM   351  C C   . ILE D 1 8  ? 8.69032   10.18370  -9.91161  1.000 57.03000  ? 35  ILE D C   1 
ATOM   352  O O   . ILE D 1 8  ? 9.45030   10.99529  -9.36230  1.000 48.02000  ? 35  ILE D O   1 
ATOM   353  C CB  . ILE D 1 8  ? 7.15265   9.03667   -8.26825  1.000 64.39000  ? 35  ILE D CB  1 
ATOM   354  C CG1 . ILE D 1 8  ? 7.57398   9.83032   -7.02942  1.000 84.00000  ? 35  ILE D CG1 1 
ATOM   355  C CG2 . ILE D 1 8  ? 6.56905   7.68883   -7.88538  1.000 62.90000  ? 35  ILE D CG2 1 
ATOM   356  C CD1 . ILE D 1 8  ? 7.11567   11.27054  -7.04978  1.000 112.72000 ? 35  ILE D CD1 1 
ATOM   357  N N   . LYS D 1 9  ? 8.11855   10.41331  -11.09339 1.000 62.06000  ? 36  LYS D N   1 
ATOM   358  C CA  . LYS D 1 9  ? 8.31382   11.65012  -11.83227 1.000 79.58000  ? 36  LYS D CA  1 
ATOM   359  C C   . LYS D 1 9  ? 7.10167   12.56874  -11.77867 1.000 75.63000  ? 36  LYS D C   1 
ATOM   360  O O   . LYS D 1 9  ? 7.23815   13.76244  -12.05246 1.000 94.52000  ? 36  LYS D O   1 
ATOM   361  C CB  . LYS D 1 9  ? 8.64722   11.35293  -13.30350 1.000 91.00000  ? 36  LYS D CB  1 
ATOM   362  C CG  . LYS D 1 9  ? 9.15437   12.55875  -14.07743 1.000 114.18000 ? 36  LYS D CG  1 
ATOM   363  C CD  . LYS D 1 9  ? 9.07576   12.35909  -15.57942 1.000 142.62000 ? 36  LYS D CD  1 
ATOM   364  C CE  . LYS D 1 9  ? 9.34718   13.66925  -16.30301 1.000 135.42000 ? 36  LYS D CE  1 
ATOM   365  N NZ  . LYS D 1 9  ? 8.81131   13.66880  -17.68976 1.000 140.16000 ? 36  LYS D NZ  1 
ATOM   366  N N   . ARG D 1 10 ? 5.92786   12.04518  -11.43481 1.000 92.25000  ? 37  ARG D N   1 
ATOM   367  C CA  . ARG D 1 10 ? 4.68921   12.80934  -11.41318 1.000 78.64000  ? 37  ARG D CA  1 
ATOM   368  C C   . ARG D 1 10 ? 4.20429   12.97061  -9.97947  1.000 61.03000  ? 37  ARG D C   1 
ATOM   369  O O   . ARG D 1 10 ? 4.20951   12.01068  -9.20179  1.000 69.86000  ? 37  ARG D O   1 
ATOM   370  C CB  . ARG D 1 10 ? 3.60830   12.11503  -12.24804 1.000 93.23000  ? 37  ARG D CB  1 
ATOM   371  C CG  . ARG D 1 10 ? 3.93431   11.98493  -13.72510 1.000 108.11000 ? 37  ARG D CG  1 
ATOM   372  C CD  . ARG D 1 10 ? 3.23468   10.77543  -14.32558 1.000 138.19000 ? 37  ARG D CD  1 
ATOM   373  N NE  . ARG D 1 10 ? 1.85929   10.64760  -13.85671 1.000 169.11000 ? 37  ARG D NE  1 
ATOM   374  C CZ  . ARG D 1 10 ? 0.79868   11.11938  -14.49761 1.000 160.66000 ? 37  ARG D CZ  1 
ATOM   375  N NH1 . ARG D 1 10 ? 0.91573   11.75639  -15.65161 1.000 169.09000 ? 37  ARG D NH1 1 
ATOM   376  N NH2 . ARG D 1 10 ? -0.40886  10.94616  -13.96960 1.000 143.49000 ? 37  ARG D NH2 1 
ATOM   377  N N   . LEU D 1 11 ? 3.77332   14.18459  -9.63063  1.000 74.89000  ? 38  LEU D N   1 
ATOM   378  C CA  . LEU D 1 11 ? 3.23891   14.40499  -8.29059  1.000 77.41000  ? 38  LEU D CA  1 
ATOM   379  C C   . LEU D 1 11 ? 1.78520   13.95876  -8.19161  1.000 90.81000  ? 38  LEU D C   1 
ATOM   380  O O   . LEU D 1 11 ? 1.40388   13.26833  -7.23890  1.000 83.09000  ? 38  LEU D O   1 
ATOM   381  C CB  . LEU D 1 11 ? 3.37266   15.87798  -7.89863  1.000 101.43000 ? 38  LEU D CB  1 
ATOM   382  C CG  . LEU D 1 11 ? 3.76335   16.08975  -6.42984  1.000 110.76000 ? 38  LEU D CG  1 
ATOM   383  C CD1 . LEU D 1 11 ? 4.22524   17.51282  -6.17068  1.000 138.83000 ? 38  LEU D CD1 1 
ATOM   384  C CD2 . LEU D 1 11 ? 2.64898   15.70407  -5.48004  1.000 123.95000 ? 38  LEU D CD2 1 
ATOM   385  N N   . THR D 1 12 ? 0.96332   14.34442  -9.16016  1.000 112.10000 ? 39  THR D N   1 
ATOM   386  C CA  . THR D 1 12 ? -0.46416  14.04881  -9.11503  1.000 123.45000 ? 39  THR D CA  1 
ATOM   387  C C   . THR D 1 12 ? -0.94656  13.38690  -10.40145 1.000 121.91000 ? 39  THR D C   1 
ATOM   388  O O   . THR D 1 12 ? -2.11061  13.51838  -10.78262 1.000 167.32000 ? 39  THR D O   1 
ATOM   389  C CB  . THR D 1 12 ? -1.28874  15.32671  -8.86596  1.000 126.96000 ? 39  THR D CB  1 
ATOM   390  O OG1 . THR D 1 12 ? -0.81395  16.37570  -9.71915  1.000 115.77000 ? 39  THR D OG1 1 
ATOM   391  C CG2 . THR D 1 12 ? -1.17255  15.76501  -7.41540  1.000 109.45000 ? 39  THR D CG2 1 
ATOM   392  O OXT . THR D 1 12 ? -0.18721  12.71071  -11.09400 1.000 108.47000 ? 39  THR D OXT 1 
ATOM   393  N N   . PRO E 1 1  ? 8.88736   4.93782   -12.23911 1.000 91.58000  ? 28  PRO E N   1 
ATOM   394  C CA  . PRO E 1 1  ? 8.17239   3.85628   -11.55928 1.000 77.51000  ? 28  PRO E CA  1 
ATOM   395  C C   . PRO E 1 1  ? 8.81738   3.42840   -10.24617 1.000 72.27000  ? 28  PRO E C   1 
ATOM   396  O O   . PRO E 1 1  ? 10.04463  3.34208   -10.14570 1.000 55.74000  ? 28  PRO E O   1 
ATOM   397  C CB  . PRO E 1 1  ? 8.21947   2.71239   -12.57754 1.000 90.39000  ? 28  PRO E CB  1 
ATOM   398  C CG  . PRO E 1 1  ? 8.47751   3.36924   -13.91516 1.000 111.65000 ? 28  PRO E CG  1 
ATOM   399  C CD  . PRO E 1 1  ? 8.74444   4.83502   -13.70029 1.000 106.89000 ? 28  PRO E CD  1 
ATOM   400  N N   . VAL E 1 2  ? 7.98846   3.19131   -9.23724  1.000 57.97000  ? 29  VAL E N   1 
ATOM   401  C CA  . VAL E 1 2  ? 8.43937   2.67860   -7.95118  1.000 66.08000  ? 29  VAL E CA  1 
ATOM   402  C C   . VAL E 1 2  ? 7.93773   1.24948   -7.84521  1.000 59.52000  ? 29  VAL E C   1 
ATOM   403  O O   . VAL E 1 2  ? 6.72568   1.01517   -7.77908  1.000 59.62000  ? 29  VAL E O   1 
ATOM   404  C CB  . VAL E 1 2  ? 7.92828   3.53191   -6.78065  1.000 54.50000  ? 29  VAL E CB  1 
ATOM   405  C CG1 . VAL E 1 2  ? 8.29511   2.87809   -5.45840  1.000 65.48000  ? 29  VAL E CG1 1 
ATOM   406  C CG2 . VAL E 1 2  ? 8.50073   4.93026   -6.86164  1.000 62.23000  ? 29  VAL E CG2 1 
ATOM   407  N N   . LYS E 1 3  ? 8.86497   0.29678   -7.80015  1.000 53.22000  ? 30  LYS E N   1 
ATOM   408  C CA  . LYS E 1 3  ? 8.49417   -1.10326  -7.69224  1.000 54.25000  ? 30  LYS E CA  1 
ATOM   409  C C   . LYS E 1 3  ? 8.06635   -1.41847  -6.26857  1.000 51.57000  ? 30  LYS E C   1 
ATOM   410  O O   . LYS E 1 3  ? 8.65297   -0.91973  -5.30508  1.000 48.71000  ? 30  LYS E O   1 
ATOM   411  C CB  . LYS E 1 3  ? 9.66748   -1.99812  -8.08824  1.000 50.84000  ? 30  LYS E CB  1 
ATOM   412  C CG  . LYS E 1 3  ? 9.91392   -2.08833  -9.58444  1.000 61.57000  ? 30  LYS E CG  1 
ATOM   413  C CD  . LYS E 1 3  ? 11.19811  -2.84462  -9.87766  1.000 81.76000  ? 30  LYS E CD  1 
ATOM   414  C CE  . LYS E 1 3  ? 11.36962  -3.10429  -11.36584 1.000 81.69000  ? 30  LYS E CE  1 
ATOM   415  N NZ  . LYS E 1 3  ? 10.28251  -3.96779  -11.90873 1.000 115.37000 ? 30  LYS E NZ  1 
ATOM   416  N N   . VAL E 1 4  ? 6.99783   -2.22194  -6.16347  1.000 42.47000  ? 31  VAL E N   1 
ATOM   417  C CA  . VAL E 1 4  ? 6.43749   -2.61979  -4.83910  1.000 51.74000  ? 31  VAL E CA  1 
ATOM   418  C C   . VAL E 1 4  ? 6.21379   -4.13627  -4.86677  1.000 50.53000  ? 31  VAL E C   1 
ATOM   419  O O   . VAL E 1 4  ? 5.57176   -4.61035  -5.82440  1.000 59.80000  ? 31  VAL E O   1 
ATOM   420  C CB  . VAL E 1 4  ? 5.12332   -1.86865  -4.54962  1.000 49.52000  ? 31  VAL E CB  1 
ATOM   421  C CG1 . VAL E 1 4  ? 4.48905   -2.30607  -3.24013  1.000 54.53000  ? 31  VAL E CG1 1 
ATOM   422  C CG2 . VAL E 1 4  ? 5.29903   -0.35797  -4.57771  1.000 55.63000  ? 31  VAL E CG2 1 
ATOM   423  N N   . TRP E 1 5  ? 6.71213   -4.86262  -3.86451  1.000 45.85000  ? 32  TRP E N   1 
ATOM   424  C CA  . TRP E 1 5  ? 6.60236   -6.31415  -3.78497  1.000 48.47000  ? 32  TRP E CA  1 
ATOM   425  C C   . TRP E 1 5  ? 6.82416   -6.74578  -2.34290  1.000 38.90000  ? 32  TRP E C   1 
ATOM   426  O O   . TRP E 1 5  ? 7.48293   -6.04521  -1.57291  1.000 63.24000  ? 32  TRP E O   1 
ATOM   427  C CB  . TRP E 1 5  ? 7.62260   -7.00154  -4.70155  1.000 51.00000  ? 32  TRP E CB  1 
ATOM   428  C CG  . TRP E 1 5  ? 9.02533   -6.99897  -4.13938  1.000 57.30000  ? 32  TRP E CG  1 
ATOM   429  C CD1 . TRP E 1 5  ? 9.65210   -8.01798  -3.47551  1.000 70.00000  ? 32  TRP E CD1 1 
ATOM   430  C CD2 . TRP E 1 5  ? 9.96372   -5.91676  -4.18484  1.000 74.93000  ? 32  TRP E CD2 1 
ATOM   431  N NE1 . TRP E 1 5  ? 10.92364  -7.63732  -3.11391  1.000 78.03000  ? 32  TRP E NE1 1 
ATOM   432  C CE2 . TRP E 1 5  ? 11.13911  -6.35184  -3.53743  1.000 78.83000  ? 32  TRP E CE2 1 
ATOM   433  C CE3 . TRP E 1 5  ? 9.92360   -4.62205  -4.71362  1.000 53.83000  ? 32  TRP E CE3 1 
ATOM   434  C CZ2 . TRP E 1 5  ? 12.26282  -5.53713  -3.40660  1.000 77.25000  ? 32  TRP E CZ2 1 
ATOM   435  C CZ3 . TRP E 1 5  ? 11.04146  -3.81557  -4.58283  1.000 61.76000  ? 32  TRP E CZ3 1 
ATOM   436  C CH2 . TRP E 1 5  ? 12.19405  -4.27599  -3.93456  1.000 55.84000  ? 32  TRP E CH2 1 
ATOM   437  N N   . GLY E 1 6  ? 6.24599   -7.88190  -1.97863  1.000 49.71000  ? 33  GLY E N   1 
ATOM   438  C CA  . GLY E 1 6  ? 6.43492   -8.44547  -0.66135  1.000 43.64000  ? 33  GLY E CA  1 
ATOM   439  C C   . GLY E 1 6  ? 5.11407   -8.90452  -0.09010  1.000 46.04000  ? 33  GLY E C   1 
ATOM   440  O O   . GLY E 1 6  ? 4.13877   -9.09250  -0.81426  1.000 55.40000  ? 33  GLY E O   1 
ATOM   441  N N   . SER E 1 7  ? 5.08302   -9.05365  1.23364   1.000 69.47000  ? 34  SER E N   1 
ATOM   442  C CA  . SER E 1 7  ? 3.87744   -9.48776  1.92229   1.000 57.39000  ? 34  SER E CA  1 
ATOM   443  C C   . SER E 1 7  ? 3.83322   -8.87163  3.31541   1.000 53.26000  ? 34  SER E C   1 
ATOM   444  O O   . SER E 1 7  ? 4.87127   -8.63732  3.94005   1.000 65.75000  ? 34  SER E O   1 
ATOM   445  C CB  . SER E 1 7  ? 3.80858   -11.02042 2.01425   1.000 77.71000  ? 34  SER E CB  1 
ATOM   446  O OG  . SER E 1 7  ? 4.83564   -11.53161 2.84640   1.000 82.30000  ? 34  SER E OG  1 
ATOM   447  N N   . ILE E 1 8  ? 2.61617   -8.61472  3.79340   1.000 59.25000  ? 35  ILE E N   1 
ATOM   448  C CA  . ILE E 1 8  ? 2.37514   -8.07935  5.12772   1.000 59.65000  ? 35  ILE E CA  1 
ATOM   449  C C   . ILE E 1 8  ? 1.55337   -9.09237  5.91096   1.000 62.53000  ? 35  ILE E C   1 
ATOM   450  O O   . ILE E 1 8  ? 0.71303   -9.80159  5.35171   1.000 64.50000  ? 35  ILE E O   1 
ATOM   451  C CB  . ILE E 1 8  ? 1.68832   -6.69233  5.10396   1.000 69.39000  ? 35  ILE E CB  1 
ATOM   452  C CG1 . ILE E 1 8  ? 0.53310   -6.64985  4.09801   1.000 62.68000  ? 35  ILE E CG1 1 
ATOM   453  C CG2 . ILE E 1 8  ? 2.70012   -5.61332  4.78711   1.000 60.38000  ? 35  ILE E CG2 1 
ATOM   454  C CD1 . ILE E 1 8  ? -0.82385  -6.77277  4.71679   1.000 93.44000  ? 35  ILE E CD1 1 
ATOM   455  N N   . LYS E 1 9  ? 1.81204   -9.16281  7.21713   1.000 81.75000  ? 36  LYS E N   1 
ATOM   456  C CA  . LYS E 1 9  ? 1.11292   -10.09985 8.08852   1.000 85.97000  ? 36  LYS E CA  1 
ATOM   457  C C   . LYS E 1 9  ? -0.13048  -9.50078  8.73115   1.000 86.33000  ? 36  LYS E C   1 
ATOM   458  O O   . LYS E 1 9  ? -1.05125  -10.24625 9.08259   1.000 115.91000 ? 36  LYS E O   1 
ATOM   459  C CB  . LYS E 1 9  ? 2.04793   -10.58226 9.20463   1.000 110.75000 ? 36  LYS E CB  1 
ATOM   460  C CG  . LYS E 1 9  ? 3.24676   -11.39458 8.74505   1.000 130.09000 ? 36  LYS E CG  1 
ATOM   461  C CD  . LYS E 1 9  ? 2.84673   -12.66865 8.02930   1.000 129.30000 ? 36  LYS E CD  1 
ATOM   462  C CE  . LYS E 1 9  ? 4.07797   -13.43060 7.56543   1.000 124.20000 ? 36  LYS E CE  1 
ATOM   463  N NZ  . LYS E 1 9  ? 3.75922   -14.38613 6.47266   1.000 113.14000 ? 36  LYS E NZ  1 
ATOM   464  N N   . ARG E 1 10 ? -0.17971  -8.18223  8.89551   1.000 89.70000  ? 37  ARG E N   1 
ATOM   465  C CA  . ARG E 1 10 ? -1.31333  -7.50041  9.50322   1.000 105.95000 ? 37  ARG E CA  1 
ATOM   466  C C   . ARG E 1 10 ? -1.83366  -6.43050  8.55642   1.000 93.97000  ? 37  ARG E C   1 
ATOM   467  O O   . ARG E 1 10 ? -1.05617  -5.76709  7.86371   1.000 81.68000  ? 37  ARG E O   1 
ATOM   468  C CB  . ARG E 1 10 ? -0.93474  -6.87486  10.85090  1.000 125.85000 ? 37  ARG E CB  1 
ATOM   469  C CG  . ARG E 1 10 ? 0.29518   -5.98200  10.80813  1.000 108.56000 ? 37  ARG E CG  1 
ATOM   470  C CD  . ARG E 1 10 ? 0.59969   -5.41499  12.18394  1.000 117.27000 ? 37  ARG E CD  1 
ATOM   471  N NE  . ARG E 1 10 ? 1.90592   -4.76976  12.23290  1.000 136.48000 ? 37  ARG E NE  1 
ATOM   472  C CZ  . ARG E 1 10 ? 3.04051   -5.39890  12.50880  1.000 149.75000 ? 37  ARG E CZ  1 
ATOM   473  N NH1 . ARG E 1 10 ? 3.06544   -6.69475  12.77328  1.000 155.03000 ? 37  ARG E NH1 1 
ATOM   474  N NH2 . ARG E 1 10 ? 4.17831   -4.71040  12.51718  1.000 139.93000 ? 37  ARG E NH2 1 
ATOM   475  N N   . LEU E 1 11 ? -3.15815  -6.26570  8.51697   1.000 77.10000  ? 38  LEU E N   1 
ATOM   476  C CA  . LEU E 1 11 ? -3.77465  -5.26116  7.60885   1.000 80.59000  ? 38  LEU E CA  1 
ATOM   477  C C   . LEU E 1 11 ? -3.55197  -3.86370  8.18700   1.000 77.72000  ? 38  LEU E C   1 
ATOM   478  O O   . LEU E 1 11 ? -2.87883  -3.05426  7.52458   1.000 117.50000 ? 38  LEU E O   1 
ATOM   479  C CB  . LEU E 1 11 ? -5.27328  -5.54901  7.50445   1.000 103.33000 ? 38  LEU E CB  1 
ATOM   480  C CG  . LEU E 1 11 ? -6.02194  -4.75034  6.43932   1.000 119.22000 ? 38  LEU E CG  1 
ATOM   481  C CD1 . LEU E 1 11 ? -5.62467  -5.21751  5.04866   1.000 100.06000 ? 38  LEU E CD1 1 
ATOM   482  C CD2 . LEU E 1 11 ? -7.52443  -4.87440  6.63031   1.000 124.70000 ? 38  LEU E CD2 1 
ATOM   483  N N   . THR E 1 12 ? -4.10092  -3.59958  9.37402   1.000 119.54000 ? 39  THR E N   1 
ATOM   484  C CA  . THR E 1 12 ? -3.99352  -2.27873  9.97915   1.000 139.08000 ? 39  THR E CA  1 
ATOM   485  C C   . THR E 1 12 ? -3.13735  -2.31088  11.24210  1.000 137.07000 ? 39  THR E C   1 
ATOM   486  O O   . THR E 1 12 ? -2.75901  -1.27412  11.79163  1.000 126.17000 ? 39  THR E O   1 
ATOM   487  C CB  . THR E 1 12 ? -5.38180  -1.70674  10.32063  1.000 155.21000 ? 39  THR E CB  1 
ATOM   488  O OG1 . THR E 1 12 ? -5.23317  -0.48391  11.05290  1.000 168.56000 ? 39  THR E OG1 1 
ATOM   489  C CG2 . THR E 1 12 ? -6.17755  -2.70156  11.14919  1.000 176.71000 ? 39  THR E CG2 1 
ATOM   490  O OXT . THR E 1 12 ? -2.80027  -3.38247  11.74363  1.000 108.20000 ? 39  THR E OXT 1 
ATOM   491  N N   . PRO F 1 1  ? -0.96117  -14.77854 4.33385   1.000 88.47000  ? 28  PRO F N   1 
ATOM   492  C CA  . PRO F 1 1  ? -0.34614  -13.46090 4.14738   1.000 79.48000  ? 28  PRO F CA  1 
ATOM   493  C C   . PRO F 1 1  ? -0.95778  -12.70896 2.97172   1.000 63.06000  ? 28  PRO F C   1 
ATOM   494  O O   . PRO F 1 1  ? -1.51944  -13.32512 2.06538   1.000 61.90000  ? 28  PRO F O   1 
ATOM   495  C CB  . PRO F 1 1  ? 1.12546   -13.78844 3.87542   1.000 69.08000  ? 28  PRO F CB  1 
ATOM   496  C CG  . PRO F 1 1  ? 1.11368   -15.18525 3.35827   1.000 78.45000  ? 28  PRO F CG  1 
ATOM   497  C CD  . PRO F 1 1  ? -0.01502  -15.87415 4.06304   1.000 97.11000  ? 28  PRO F CD  1 
ATOM   498  N N   . VAL F 1 2  ? -0.86836  -11.38643 3.00290   1.000 54.12000  ? 29  VAL F N   1 
ATOM   499  C CA  . VAL F 1 2  ? -1.37172  -10.53358 1.93406   1.000 66.54000  ? 29  VAL F CA  1 
ATOM   500  C C   . VAL F 1 2  ? -0.19387  -10.17797 1.03415   1.000 51.33000  ? 29  VAL F C   1 
ATOM   501  O O   . VAL F 1 2  ? 0.76138   -9.53080  1.47185   1.000 50.86000  ? 29  VAL F O   1 
ATOM   502  C CB  . VAL F 1 2  ? -2.05612  -9.27944  2.48674   1.000 61.54000  ? 29  VAL F CB  1 
ATOM   503  C CG1 . VAL F 1 2  ? -2.27560  -8.28013  1.38247   1.000 75.38000  ? 29  VAL F CG1 1 
ATOM   504  C CG2 . VAL F 1 2  ? -3.37767  -9.65197  3.14119   1.000 79.27000  ? 29  VAL F CG2 1 
ATOM   505  N N   . LYS F 1 3  ? -0.24566  -10.63010 -0.21522  1.000 56.73000  ? 30  LYS F N   1 
ATOM   506  C CA  . LYS F 1 3  ? 0.81213   -10.37370 -1.17970  1.000 50.75000  ? 30  LYS F CA  1 
ATOM   507  C C   . LYS F 1 3  ? 0.52735   -9.08783  -1.94897  1.000 54.86000  ? 30  LYS F C   1 
ATOM   508  O O   . LYS F 1 3  ? -0.62740  -8.75010  -2.22510  1.000 65.18000  ? 30  LYS F O   1 
ATOM   509  C CB  . LYS F 1 3  ? 0.93370   -11.53595 -2.16768  1.000 59.20000  ? 30  LYS F CB  1 
ATOM   510  C CG  . LYS F 1 3  ? 1.31196   -12.87952 -1.55264  1.000 66.96000  ? 30  LYS F CG  1 
ATOM   511  C CD  . LYS F 1 3  ? 0.06453   -13.58111 -1.00253  1.000 104.26000 ? 30  LYS F CD  1 
ATOM   512  C CE  . LYS F 1 3  ? 0.36607   -14.94834 -0.41772  1.000 86.47000  ? 30  LYS F CE  1 
ATOM   513  N NZ  . LYS F 1 3  ? -0.86109  -15.57722 0.15280   1.000 77.82000  ? 30  LYS F NZ  1 
ATOM   514  N N   . VAL F 1 4  ? 1.59603   -8.37361  -2.30282  1.000 62.17000  ? 31  VAL F N   1 
ATOM   515  C CA  . VAL F 1 4  ? 1.49992   -7.15235  -3.09394  1.000 50.96000  ? 31  VAL F CA  1 
ATOM   516  C C   . VAL F 1 4  ? 2.50471   -7.23693  -4.23502  1.000 56.01000  ? 31  VAL F C   1 
ATOM   517  O O   . VAL F 1 4  ? 3.58041   -7.83038  -4.09920  1.000 68.84000  ? 31  VAL F O   1 
ATOM   518  C CB  . VAL F 1 4  ? 1.74342   -5.87312  -2.25706  1.000 54.48000  ? 31  VAL F CB  1 
ATOM   519  C CG1 . VAL F 1 4  ? 0.85886   -5.85579  -1.02208  1.000 75.75000  ? 31  VAL F CG1 1 
ATOM   520  C CG2 . VAL F 1 4  ? 3.20014   -5.75526  -1.87371  1.000 74.62000  ? 31  VAL F CG2 1 
ATOM   521  N N   . TRP F 1 5  ? 2.14942   -6.64029  -5.37174  1.000 44.73000  ? 32  TRP F N   1 
ATOM   522  C CA  . TRP F 1 5  ? 3.03941   -6.64785  -6.52291  1.000 43.93000  ? 32  TRP F CA  1 
ATOM   523  C C   . TRP F 1 5  ? 2.59202   -5.58280  -7.51071  1.000 48.30000  ? 32  TRP F C   1 
ATOM   524  O O   . TRP F 1 5  ? 1.39942   -5.46444  -7.80333  1.000 52.68000  ? 32  TRP F O   1 
ATOM   525  C CB  . TRP F 1 5  ? 3.05641   -8.01755  -7.20828  1.000 52.95000  ? 32  TRP F CB  1 
ATOM   526  C CG  . TRP F 1 5  ? 3.98872   -8.09310  -8.38106  1.000 56.00000  ? 32  TRP F CG  1 
ATOM   527  C CD1 . TRP F 1 5  ? 3.72371   -7.72936  -9.67307  1.000 50.73000  ? 32  TRP F CD1 1 
ATOM   528  C CD2 . TRP F 1 5  ? 5.33422   -8.58376  -8.37186  1.000 52.28000  ? 32  TRP F CD2 1 
ATOM   529  N NE1 . TRP F 1 5  ? 4.82599   -7.95510  -10.46355 1.000 59.56000  ? 32  TRP F NE1 1 
ATOM   530  C CE2 . TRP F 1 5  ? 5.82611   -8.48302  -9.68967  1.000 51.96000  ? 32  TRP F CE2 1 
ATOM   531  C CE3 . TRP F 1 5  ? 6.17083   -9.09652  -7.37707  1.000 50.09000  ? 32  TRP F CE3 1 
ATOM   532  C CZ2 . TRP F 1 5  ? 7.11759   -8.87347  -10.03420 1.000 57.50000  ? 32  TRP F CZ2 1 
ATOM   533  C CZ3 . TRP F 1 5  ? 7.45071   -9.48286  -7.72284  1.000 59.43000  ? 32  TRP F CZ3 1 
ATOM   534  C CH2 . TRP F 1 5  ? 7.91257   -9.36880  -9.03976  1.000 78.67000  ? 32  TRP F CH2 1 
ATOM   535  N N   . GLY F 1 6  ? 3.55439   -4.83993  -8.04321  1.000 47.07000  ? 33  GLY F N   1 
ATOM   536  C CA  . GLY F 1 6  ? 3.28391   -3.83251  -9.04219  1.000 46.46000  ? 33  GLY F CA  1 
ATOM   537  C C   . GLY F 1 6  ? 4.20631   -2.64580  -8.88026  1.000 49.77000  ? 33  GLY F C   1 
ATOM   538  O O   . GLY F 1 6  ? 5.27253   -2.74543  -8.27340  1.000 50.50000  ? 33  GLY F O   1 
ATOM   539  N N   . SER F 1 7  ? 3.77346   -1.51471  -9.43829  1.000 55.29000  ? 34  SER F N   1 
ATOM   540  C CA  . SER F 1 7  ? 4.55104   -0.28376  -9.41019  1.000 56.08000  ? 34  SER F CA  1 
ATOM   541  C C   . SER F 1 7  ? 3.60479   0.90477   -9.39275  1.000 54.72000  ? 34  SER F C   1 
ATOM   542  O O   . SER F 1 7  ? 2.52392   0.84888   -9.98001  1.000 55.35000  ? 34  SER F O   1 
ATOM   543  C CB  . SER F 1 7  ? 5.49565   -0.18542  -10.61306 1.000 65.57000  ? 34  SER F CB  1 
ATOM   544  O OG  . SER F 1 7  ? 4.76587   -0.04917  -11.81898 1.000 67.16000  ? 34  SER F OG  1 
ATOM   545  N N   . ILE F 1 8  ? 3.98735   1.94702   -8.66259  1.000 54.74000  ? 35  ILE F N   1 
ATOM   546  C CA  . ILE F 1 8  ? 3.26792   3.21683   -8.62641  1.000 59.92000  ? 35  ILE F CA  1 
ATOM   547  C C   . ILE F 1 8  ? 3.99191   4.24583   -9.48875  1.000 62.45000  ? 35  ILE F C   1 
ATOM   548  O O   . ILE F 1 8  ? 5.22739   4.30345   -9.49806  1.000 52.48000  ? 35  ILE F O   1 
ATOM   549  C CB  . ILE F 1 8  ? 3.10775   3.69066   -7.16925  1.000 68.34000  ? 35  ILE F CB  1 
ATOM   550  C CG1 . ILE F 1 8  ? 2.12969   2.77124   -6.43335  1.000 66.28000  ? 35  ILE F CG1 1 
ATOM   551  C CG2 . ILE F 1 8  ? 2.62582   5.11286   -7.11031  1.000 75.77000  ? 35  ILE F CG2 1 
ATOM   552  C CD1 . ILE F 1 8  ? 2.26298   2.82283   -4.92889  1.000 85.66000  ? 35  ILE F CD1 1 
ATOM   553  N N   . LYS F 1 9  ? 3.22461   5.07429   -10.20172 1.000 62.64000  ? 36  LYS F N   1 
ATOM   554  C CA  . LYS F 1 9  ? 3.78782   6.11004   -11.06211 1.000 66.90000  ? 36  LYS F CA  1 
ATOM   555  C C   . LYS F 1 9  ? 3.67157   7.51161   -10.48032 1.000 76.12000  ? 36  LYS F C   1 
ATOM   556  O O   . LYS F 1 9  ? 4.53551   8.35277   -10.75041 1.000 72.71000  ? 36  LYS F O   1 
ATOM   557  C CB  . LYS F 1 9  ? 3.10275   6.10148   -12.43367 1.000 95.01000  ? 36  LYS F CB  1 
ATOM   558  C CG  . LYS F 1 9  ? 3.25487   4.81710   -13.22725 1.000 131.86000 ? 36  LYS F CG  1 
ATOM   559  C CD  . LYS F 1 9  ? 2.54993   4.93705   -14.57013 1.000 154.76000 ? 36  LYS F CD  1 
ATOM   560  C CE  . LYS F 1 9  ? 2.71450   3.67805   -15.40387 1.000 160.32000 ? 36  LYS F CE  1 
ATOM   561  N NZ  . LYS F 1 9  ? 2.04237   3.79548   -16.72811 1.000 133.34000 ? 36  LYS F NZ  1 
ATOM   562  N N   . ARG F 1 10 ? 2.62909   7.78772   -9.70027  1.000 68.63000  ? 37  ARG F N   1 
ATOM   563  C CA  . ARG F 1 10 ? 2.34824   9.12351   -9.19736  1.000 68.78000  ? 37  ARG F CA  1 
ATOM   564  C C   . ARG F 1 10 ? 2.38024   9.13243   -7.67443  1.000 66.08000  ? 37  ARG F C   1 
ATOM   565  O O   . ARG F 1 10 ? 2.01169   8.15226   -7.02274  1.000 58.31000  ? 37  ARG F O   1 
ATOM   566  C CB  . ARG F 1 10 ? 0.98879   9.62438   -9.70600  1.000 82.54000  ? 37  ARG F CB  1 
ATOM   567  C CG  . ARG F 1 10 ? -0.07164  8.53858   -9.82666  1.000 104.96000 ? 37  ARG F CG  1 
ATOM   568  C CD  . ARG F 1 10 ? -1.26444  9.01985   -10.63957 1.000 123.23000 ? 37  ARG F CD  1 
ATOM   569  N NE  . ARG F 1 10 ? -2.12137  7.91974   -11.06657 1.000 145.58000 ? 37  ARG F NE  1 
ATOM   570  C CZ  . ARG F 1 10 ? -1.92590  7.20228   -12.16495 1.000 135.52000 ? 37  ARG F CZ  1 
ATOM   571  N NH1 . ARG F 1 10 ? -0.89743  7.43028   -12.96687 1.000 104.44000 ? 37  ARG F NH1 1 
ATOM   572  N NH2 . ARG F 1 10 ? -2.78223  6.23018   -12.46619 1.000 131.89000 ? 37  ARG F NH2 1 
ATOM   573  N N   . LEU F 1 11 ? 2.82068   10.25958  -7.11038  1.000 63.57000  ? 38  LEU F N   1 
ATOM   574  C CA  . LEU F 1 11 ? 2.99825   10.34463  -5.66366  1.000 82.17000  ? 38  LEU F CA  1 
ATOM   575  C C   . LEU F 1 11 ? 1.65780   10.36040  -4.93967  1.000 68.43000  ? 38  LEU F C   1 
ATOM   576  O O   . LEU F 1 11 ? 1.46269   9.64106   -3.95275  1.000 77.69000  ? 38  LEU F O   1 
ATOM   577  C CB  . LEU F 1 11 ? 3.81312   11.58812  -5.30885  1.000 88.87000  ? 38  LEU F CB  1 
ATOM   578  C CG  . LEU F 1 11 ? 4.26316   11.72694  -3.85352  1.000 101.76000 ? 38  LEU F CG  1 
ATOM   579  C CD1 . LEU F 1 11 ? 5.42891   10.79349  -3.56055  1.000 106.98000 ? 38  LEU F CD1 1 
ATOM   580  C CD2 . LEU F 1 11 ? 4.63118   13.16874  -3.55028  1.000 103.70000 ? 38  LEU F CD2 1 
ATOM   581  N N   . THR F 1 12 ? 0.72286   11.17671  -5.41207  1.000 80.28000  ? 39  THR F N   1 
ATOM   582  C CA  . THR F 1 12 ? -0.56512  11.31441  -4.74868  1.000 91.65000  ? 39  THR F CA  1 
ATOM   583  C C   . THR F 1 12 ? -1.67372  11.56579  -5.76378  1.000 111.92000 ? 39  THR F C   1 
ATOM   584  O O   . THR F 1 12 ? -2.75217  12.05304  -5.42393  1.000 137.97000 ? 39  THR F O   1 
ATOM   585  C CB  . THR F 1 12 ? -0.54021  12.45537  -3.71118  1.000 99.25000  ? 39  THR F CB  1 
ATOM   586  O OG1 . THR F 1 12 ? -1.83361  12.59179  -3.11005  1.000 138.27000 ? 39  THR F OG1 1 
ATOM   587  C CG2 . THR F 1 12 ? -0.15249  13.76757  -4.37072  1.000 84.92000  ? 39  THR F CG2 1 
ATOM   588  O OXT . THR F 1 12 ? -1.51515  11.28842  -6.95350  1.000 147.27000 ? 39  THR F OXT 1 
ATOM   589  N N   . PRO G 1 1  ? 0.05865   0.57832   -11.08530 1.000 115.88000 ? 28  PRO G N   1 
ATOM   590  C CA  . PRO G 1 1  ? -0.87056  -0.16497  -10.23211 1.000 70.52000  ? 28  PRO G CA  1 
ATOM   591  C C   . PRO G 1 1  ? -0.18739  -1.27252  -9.43534  1.000 62.14000  ? 28  PRO G C   1 
ATOM   592  O O   . PRO G 1 1  ? 0.60611   -2.04619  -9.97864  1.000 52.83000  ? 28  PRO G O   1 
ATOM   593  C CB  . PRO G 1 1  ? -1.86351  -0.75662  -11.23856 1.000 77.52000  ? 28  PRO G CB  1 
ATOM   594  C CG  . PRO G 1 1  ? -1.73987  0.11018   -12.48743 1.000 85.00000  ? 28  PRO G CG  1 
ATOM   595  C CD  . PRO G 1 1  ? -0.60351  1.07968   -12.29813 1.000 119.73000 ? 28  PRO G CD  1 
ATOM   596  N N   . VAL G 1 2  ? -0.51088  -1.35089  -8.14961  1.000 58.54000  ? 29  VAL G N   1 
ATOM   597  C CA  . VAL G 1 2  ? 0.00695   -2.38490  -7.26477  1.000 54.17000  ? 29  VAL G CA  1 
ATOM   598  C C   . VAL G 1 2  ? -1.15292  -3.29607  -6.89211  1.000 64.03000  ? 29  VAL G C   1 
ATOM   599  O O   . VAL G 1 2  ? -2.11466  -2.85611  -6.25007  1.000 58.15000  ? 29  VAL G O   1 
ATOM   600  C CB  . VAL G 1 2  ? 0.66026   -1.77854  -6.01363  1.000 59.04000  ? 29  VAL G CB  1 
ATOM   601  C CG1 . VAL G 1 2  ? 1.08741   -2.87530  -5.03860  1.000 58.76000  ? 29  VAL G CG1 1 
ATOM   602  C CG2 . VAL G 1 2  ? 1.82993   -0.90166  -6.41194  1.000 61.04000  ? 29  VAL G CG2 1 
ATOM   603  N N   . LYS G 1 3  ? -1.07265  -4.55806  -7.30577  1.000 61.60000  ? 30  LYS G N   1 
ATOM   604  C CA  . LYS G 1 3  ? -2.09072  -5.53880  -6.95237  1.000 61.50000  ? 30  LYS G CA  1 
ATOM   605  C C   . LYS G 1 3  ? -1.89609  -6.02562  -5.52660  1.000 57.16000  ? 30  LYS G C   1 
ATOM   606  O O   . LYS G 1 3  ? -0.76727  -6.15202  -5.04927  1.000 47.19000  ? 30  LYS G O   1 
ATOM   607  C CB  . LYS G 1 3  ? -2.07929  -6.72628  -7.91511  1.000 60.45000  ? 30  LYS G CB  1 
ATOM   608  C CG  . LYS G 1 3  ? -2.81310  -6.48122  -9.21283  1.000 76.66000  ? 30  LYS G CG  1 
ATOM   609  C CD  . LYS G 1 3  ? -4.31289  -6.58237  -8.96390  1.000 105.96000 ? 30  LYS G CD  1 
ATOM   610  C CE  . LYS G 1 3  ? -5.12232  -6.27537  -10.20773 1.000 124.71000 ? 30  LYS G CE  1 
ATOM   611  N NZ  . LYS G 1 3  ? -6.57579  -6.43784  -9.93921  1.000 131.83000 ? 30  LYS G NZ  1 
ATOM   612  N N   . VAL G 1 4  ? -3.01289  -6.27111  -4.84087  1.000 55.57000  ? 31  VAL G N   1 
ATOM   613  C CA  . VAL G 1 4  ? -3.02552  -6.73625  -3.45856  1.000 52.01000  ? 31  VAL G CA  1 
ATOM   614  C C   . VAL G 1 4  ? -3.92474  -7.96316  -3.39085  1.000 61.04000  ? 31  VAL G C   1 
ATOM   615  O O   . VAL G 1 4  ? -5.04833  -7.94012  -3.90454  1.000 54.18000  ? 31  VAL G O   1 
ATOM   616  C CB  . VAL G 1 4  ? -3.53627  -5.64113  -2.50284  1.000 54.52000  ? 31  VAL G CB  1 
ATOM   617  C CG1 . VAL G 1 4  ? -3.25654  -6.01400  -1.07752  1.000 53.68000  ? 31  VAL G CG1 1 
ATOM   618  C CG2 . VAL G 1 4  ? -2.88648  -4.30921  -2.82146  1.000 61.15000  ? 31  VAL G CG2 1 
ATOM   619  N N   . TRP G 1 5  ? -3.44906  -9.01927  -2.73948  1.000 53.07000  ? 32  TRP G N   1 
ATOM   620  C CA  . TRP G 1 5  ? -4.22852  -10.24831 -2.65126  1.000 43.46000  ? 32  TRP G CA  1 
ATOM   621  C C   . TRP G 1 5  ? -3.63160  -11.13903 -1.57354  1.000 43.49000  ? 32  TRP G C   1 
ATOM   622  O O   . TRP G 1 5  ? -2.45410  -11.01837 -1.22180  1.000 64.26000  ? 32  TRP G O   1 
ATOM   623  C CB  . TRP G 1 5  ? -4.27861  -10.99439 -3.98767  1.000 37.35000  ? 32  TRP G CB  1 
ATOM   624  C CG  . TRP G 1 5  ? -3.03757  -11.76003 -4.29549  1.000 50.97000  ? 32  TRP G CG  1 
ATOM   625  C CD1 . TRP G 1 5  ? -2.82755  -13.09244 -4.09457  1.000 44.94000  ? 32  TRP G CD1 1 
ATOM   626  C CD2 . TRP G 1 5  ? -1.83481  -11.24627 -4.87657  1.000 47.37000  ? 32  TRP G CD2 1 
ATOM   627  N NE1 . TRP G 1 5  ? -1.56690  -13.43949 -4.50396  1.000 45.13000  ? 32  TRP G NE1 1 
ATOM   628  C CE2 . TRP G 1 5  ? -0.93550  -12.32450 -4.99320  1.000 57.24000  ? 32  TRP G CE2 1 
ATOM   629  C CE3 . TRP G 1 5  ? -1.43086  -9.98013  -5.31171  1.000 42.39000  ? 32  TRP G CE3 1 
ATOM   630  C CZ2 . TRP G 1 5  ? 0.34512   -12.17416 -5.52421  1.000 50.95000  ? 32  TRP G CZ2 1 
ATOM   631  C CZ3 . TRP G 1 5  ? -0.15700  -9.83303  -5.84028  1.000 51.33000  ? 32  TRP G CZ3 1 
ATOM   632  C CH2 . TRP G 1 5  ? 0.71469   -10.92377 -5.94013  1.000 44.09000  ? 32  TRP G CH2 1 
ATOM   633  N N   . GLY G 1 6  ? -4.46638  -12.01751 -1.04358  1.000 50.06000  ? 33  GLY G N   1 
ATOM   634  C CA  . GLY G 1 6  ? -4.05881  -12.96558 -0.03529  1.000 48.87000  ? 33  GLY G CA  1 
ATOM   635  C C   . GLY G 1 6  ? -5.09694  -13.02980 1.06152   1.000 51.46000  ? 33  GLY G C   1 
ATOM   636  O O   . GLY G 1 6  ? -6.25977  -12.68213 0.86232   1.000 61.55000  ? 33  GLY G O   1 
ATOM   637  N N   . SER G 1 7  ? -4.66758  -13.47739 2.23751   1.000 67.33000  ? 34  SER G N   1 
ATOM   638  C CA  . SER G 1 7  ? -5.57073  -13.57507 3.37357   1.000 67.39000  ? 34  SER G CA  1 
ATOM   639  C C   . SER G 1 7  ? -4.79936  -13.31336 4.65803   1.000 63.37000  ? 34  SER G C   1 
ATOM   640  O O   . SER G 1 7  ? -3.59948  -13.58607 4.75029   1.000 59.37000  ? 34  SER G O   1 
ATOM   641  C CB  . SER G 1 7  ? -6.26520  -14.94308 3.43440   1.000 67.26000  ? 34  SER G CB  1 
ATOM   642  O OG  . SER G 1 7  ? -5.33528  -15.97467 3.69743   1.000 94.37000  ? 34  SER G OG  1 
ATOM   643  N N   . ILE G 1 8  ? -5.49375  -12.70570 5.62030   1.000 69.36000  ? 35  ILE G N   1 
ATOM   644  C CA  . ILE G 1 8  ? -4.88622  -12.44188 6.95363   1.000 74.65000  ? 35  ILE G CA  1 
ATOM   645  C C   . ILE G 1 8  ? -5.76906  -13.17595 7.95821   1.000 79.86000  ? 35  ILE G C   1 
ATOM   646  O O   . ILE G 1 8  ? -6.97339  -13.32351 7.68314   1.000 84.43000  ? 35  ILE G O   1 
ATOM   647  C CB  . ILE G 1 8  ? -4.84906  -10.93054 7.24116   1.000 75.57000  ? 35  ILE G CB  1 
ATOM   648  C CG1 . ILE G 1 8  ? -6.05999  -10.22853 6.62463   1.000 79.58000  ? 35  ILE G CG1 1 
ATOM   649  C CG2 . ILE G 1 8  ? -3.54246  -10.31926 6.76245   1.000 101.83000 ? 35  ILE G CG2 1 
ATOM   650  C CD1 . ILE G 1 8  ? -6.26983  -8.82862  7.12086   1.000 88.52000  ? 35  ILE G CD1 1 
ATOM   651  N N   . LYS G 1 9  ? -5.19342  -13.62802 9.06759   1.000 106.55000 ? 36  LYS G N   1 
ATOM   652  C CA  . LYS G 1 9  ? -5.95963  -14.39814 10.03745  1.000 98.23000  ? 36  LYS G CA  1 
ATOM   653  C C   . LYS G 1 9  ? -6.66812  -13.49180 11.03565  1.000 90.05000  ? 36  LYS G C   1 
ATOM   654  O O   . LYS G 1 9  ? -7.79124  -13.79221 11.45593  1.000 90.60000  ? 36  LYS G O   1 
ATOM   655  C CB  . LYS G 1 9  ? -5.04206  -15.37894 10.77213  1.000 98.58000  ? 36  LYS G CB  1 
ATOM   656  C CG  . LYS G 1 9  ? -4.42067  -16.42281 9.85657   1.000 124.07000 ? 36  LYS G CG  1 
ATOM   657  C CD  . LYS G 1 9  ? -5.47500  -17.25222 9.14897   1.000 147.45000 ? 36  LYS G CD  1 
ATOM   658  C CE  . LYS G 1 9  ? -4.82662  -18.24622 8.20238   1.000 150.14000 ? 36  LYS G CE  1 
ATOM   659  N NZ  . LYS G 1 9  ? -5.77979  -18.69902 7.15458   1.000 130.93000 ? 36  LYS G NZ  1 
ATOM   660  N N   . ARG G 1 10 ? -6.05450  -12.36779 11.39033  1.000 97.63000  ? 37  ARG G N   1 
ATOM   661  C CA  . ARG G 1 10 ? -6.70218  -11.33797 12.18283  1.000 104.83000 ? 37  ARG G CA  1 
ATOM   662  C C   . ARG G 1 10 ? -6.44123  -9.98354  11.54185  1.000 103.13000 ? 37  ARG G C   1 
ATOM   663  O O   . ARG G 1 10 ? -5.39315  -9.76357  10.92763  1.000 139.33000 ? 37  ARG G O   1 
ATOM   664  C CB  . ARG G 1 10 ? -6.20386  -11.33802 13.63102  1.000 130.51000 ? 37  ARG G CB  1 
ATOM   665  C CG  . ARG G 1 10 ? -6.47784  -12.62972 14.37610  1.000 130.80000 ? 37  ARG G CG  1 
ATOM   666  C CD  . ARG G 1 10 ? -6.11935  -12.50148 15.84680  1.000 144.83000 ? 37  ARG G CD  1 
ATOM   667  N NE  . ARG G 1 10 ? -6.83046  -11.40183 16.48835  1.000 135.60000 ? 37  ARG G NE  1 
ATOM   668  C CZ  . ARG G 1 10 ? -8.09407  -11.45809 16.88756  1.000 116.63000 ? 37  ARG G CZ  1 
ATOM   669  N NH1 . ARG G 1 10 ? -8.82928  -12.54157 16.70341  1.000 110.36000 ? 37  ARG G NH1 1 
ATOM   670  N NH2 . ARG G 1 10 ? -8.63391  -10.39853 17.48374  1.000 96.71000  ? 37  ARG G NH2 1 
ATOM   671  N N   . LEU G 1 11 ? -7.40796  -9.07620  11.68501  1.000 102.73000 ? 38  LEU G N   1 
ATOM   672  C CA  . LEU G 1 11 ? -7.24713  -7.73721  11.13214  1.000 118.72000 ? 38  LEU G CA  1 
ATOM   673  C C   . LEU G 1 11 ? -6.13962  -6.95464  11.82784  1.000 109.27000 ? 38  LEU G C   1 
ATOM   674  O O   . LEU G 1 11 ? -5.60684  -6.00590  11.24128  1.000 111.44000 ? 38  LEU G O   1 
ATOM   675  C CB  . LEU G 1 11 ? -8.57155  -6.97899  11.21345  1.000 106.54000 ? 38  LEU G CB  1 
ATOM   676  C CG  . LEU G 1 11 ? -9.66718  -7.57425  10.32835  1.000 122.16000 ? 38  LEU G CG  1 
ATOM   677  C CD1 . LEU G 1 11 ? -10.96546 -6.80757  10.46335  1.000 117.81000 ? 38  LEU G CD1 1 
ATOM   678  C CD2 . LEU G 1 11 ? -9.21398  -7.59386  8.87960   1.000 130.13000 ? 38  LEU G CD2 1 
ATOM   679  N N   . THR G 1 12 ? -5.78145  -7.33028  13.05043  1.000 125.91000 ? 39  THR G N   1 
ATOM   680  C CA  . THR G 1 12 ? -4.65802  -6.72072  13.75089  1.000 152.19000 ? 39  THR G CA  1 
ATOM   681  C C   . THR G 1 12 ? -3.77184  -7.79811  14.36744  1.000 155.42000 ? 39  THR G C   1 
ATOM   682  O O   . THR G 1 12 ? -4.24820  -8.87128  14.73702  1.000 163.09000 ? 39  THR G O   1 
ATOM   683  C CB  . THR G 1 12 ? -5.12779  -5.74992  14.85441  1.000 143.60000 ? 39  THR G CB  1 
ATOM   684  O OG1 . THR G 1 12 ? -6.32418  -6.25390  15.46321  1.000 153.13000 ? 39  THR G OG1 1 
ATOM   685  C CG2 . THR G 1 12 ? -5.39148  -4.36955  14.27785  1.000 138.67000 ? 39  THR G CG2 1 
ATOM   686  O OXT . THR G 1 12 ? -2.56105  -7.62464  14.50725  1.000 156.81000 ? 39  THR G OXT 1 
ATOM   687  N N   . PRO H 1 1  ? -10.44206 -17.01203 7.82094   1.000 90.83000  ? 28  PRO H N   1 
ATOM   688  C CA  . PRO H 1 1  ? -9.50954  -15.94832 7.43193   1.000 81.93000  ? 28  PRO H CA  1 
ATOM   689  C C   . PRO H 1 1  ? -10.18622 -14.83242 6.64166   1.000 67.30000  ? 28  PRO H C   1 
ATOM   690  O O   . PRO H 1 1  ? -11.21941 -15.05728 6.01264   1.000 54.55000  ? 28  PRO H O   1 
ATOM   691  C CB  . PRO H 1 1  ? -8.48137  -16.67986 6.56049   1.000 102.97000 ? 28  PRO H CB  1 
ATOM   692  C CG  . PRO H 1 1  ? -9.18980  -17.89220 6.06888   1.000 102.82000 ? 28  PRO H CG  1 
ATOM   693  C CD  . PRO H 1 1  ? -10.12604 -18.29304 7.16729   1.000 99.74000  ? 28  PRO H CD  1 
ATOM   694  N N   . VAL H 1 2  ? -9.60918  -13.63581 6.69331   1.000 61.13000  ? 29  VAL H N   1 
ATOM   695  C CA  . VAL H 1 2  ? -10.11671 -12.47999 5.96316   1.000 62.15000  ? 29  VAL H CA  1 
ATOM   696  C C   . VAL H 1 2  ? -9.30851  -12.34415 4.68017   1.000 57.48000  ? 29  VAL H C   1 
ATOM   697  O O   . VAL H 1 2  ? -8.08800  -12.14865 4.72432   1.000 59.88000  ? 29  VAL H O   1 
ATOM   698  C CB  . VAL H 1 2  ? -10.04143 -11.19651 6.80433   1.000 74.82000  ? 29  VAL H CB  1 
ATOM   699  C CG1 . VAL H 1 2  ? -10.31214 -9.97132  5.92881   1.000 61.68000  ? 29  VAL H CG1 1 
ATOM   700  C CG2 . VAL H 1 2  ? -11.01900 -11.26135 7.96475   1.000 78.92000  ? 29  VAL H CG2 1 
ATOM   701  N N   . LYS H 1 3  ? -9.98160  -12.46891 3.54228   1.000 55.94000  ? 30  LYS H N   1 
ATOM   702  C CA  . LYS H 1 3  ? -9.34567  -12.34951 2.24094   1.000 61.28000  ? 30  LYS H CA  1 
ATOM   703  C C   . LYS H 1 3  ? -9.29922  -10.89100 1.80359   1.000 58.94000  ? 30  LYS H C   1 
ATOM   704  O O   . LYS H 1 3  ? -10.14766 -10.07872 2.18139   1.000 56.07000  ? 30  LYS H O   1 
ATOM   705  C CB  . LYS H 1 3  ? -10.07441 -13.19823 1.20095   1.000 69.41000  ? 30  LYS H CB  1 
ATOM   706  C CG  . LYS H 1 3  ? -9.94449  -14.68820 1.46138   1.000 61.64000  ? 30  LYS H CG  1 
ATOM   707  C CD  . LYS H 1 3  ? -10.29917 -15.51508 0.23806   1.000 81.39000  ? 30  LYS H CD  1 
ATOM   708  C CE  . LYS H 1 3  ? -9.93315  -16.97775 0.45212   1.000 99.92000  ? 30  LYS H CE  1 
ATOM   709  N NZ  . LYS H 1 3  ? -10.12060 -17.78590 -0.78185  1.000 117.19000 ? 30  LYS H NZ  1 
ATOM   710  N N   . VAL H 1 4  ? -8.27484  -10.56119 1.01902   1.000 56.92000  ? 31  VAL H N   1 
ATOM   711  C CA  . VAL H 1 4  ? -8.03476  -9.20496  0.54247   1.000 51.25000  ? 31  VAL H CA  1 
ATOM   712  C C   . VAL H 1 4  ? -7.85900  -9.22759  -0.97224  1.000 55.37000  ? 31  VAL H C   1 
ATOM   713  O O   . VAL H 1 4  ? -7.30387  -10.18089 -1.53044  1.000 56.89000  ? 31  VAL H O   1 
ATOM   714  C CB  . VAL H 1 4  ? -6.79244  -8.61043  1.24560   1.000 54.76000  ? 31  VAL H CB  1 
ATOM   715  C CG1 . VAL H 1 4  ? -6.28984  -7.36755  0.55165   1.000 62.31000  ? 31  VAL H CG1 1 
ATOM   716  C CG2 . VAL H 1 4  ? -7.10991  -8.31416  2.70193   1.000 73.42000  ? 31  VAL H CG2 1 
ATOM   717  N N   . TRP H 1 5  ? -8.32880  -8.17014  -1.63383  1.000 51.40000  ? 32  TRP H N   1 
ATOM   718  C CA  . TRP H 1 5  ? -8.26516  -8.04907  -3.08254  1.000 46.03000  ? 32  TRP H CA  1 
ATOM   719  C C   . TRP H 1 5  ? -8.50849  -6.59985  -3.47780  1.000 52.17000  ? 32  TRP H C   1 
ATOM   720  O O   . TRP H 1 5  ? -9.39876  -5.94644  -2.93045  1.000 66.29000  ? 32  TRP H O   1 
ATOM   721  C CB  . TRP H 1 5  ? -9.28295  -8.98373  -3.75329  1.000 52.50000  ? 32  TRP H CB  1 
ATOM   722  C CG  . TRP H 1 5  ? -9.32314  -8.90077  -5.26292  1.000 60.91000  ? 32  TRP H CG  1 
ATOM   723  C CD1 . TRP H 1 5  ? -10.08726 -8.05565  -6.01638  1.000 68.68000  ? 32  TRP H CD1 1 
ATOM   724  C CD2 . TRP H 1 5  ? -8.53739  -9.66162  -6.18939  1.000 64.83000  ? 32  TRP H CD2 1 
ATOM   725  N NE1 . TRP H 1 5  ? -9.84845  -8.26437  -7.35227  1.000 57.40000  ? 32  TRP H NE1 1 
ATOM   726  C CE2 . TRP H 1 5  ? -8.89635  -9.23911  -7.48579  1.000 75.84000  ? 32  TRP H CE2 1 
ATOM   727  C CE3 . TRP H 1 5  ? -7.57212  -10.66336 -6.04938  1.000 94.77000  ? 32  TRP H CE3 1 
ATOM   728  C CZ2 . TRP H 1 5  ? -8.32286  -9.78169  -8.63290  1.000 67.25000  ? 32  TRP H CZ2 1 
ATOM   729  C CZ3 . TRP H 1 5  ? -7.00561  -11.20188 -7.18950  1.000 91.70000  ? 32  TRP H CZ3 1 
ATOM   730  C CH2 . TRP H 1 5  ? -7.38252  -10.76005 -8.46368  1.000 93.33000  ? 32  TRP H CH2 1 
ATOM   731  N N   . GLY H 1 6  ? -7.73466  -6.11783  -4.44281  1.000 64.51000  ? 33  GLY H N   1 
ATOM   732  C CA  . GLY H 1 6  ? -7.87399  -4.76969  -4.95909  1.000 59.96000  ? 33  GLY H CA  1 
ATOM   733  C C   . GLY H 1 6  ? -6.53375  -4.22288  -5.41488  1.000 70.45000  ? 33  GLY H C   1 
ATOM   734  O O   . GLY H 1 6  ? -5.59710  -4.97878  -5.66305  1.000 52.74000  ? 33  GLY H O   1 
ATOM   735  N N   . SER H 1 7  ? -6.46112  -2.89561  -5.53471  1.000 66.18000  ? 34  SER H N   1 
ATOM   736  C CA  . SER H 1 7  ? -5.24746  -2.28206  -6.05507  1.000 63.49000  ? 34  SER H CA  1 
ATOM   737  C C   . SER H 1 7  ? -5.03361  -0.87593  -5.51372  1.000 77.63000  ? 34  SER H C   1 
ATOM   738  O O   . SER H 1 7  ? -5.98574  -0.10412  -5.36448  1.000 90.21000  ? 34  SER H O   1 
ATOM   739  C CB  . SER H 1 7  ? -5.29680  -2.22799  -7.58235  1.000 54.41000  ? 34  SER H CB  1 
ATOM   740  O OG  . SER H 1 7  ? -6.32016  -1.34810  -8.01201  1.000 85.02000  ? 34  SER H OG  1 
ATOM   741  N N   . ILE H 1 8  ? -3.77371  -0.55546  -5.23007  1.000 70.11000  ? 35  ILE H N   1 
ATOM   742  C CA  . ILE H 1 8  ? -3.33677  0.79292   -4.88427  1.000 64.15000  ? 35  ILE H CA  1 
ATOM   743  C C   . ILE H 1 8  ? -2.68229  1.41864   -6.11306  1.000 65.85000  ? 35  ILE H C   1 
ATOM   744  O O   . ILE H 1 8  ? -1.78876  0.81768   -6.72139  1.000 58.94000  ? 35  ILE H O   1 
ATOM   745  C CB  . ILE H 1 8  ? -2.37663  0.77639   -3.68423  1.000 71.55000  ? 35  ILE H CB  1 
ATOM   746  C CG1 . ILE H 1 8  ? -2.75984  -0.35225  -2.72258  1.000 69.75000  ? 35  ILE H CG1 1 
ATOM   747  C CG2 . ILE H 1 8  ? -2.36893  2.12776   -2.98998  1.000 74.64000  ? 35  ILE H CG2 1 
ATOM   748  C CD1 . ILE H 1 8  ? -1.64987  -0.76522  -1.79064  1.000 81.35000  ? 35  ILE H CD1 1 
ATOM   749  N N   . LYS H 1 9  ? -3.13902  2.60860   -6.51157  1.000 63.63000  ? 36  LYS H N   1 
ATOM   750  C CA  . LYS H 1 9  ? -2.54545  3.29390   -7.65378  1.000 73.96000  ? 36  LYS H CA  1 
ATOM   751  C C   . LYS H 1 9  ? -1.70739  4.50875   -7.27471  1.000 74.87000  ? 36  LYS H C   1 
ATOM   752  O O   . LYS H 1 9  ? -1.01708  5.05541   -8.14260  1.000 76.91000  ? 36  LYS H O   1 
ATOM   753  C CB  . LYS H 1 9  ? -3.62628  3.71379   -8.66319  1.000 76.65000  ? 36  LYS H CB  1 
ATOM   754  C CG  . LYS H 1 9  ? -4.73924  4.57581   -8.10651  1.000 104.02000 ? 36  LYS H CG  1 
ATOM   755  C CD  . LYS H 1 9  ? -5.62012  5.09088   -9.23325  1.000 122.88000 ? 36  LYS H CD  1 
ATOM   756  C CE  . LYS H 1 9  ? -6.78329  5.90393   -8.70093  1.000 131.31000 ? 36  LYS H CE  1 
ATOM   757  N NZ  . LYS H 1 9  ? -7.85029  6.07512   -9.72139  1.000 127.25000 ? 36  LYS H NZ  1 
ATOM   758  N N   . ARG H 1 10 ? -1.74894  4.94736   -6.01921  1.000 67.11000  ? 37  ARG H N   1 
ATOM   759  C CA  . ARG H 1 10 ? -1.00389  6.11287   -5.56655  1.000 70.37000  ? 37  ARG H CA  1 
ATOM   760  C C   . ARG H 1 10 ? -0.12261  5.73074   -4.38686  1.000 66.52000  ? 37  ARG H C   1 
ATOM   761  O O   . ARG H 1 10 ? -0.42556  4.79116   -3.64643  1.000 69.90000  ? 37  ARG H O   1 
ATOM   762  C CB  . ARG H 1 10 ? -1.94329  7.25723   -5.15785  1.000 81.01000  ? 37  ARG H CB  1 
ATOM   763  C CG  . ARG H 1 10 ? -2.95265  7.65372   -6.22298  1.000 93.32000  ? 37  ARG H CG  1 
ATOM   764  C CD  . ARG H 1 10 ? -3.84988  8.77272   -5.72529  1.000 130.95000 ? 37  ARG H CD  1 
ATOM   765  N NE  . ARG H 1 10 ? -4.80068  9.21041   -6.73930  1.000 138.64000 ? 37  ARG H NE  1 
ATOM   766  C CZ  . ARG H 1 10 ? -6.04956  8.77636   -6.83358  1.000 145.80000 ? 37  ARG H CZ  1 
ATOM   767  N NH1 . ARG H 1 10 ? -6.53565  7.88219   -5.98869  1.000 122.92000 ? 37  ARG H NH1 1 
ATOM   768  N NH2 . ARG H 1 10 ? -6.83217  9.25435   -7.79824  1.000 158.04000 ? 37  ARG H NH2 1 
ATOM   769  N N   . LEU H 1 11 ? 0.97234   6.47636   -4.21269  1.000 64.83000  ? 38  LEU H N   1 
ATOM   770  C CA  . LEU H 1 11 ? 1.91029   6.17708   -3.13582  1.000 80.08000  ? 38  LEU H CA  1 
ATOM   771  C C   . LEU H 1 11 ? 1.41836   6.70851   -1.79471  1.000 63.79000  ? 38  LEU H C   1 
ATOM   772  O O   . LEU H 1 11 ? 1.51901   6.01422   -0.77633  1.000 91.09000  ? 38  LEU H O   1 
ATOM   773  C CB  . LEU H 1 11 ? 3.28676   6.75500   -3.46224  1.000 86.84000  ? 38  LEU H CB  1 
ATOM   774  C CG  . LEU H 1 11 ? 4.44377   6.22475   -2.61200  1.000 89.28000  ? 38  LEU H CG  1 
ATOM   775  C CD1 . LEU H 1 11 ? 4.68490   4.74651   -2.89066  1.000 85.98000  ? 38  LEU H CD1 1 
ATOM   776  C CD2 . LEU H 1 11 ? 5.70557   7.03615   -2.85284  1.000 79.91000  ? 38  LEU H CD2 1 
ATOM   777  N N   . THR H 1 12 ? 0.89686   7.93041   -1.77199  1.000 80.74000  ? 39  THR H N   1 
ATOM   778  C CA  . THR H 1 12 ? 0.36578   8.51276   -0.54452  1.000 99.09000  ? 39  THR H CA  1 
ATOM   779  C C   . THR H 1 12 ? -0.97744  9.18783   -0.80850  1.000 92.99000  ? 39  THR H C   1 
ATOM   780  O O   . THR H 1 12 ? -1.48005  9.17762   -1.93303  1.000 98.21000  ? 39  THR H O   1 
ATOM   781  C CB  . THR H 1 12 ? 1.34094   9.53416   0.06643   1.000 111.13000 ? 39  THR H CB  1 
ATOM   782  O OG1 . THR H 1 12 ? 0.80815   10.02925  1.30152   1.000 109.84000 ? 39  THR H OG1 1 
ATOM   783  C CG2 . THR H 1 12 ? 1.56299   10.69759  -0.88707  1.000 106.51000 ? 39  THR H CG2 1 
ATOM   784  O OXT . THR H 1 12 ? -1.59563  9.75381   0.09310   1.000 96.10000  ? 39  THR H OXT 1 
ATOM   785  N N   . PRO I 1 1  ? -8.95154  0.90497   -4.46574  1.000 112.40000 ? 28  PRO I N   1 
ATOM   786  C CA  . PRO I 1 1  ? -9.89045  0.25117   -3.54665  1.000 98.84000  ? 28  PRO I CA  1 
ATOM   787  C C   . PRO I 1 1  ? -9.46526  -1.17629  -3.21923  1.000 94.04000  ? 28  PRO I C   1 
ATOM   788  O O   . PRO I 1 1  ? -9.08483  -1.92095  -4.12293  1.000 72.42000  ? 28  PRO I O   1 
ATOM   789  C CB  . PRO I 1 1  ? -11.21095 0.25573   -4.32528  1.000 104.24000 ? 28  PRO I CB  1 
ATOM   790  C CG  . PRO I 1 1  ? -10.80514 0.36034   -5.75958  1.000 110.38000 ? 28  PRO I CG  1 
ATOM   791  C CD  . PRO I 1 1  ? -9.56245  1.19321   -5.77510  1.000 111.36000 ? 28  PRO I CD  1 
ATOM   792  N N   . VAL I 1 2  ? -9.49841  -1.53847  -1.93908  1.000 72.00000  ? 29  VAL I N   1 
ATOM   793  C CA  . VAL I 1 2  ? -9.16961  -2.88452  -1.48533  1.000 72.79000  ? 29  VAL I CA  1 
ATOM   794  C C   . VAL I 1 2  ? -10.41831 -3.51952  -0.88292  1.000 62.15000  ? 29  VAL I C   1 
ATOM   795  O O   . VAL I 1 2  ? -10.94253 -3.03368  0.12737   1.000 68.11000  ? 29  VAL I O   1 
ATOM   796  C CB  . VAL I 1 2  ? -8.01495  -2.86881  -0.47277  1.000 82.20000  ? 29  VAL I CB  1 
ATOM   797  C CG1 . VAL I 1 2  ? -7.78107  -4.25965  0.07051   1.000 76.50000  ? 29  VAL I CG1 1 
ATOM   798  C CG2 . VAL I 1 2  ? -6.75234  -2.31017  -1.11443  1.000 78.67000  ? 29  VAL I CG2 1 
ATOM   799  N N   . LYS I 1 3  ? -10.89992 -4.59035  -1.50778  1.000 63.33000  ? 30  LYS I N   1 
ATOM   800  C CA  . LYS I 1 3  ? -12.04315 -5.33735  -0.99579  1.000 46.95000  ? 30  LYS I CA  1 
ATOM   801  C C   . LYS I 1 3  ? -11.61736 -6.31415  0.09960   1.000 56.02000  ? 30  LYS I C   1 
ATOM   802  O O   . LYS I 1 3  ? -10.54312 -6.91820  0.02901   1.000 58.66000  ? 30  LYS I O   1 
ATOM   803  C CB  . LYS I 1 3  ? -12.72518 -6.08642  -2.13900  1.000 50.52000  ? 30  LYS I CB  1 
ATOM   804  C CG  . LYS I 1 3  ? -13.55281 -5.18188  -3.03855  1.000 57.52000  ? 30  LYS I CG  1 
ATOM   805  C CD  . LYS I 1 3  ? -14.05158 -5.92552  -4.26775  1.000 71.81000  ? 30  LYS I CD  1 
ATOM   806  C CE  . LYS I 1 3  ? -15.00729 -5.06661  -5.07849  1.000 81.81000  ? 30  LYS I CE  1 
ATOM   807  N NZ  . LYS I 1 3  ? -15.59436 -5.82502  -6.21503  1.000 98.61000  ? 30  LYS I NZ  1 
ATOM   808  N N   . VAL I 1 4  ? -12.45710 -6.45569  1.12637   1.000 58.55000  ? 31  VAL I N   1 
ATOM   809  C CA  . VAL I 1 4  ? -12.19943 -7.36885  2.23692   1.000 60.97000  ? 31  VAL I CA  1 
ATOM   810  C C   . VAL I 1 4  ? -13.44464 -8.20396  2.50258   1.000 59.70000  ? 31  VAL I C   1 
ATOM   811  O O   . VAL I 1 4  ? -14.56982 -7.69314  2.45243   1.000 64.35000  ? 31  VAL I O   1 
ATOM   812  C CB  . VAL I 1 4  ? -11.75985 -6.63033  3.52097   1.000 66.76000  ? 31  VAL I CB  1 
ATOM   813  C CG1 . VAL I 1 4  ? -10.37256 -6.04355  3.34499   1.000 74.10000  ? 31  VAL I CG1 1 
ATOM   814  C CG2 . VAL I 1 4  ? -12.76180 -5.55455  3.89681   1.000 80.42000  ? 31  VAL I CG2 1 
ATOM   815  N N   . TRP I 1 5  ? -13.24519 -9.49337  2.76769   1.000 54.24000  ? 32  TRP I N   1 
ATOM   816  C CA  . TRP I 1 5  ? -14.35424 -10.39273 3.06094   1.000 54.80000  ? 32  TRP I CA  1 
ATOM   817  C C   . TRP I 1 5  ? -13.79350 -11.64297 3.72358   1.000 51.32000  ? 32  TRP I C   1 
ATOM   818  O O   . TRP I 1 5  ? -12.62605 -11.99401 3.53805   1.000 67.62000  ? 32  TRP I O   1 
ATOM   819  C CB  . TRP I 1 5  ? -15.15598 -10.74913 1.80478   1.000 56.02000  ? 32  TRP I CB  1 
ATOM   820  C CG  . TRP I 1 5  ? -14.52471 -11.79163 0.93195   1.000 70.69000  ? 32  TRP I CG  1 
ATOM   821  C CD1 . TRP I 1 5  ? -14.82387 -13.12339 0.89935   1.000 77.87000  ? 32  TRP I CD1 1 
ATOM   822  C CD2 . TRP I 1 5  ? -13.49278 -11.58910 -0.03814  1.000 62.96000  ? 32  TRP I CD2 1 
ATOM   823  N NE1 . TRP I 1 5  ? -14.04208 -13.76320 -0.03074  1.000 70.02000  ? 32  TRP I NE1 1 
ATOM   824  C CE2 . TRP I 1 5  ? -13.21436 -12.84305 -0.61982  1.000 71.73000  ? 32  TRP I CE2 1 
ATOM   825  C CE3 . TRP I 1 5  ? -12.77421 -10.46981 -0.46885  1.000 54.73000  ? 32  TRP I CE3 1 
ATOM   826  C CZ2 . TRP I 1 5  ? -12.24830 -13.00759 -1.60905  1.000 68.54000  ? 32  TRP I CZ2 1 
ATOM   827  C CZ3 . TRP I 1 5  ? -11.81561 -10.63491 -1.45157  1.000 67.81000  ? 32  TRP I CZ3 1 
ATOM   828  C CH2 . TRP I 1 5  ? -11.56048 -11.89381 -2.01084  1.000 60.46000  ? 32  TRP I CH2 1 
ATOM   829  N N   . GLY I 1 6  ? -14.64651 -12.31859 4.49073   1.000 58.12000  ? 33  GLY I N   1 
ATOM   830  C CA  . GLY I 1 6  ? -14.20073 -13.50389 5.19655   1.000 59.30000  ? 33  GLY I CA  1 
ATOM   831  C C   . GLY I 1 6  ? -14.74162 -13.59620 6.60843   1.000 63.92000  ? 33  GLY I C   1 
ATOM   832  O O   . GLY I 1 6  ? -15.80230 -13.04276 6.90842   1.000 74.15000  ? 33  GLY I O   1 
ATOM   833  N N   . SER I 1 7  ? -14.00934 -14.28077 7.48440   1.000 69.09000  ? 34  SER I N   1 
ATOM   834  C CA  . SER I 1 7  ? -14.40875 -14.50079 8.86678   1.000 72.06000  ? 34  SER I CA  1 
ATOM   835  C C   . SER I 1 7  ? -13.17649 -14.37286 9.74754   1.000 67.34000  ? 34  SER I C   1 
ATOM   836  O O   . SER I 1 7  ? -12.05450 -14.63226 9.30760   1.000 68.74000  ? 34  SER I O   1 
ATOM   837  C CB  . SER I 1 7  ? -15.05789 -15.87566 9.06915   1.000 76.22000  ? 34  SER I CB  1 
ATOM   838  O OG  . SER I 1 7  ? -14.12028 -16.91474 8.85696   1.000 93.02000  ? 34  SER I OG  1 
ATOM   839  N N   . ILE I 1 8  ? -13.39437 -13.97471 10.99778  1.000 80.09000  ? 35  ILE I N   1 
ATOM   840  C CA  . ILE I 1 8  ? -12.31328 -13.68596 11.93447  1.000 77.04000  ? 35  ILE I CA  1 
ATOM   841  C C   . ILE I 1 8  ? -12.32246 -14.69630 13.07275  1.000 86.45000  ? 35  ILE I C   1 
ATOM   842  O O   . ILE I 1 8  ? -13.29244 -14.77556 13.83796  1.000 81.49000  ? 35  ILE I O   1 
ATOM   843  C CB  . ILE I 1 8  ? -12.45053 -12.26356 12.50046  1.000 72.97000  ? 35  ILE I CB  1 
ATOM   844  C CG1 . ILE I 1 8  ? -12.65168 -11.24994 11.37565  1.000 70.62000  ? 35  ILE I CG1 1 
ATOM   845  C CG2 . ILE I 1 8  ? -11.25380 -11.90333 13.37068  1.000 88.69000  ? 35  ILE I CG2 1 
ATOM   846  C CD1 . ILE I 1 8  ? -13.08454 -9.88209  11.86492  1.000 86.39000  ? 35  ILE I CD1 1 
ATOM   847  N N   . LYS I 1 9  ? -11.21069 -15.42791 13.16975  1.000 116.42000 ? 36  LYS I N   1 
ATOM   848  C CA  . LYS I 1 9  ? -11.04341 -16.36948 14.29820  1.000 116.46000 ? 36  LYS I CA  1 
ATOM   849  C C   . LYS I 1 9  ? -10.11594 -15.69170 15.30546  1.000 103.24000 ? 36  LYS I C   1 
ATOM   850  O O   . LYS I 1 9  ? -9.57088  -14.62369 14.97130  1.000 89.42000  ? 36  LYS I O   1 
ATOM   851  C CB  . LYS I 1 9  ? -10.45352 -17.70031 13.82052  1.000 120.89000 ? 36  LYS I CB  1 
ATOM   852  C CG  . LYS I 1 9  ? -11.43483 -18.65423 13.15191  1.000 146.19000 ? 36  LYS I CG  1 
ATOM   853  C CD  . LYS I 1 9  ? -11.63090 -18.40344 11.67110  1.000 144.11000 ? 36  LYS I CD  1 
ATOM   854  C CE  . LYS I 1 9  ? -12.57999 -19.39585 11.03377  1.000 146.34000 ? 36  LYS I CE  1 
ATOM   855  N NZ  . LYS I 1 9  ? -12.62228 -19.24795 9.56010   1.000 157.68000 ? 36  LYS I NZ  1 
ATOM   856  N N   . ARG I 1 10 ? -9.93023  -16.29699 16.47197  1.000 114.13000 ? 37  ARG I N   1 
ATOM   857  C CA  . ARG I 1 10 ? -9.11101  -15.74597 17.54377  1.000 138.78000 ? 37  ARG I CA  1 
ATOM   858  C C   . ARG I 1 10 ? -7.86593  -16.59624 17.77213  1.000 165.57000 ? 37  ARG I C   1 
ATOM   859  O O   . ARG I 1 10 ? -7.70752  -17.68191 17.20887  1.000 121.75000 ? 37  ARG I O   1 
ATOM   860  C CB  . ARG I 1 10 ? -9.92392  -15.63144 18.83780  1.000 137.27000 ? 37  ARG I CB  1 
ATOM   861  C CG  . ARG I 1 10 ? -11.11488 -16.57109 18.88589  1.000 131.21000 ? 37  ARG I CG  1 
ATOM   862  C CD  . ARG I 1 10 ? -11.82474 -16.50794 20.22593  1.000 155.14000 ? 37  ARG I CD  1 
ATOM   863  N NE  . ARG I 1 10 ? -13.16033 -17.09044 20.16233  1.000 166.27000 ? 37  ARG I NE  1 
ATOM   864  C CZ  . ARG I 1 10 ? -14.27813 -16.38674 20.04363  1.000 156.60000 ? 37  ARG I CZ  1 
ATOM   865  N NH1 . ARG I 1 10 ? -14.26128 -15.06385 20.00094  1.000 130.86000 ? 37  ARG I NH1 1 
ATOM   866  N NH2 . ARG I 1 10 ? -15.44216 -17.02526 19.96687  1.000 163.89000 ? 37  ARG I NH2 1 
ATOM   867  N N   . LEU I 1 11 ? -6.97230  -16.08027 18.62420  1.000 189.12000 ? 38  LEU I N   1 
ATOM   868  C CA  . LEU I 1 11 ? -5.72661  -16.78784 18.91493  1.000 203.43000 ? 38  LEU I CA  1 
ATOM   869  C C   . LEU I 1 11 ? -5.95241  -17.99497 19.81653  1.000 216.13000 ? 38  LEU I C   1 
ATOM   870  O O   . LEU I 1 11 ? -5.16925  -18.95134 19.77460  1.000 227.21000 ? 38  LEU I O   1 
ATOM   871  C CB  . LEU I 1 11 ? -4.71529  -15.83701 19.55719  1.000 203.07000 ? 38  LEU I CB  1 
ATOM   872  C CG  . LEU I 1 11 ? -4.18231  -14.69556 18.69033  1.000 207.07000 ? 38  LEU I CG  1 
ATOM   873  C CD1 . LEU I 1 11 ? -3.24969  -13.80423 19.49473  1.000 202.77000 ? 38  LEU I CD1 1 
ATOM   874  C CD2 . LEU I 1 11 ? -3.47263  -15.23424 17.45606  1.000 184.56000 ? 38  LEU I CD2 1 
ATOM   875  N N   . THR I 1 12 ? -7.00983  -17.97249 20.62524  1.000 220.88000 ? 39  THR I N   1 
ATOM   876  C CA  . THR I 1 12 ? -7.33053  -19.05006 21.56315  1.000 224.54000 ? 39  THR I CA  1 
ATOM   877  C C   . THR I 1 12 ? -6.14361  -19.41437 22.45568  1.000 220.23000 ? 39  THR I C   1 
ATOM   878  O O   . THR I 1 12 ? -5.83347  -20.58992 22.65576  1.000 178.82000 ? 39  THR I O   1 
ATOM   879  C CB  . THR I 1 12 ? -7.82189  -20.32766 20.83254  1.000 203.53000 ? 39  THR I CB  1 
ATOM   880  O OG1 . THR I 1 12 ? -6.80776  -20.80287 19.93899  1.000 196.23000 ? 39  THR I OG1 1 
ATOM   881  C CG2 . THR I 1 12 ? -9.09319  -20.04379 20.04882  1.000 152.91000 ? 39  THR I CG2 1 
ATOM   882  O OXT . THR I 1 12 ? -5.46430  -18.53933 22.99437  1.000 188.16000 ? 39  THR I OXT 1 
ATOM   883  N N   . PRO J 1 1  ? -18.50512 -17.69833 14.25326  1.000 101.10000 ? 28  PRO J N   1 
ATOM   884  C CA  . PRO J 1 1  ? -17.52373 -16.75329 13.71028  1.000 82.82000  ? 28  PRO J CA  1 
ATOM   885  C C   . PRO J 1 1  ? -18.14786 -15.44116 13.25758  1.000 80.66000  ? 28  PRO J C   1 
ATOM   886  O O   . PRO J 1 1  ? -19.30924 -15.40861 12.84954  1.000 66.54000  ? 28  PRO J O   1 
ATOM   887  C CB  . PRO J 1 1  ? -16.94070 -17.50121 12.50665  1.000 91.81000  ? 28  PRO J CB  1 
ATOM   888  C CG  . PRO J 1 1  ? -17.98642 -18.49537 12.13256  1.000 101.02000 ? 28  PRO J CG  1 
ATOM   889  C CD  . PRO J 1 1  ? -18.64362 -18.90020 13.41475  1.000 105.62000 ? 28  PRO J CD  1 
ATOM   890  N N   . VAL J 1 2  ? -17.35546 -14.37781 13.28719  1.000 67.55000  ? 29  VAL J N   1 
ATOM   891  C CA  . VAL J 1 2  ? -17.78976 -13.05293 12.86667  1.000 67.67000  ? 29  VAL J CA  1 
ATOM   892  C C   . VAL J 1 2  ? -17.34489 -12.87181 11.42291  1.000 62.22000  ? 29  VAL J C   1 
ATOM   893  O O   . VAL J 1 2  ? -16.14760 -12.89529 11.12480  1.000 61.46000  ? 29  VAL J O   1 
ATOM   894  C CB  . VAL J 1 2  ? -17.22035 -11.95347 13.77197  1.000 67.55000  ? 29  VAL J CB  1 
ATOM   895  C CG1 . VAL J 1 2  ? -17.42560 -10.58563 13.13723  1.000 68.58000  ? 29  VAL J CG1 1 
ATOM   896  C CG2 . VAL J 1 2  ? -17.86978 -12.00949 15.14533  1.000 64.59000  ? 29  VAL J CG2 1 
ATOM   897  N N   . LYS J 1 3  ? -18.31302 -12.74602 10.52028  1.000 68.88000  ? 30  LYS J N   1 
ATOM   898  C CA  . LYS J 1 3  ? -18.05864 -12.53984 9.10329   1.000 55.79000  ? 30  LYS J CA  1 
ATOM   899  C C   . LYS J 1 3  ? -17.95045 -11.05306 8.78133   1.000 49.02000  ? 30  LYS J C   1 
ATOM   900  O O   . LYS J 1 3  ? -18.58093 -10.20847 9.42157   1.000 51.88000  ? 30  LYS J O   1 
ATOM   901  C CB  . LYS J 1 3  ? -19.14508 -13.20071 8.24900   1.000 76.00000  ? 30  LYS J CB  1 
ATOM   902  C CG  . LYS J 1 3  ? -19.09819 -14.73103 8.24143   1.000 57.75000  ? 30  LYS J CG  1 
ATOM   903  C CD  . LYS J 1 3  ? -19.73168 -15.38610 9.46448   1.000 99.39000  ? 30  LYS J CD  1 
ATOM   904  C CE  . LYS J 1 3  ? -21.22613 -15.15658 9.55017   1.000 94.00000  ? 30  LYS J CE  1 
ATOM   905  N NZ  . LYS J 1 3  ? -21.83294 -16.07192 10.56133  1.000 94.04000  ? 30  LYS J NZ  1 
ATOM   906  N N   . VAL J 1 4  ? -17.12934 -10.74390 7.77902   1.000 68.30000  ? 31  VAL J N   1 
ATOM   907  C CA  . VAL J 1 4  ? -16.85184 -9.37679  7.35702   1.000 44.57000  ? 31  VAL J CA  1 
ATOM   908  C C   . VAL J 1 4  ? -17.02118 -9.25245  5.84587   1.000 48.78000  ? 31  VAL J C   1 
ATOM   909  O O   . VAL J 1 4  ? -16.83014 -10.21746 5.09807   1.000 48.87000  ? 31  VAL J O   1 
ATOM   910  C CB  . VAL J 1 4  ? -15.43236 -8.95567  7.81667   1.000 64.42000  ? 31  VAL J CB  1 
ATOM   911  C CG1 . VAL J 1 4  ? -14.57368 -8.45977  6.65637   1.000 66.20000  ? 31  VAL J CG1 1 
ATOM   912  C CG2 . VAL J 1 4  ? -15.52726 -7.92417  8.92313   1.000 80.96000  ? 31  VAL J CG2 1 
ATOM   913  N N   . TRP J 1 5  ? -17.40645 -8.05617  5.39779   1.000 45.77000  ? 32  TRP J N   1 
ATOM   914  C CA  . TRP J 1 5  ? -17.62243 -7.78344  3.98155   1.000 48.11000  ? 32  TRP J CA  1 
ATOM   915  C C   . TRP J 1 5  ? -17.58684 -6.27891  3.76174   1.000 56.16000  ? 32  TRP J C   1 
ATOM   916  O O   . TRP J 1 5  ? -18.25025 -5.53456  4.48723   1.000 60.75000  ? 32  TRP J O   1 
ATOM   917  C CB  . TRP J 1 5  ? -18.97277 -8.33689  3.52047   1.000 50.37000  ? 32  TRP J CB  1 
ATOM   918  C CG  . TRP J 1 5  ? -19.29931 -8.10558  2.07489   1.000 47.01000  ? 32  TRP J CG  1 
ATOM   919  C CD1 . TRP J 1 5  ? -19.82484 -6.96614  1.52751   1.000 57.92000  ? 32  TRP J CD1 1 
ATOM   920  C CD2 . TRP J 1 5  ? -19.24358 -9.06819  1.01515   1.000 38.80000  ? 32  TRP J CD2 1 
ATOM   921  N NE1 . TRP J 1 5  ? -20.03836 -7.14257  0.18093   1.000 51.90000  ? 32  TRP J NE1 1 
ATOM   922  C CE2 . TRP J 1 5  ? -19.69781 -8.42596  -0.15765  1.000 51.32000  ? 32  TRP J CE2 1 
ATOM   923  C CE3 . TRP J 1 5  ? -18.83223 -10.40223 0.93656   1.000 52.24000  ? 32  TRP J CE3 1 
ATOM   924  C CZ2 . TRP J 1 5  ? -19.74844 -9.07298  -1.39093  1.000 59.59000  ? 32  TRP J CZ2 1 
ATOM   925  C CZ3 . TRP J 1 5  ? -18.88288 -11.04429 -0.29061  1.000 58.84000  ? 32  TRP J CZ3 1 
ATOM   926  C CH2 . TRP J 1 5  ? -19.33784 -10.37847 -1.43709  1.000 55.95000  ? 32  TRP J CH2 1 
ATOM   927  N N   . GLY J 1 6  ? -16.89582 -5.84537  2.71760   1.000 50.61000  ? 33  GLY J N   1 
ATOM   928  C CA  . GLY J 1 6  ? -16.81314 -4.41829  2.45509   1.000 56.88000  ? 33  GLY J CA  1 
ATOM   929  C C   . GLY J 1 6  ? -15.47840 -4.05014  1.81910   1.000 58.84000  ? 33  GLY J C   1 
ATOM   930  O O   . GLY J 1 6  ? -14.84035 -4.87552  1.16706   1.000 53.18000  ? 33  GLY J O   1 
ATOM   931  N N   . SER J 1 7  ? -15.07639 -2.79516  2.03419   1.000 68.08000  ? 34  SER J N   1 
ATOM   932  C CA  . SER J 1 7  ? -13.87903 -2.24335  1.41637   1.000 69.73000  ? 34  SER J CA  1 
ATOM   933  C C   . SER J 1 7  ? -13.17955 -1.31814  2.40115   1.000 62.97000  ? 34  SER J C   1 
ATOM   934  O O   . SER J 1 7  ? -13.81799 -0.66925  3.23303   1.000 71.61000  ? 34  SER J O   1 
ATOM   935  C CB  . SER J 1 7  ? -14.20918 -1.47487  0.12782   1.000 82.52000  ? 34  SER J CB  1 
ATOM   936  O OG  . SER J 1 7  ? -14.95745 -0.30520  0.41169   1.000 76.36000  ? 34  SER J OG  1 
ATOM   937  N N   . ILE J 1 8  ? -11.84900 -1.28855  2.31213   1.000 73.88000  ? 35  ILE J N   1 
ATOM   938  C CA  . ILE J 1 8  ? -11.05528 -0.40396  3.16168   1.000 95.52000  ? 35  ILE J CA  1 
ATOM   939  C C   . ILE J 1 8  ? -11.26410 1.05567   2.77737   1.000 95.63000  ? 35  ILE J C   1 
ATOM   940  O O   . ILE J 1 8  ? -11.47424 1.91810   3.63949   1.000 123.58000 ? 35  ILE J O   1 
ATOM   941  C CB  . ILE J 1 8  ? -9.56719  -0.79115  3.08363   1.000 103.70000 ? 35  ILE J CB  1 
ATOM   942  C CG1 . ILE J 1 8  ? -9.32984  -2.14179  3.75503   1.000 119.25000 ? 35  ILE J CG1 1 
ATOM   943  C CG2 . ILE J 1 8  ? -8.70265  0.28437   3.70961   1.000 120.09000 ? 35  ILE J CG2 1 
ATOM   944  C CD1 . ILE J 1 8  ? -8.05056  -2.81672  3.32669   1.000 120.43000 ? 35  ILE J CD1 1 
ATOM   945  N N   . LYS J 1 9  ? -11.23628 1.35586   1.48320   1.000 104.84000 ? 36  LYS J N   1 
ATOM   946  C CA  . LYS J 1 9  ? -11.35827 2.72468   0.99926   1.000 120.43000 ? 36  LYS J CA  1 
ATOM   947  C C   . LYS J 1 9  ? -12.76348 2.95116   0.45806   1.000 130.50000 ? 36  LYS J C   1 
ATOM   948  O O   . LYS J 1 9  ? -13.16326 2.32902   -0.53194  1.000 125.47000 ? 36  LYS J O   1 
ATOM   949  C CB  . LYS J 1 9  ? -10.30956 3.00515   -0.07828  1.000 155.63000 ? 36  LYS J CB  1 
ATOM   950  C CG  . LYS J 1 9  ? -10.15684 4.46905   -0.44909  1.000 162.54000 ? 36  LYS J CG  1 
ATOM   951  C CD  . LYS J 1 9  ? -9.39492  4.61883   -1.75609  1.000 131.51000 ? 36  LYS J CD  1 
ATOM   952  C CE  . LYS J 1 9  ? -9.44162  6.04674   -2.26240  1.000 129.17000 ? 36  LYS J CE  1 
ATOM   953  N NZ  . LYS J 1 9  ? -9.13883  6.12530   -3.71559  1.000 156.83000 ? 36  LYS J NZ  1 
ATOM   954  N N   . ARG J 1 10 ? -13.50828 3.83829   1.11436   1.000 148.95000 ? 37  ARG J N   1 
ATOM   955  C CA  . ARG J 1 10 ? -14.85704 4.16318   0.67418   1.000 157.20000 ? 37  ARG J CA  1 
ATOM   956  C C   . ARG J 1 10 ? -14.81750 4.87309   -0.67268  1.000 174.66000 ? 37  ARG J C   1 
ATOM   957  O O   . ARG J 1 10 ? -13.97072 5.73772   -0.91574  1.000 189.22000 ? 37  ARG J O   1 
ATOM   958  C CB  . ARG J 1 10 ? -15.56116 5.03656   1.71302   1.000 163.36000 ? 37  ARG J CB  1 
ATOM   959  C CG  . ARG J 1 10 ? -14.81925 6.31553   2.06159   1.000 171.16000 ? 37  ARG J CG  1 
ATOM   960  C CD  . ARG J 1 10 ? -15.55566 7.11504   3.12311   1.000 171.78000 ? 37  ARG J CD  1 
ATOM   961  N NE  . ARG J 1 10 ? -14.80000 8.29367   3.52903   1.000 155.46000 ? 37  ARG J NE  1 
ATOM   962  C CZ  . ARG J 1 10 ? -13.81357 8.27912   4.41561   1.000 153.84000 ? 37  ARG J CZ  1 
ATOM   963  N NH1 . ARG J 1 10 ? -13.43664 7.15865   5.01082   1.000 151.87000 ? 37  ARG J NH1 1 
ATOM   964  N NH2 . ARG J 1 10 ? -13.18856 9.41492   4.70877   1.000 148.47000 ? 37  ARG J NH2 1 
ATOM   965  N N   . LEU J 1 11 ? -15.73833 4.49553   -1.55414  1.000 188.55000 ? 38  LEU J N   1 
ATOM   966  C CA  . LEU J 1 11 ? -15.82840 5.06923   -2.88968  1.000 199.39000 ? 38  LEU J CA  1 
ATOM   967  C C   . LEU J 1 11 ? -16.96911 6.07630   -2.92869  1.000 206.42000 ? 38  LEU J C   1 
ATOM   968  O O   . LEU J 1 11 ? -18.09882 5.75223   -2.54533  1.000 233.46000 ? 38  LEU J O   1 
ATOM   969  C CB  . LEU J 1 11 ? -16.04230 3.97689   -3.93928  1.000 200.92000 ? 38  LEU J CB  1 
ATOM   970  C CG  . LEU J 1 11 ? -15.84483 4.38251   -5.40022  1.000 173.78000 ? 38  LEU J CG  1 
ATOM   971  C CD1 . LEU J 1 11 ? -14.43170 4.89908   -5.62188  1.000 152.28000 ? 38  LEU J CD1 1 
ATOM   972  C CD2 . LEU J 1 11 ? -16.14184 3.21189   -6.32397  1.000 143.51000 ? 38  LEU J CD2 1 
ATOM   973  N N   . THR J 1 12 ? -16.67039 7.28185   -3.41863  1.000 208.82000 ? 39  THR J N   1 
ATOM   974  C CA  . THR J 1 12 ? -17.58535 8.43592   -3.45410  1.000 190.95000 ? 39  THR J CA  1 
ATOM   975  C C   . THR J 1 12 ? -18.62410 8.45687   -2.32447  1.000 176.16000 ? 39  THR J C   1 
ATOM   976  O O   . THR J 1 12 ? -19.80978 8.19055   -2.51940  1.000 150.56000 ? 39  THR J O   1 
ATOM   977  C CB  . THR J 1 12 ? -18.32446 8.54170   -4.82759  1.000 194.22000 ? 39  THR J CB  1 
ATOM   978  O OG1 . THR J 1 12 ? -19.39406 9.49093   -4.73060  1.000 138.29000 ? 39  THR J OG1 1 
ATOM   979  C CG2 . THR J 1 12 ? -18.87361 7.19555   -5.30415  1.000 201.08000 ? 39  THR J CG2 1 
ATOM   980  O OXT . THR J 1 12 ? -18.29138 8.75215   -1.17398  1.000 117.74000 ? 39  THR J OXT 1 
HETATM 981  S S   . SO4 K 2 .  ? 1.75473   8.06421   7.69133   0.700 115.65000 ? 101 SO4 A S   1 
HETATM 982  O O1  . SO4 K 2 .  ? 1.43255   8.91263   6.49919   0.700 103.33000 ? 101 SO4 A O1  1 
HETATM 983  O O2  . SO4 K 2 .  ? 1.74908   6.62271   7.28743   0.700 79.78000  ? 101 SO4 A O2  1 
HETATM 984  O O3  . SO4 K 2 .  ? 3.10997   8.43563   8.21644   0.700 72.54000  ? 101 SO4 A O3  1 
HETATM 985  O O4  . SO4 K 2 .  ? 0.72346   8.28183   8.75931   0.700 114.01000 ? 101 SO4 A O4  1 
HETATM 986  O O1  . PG4 L 3 .  ? 18.56943  17.25016  -3.12051  1.000 104.98000 ? 102 PG4 A O1  1 
HETATM 987  C C1  . PG4 L 3 .  ? 17.21870  17.65952  -3.15473  1.000 85.44000  ? 102 PG4 A C1  1 
HETATM 988  C C2  . PG4 L 3 .  ? 16.69776  17.78361  -1.74622  1.000 85.72000  ? 102 PG4 A C2  1 
HETATM 989  O O2  . PG4 L 3 .  ? 15.29745  17.89955  -1.74544  1.000 66.30000  ? 102 PG4 A O2  1 
HETATM 990  C C3  . PG4 L 3 .  ? 14.71395  17.67933  -0.48289  1.000 60.95000  ? 102 PG4 A C3  1 
HETATM 991  C C4  . PG4 L 3 .  ? 15.25840  18.64625  0.53863   1.000 69.18000  ? 102 PG4 A C4  1 
HETATM 992  O O3  . PG4 L 3 .  ? 14.21270  19.23072  1.28107   1.000 68.32000  ? 102 PG4 A O3  1 
HETATM 993  C C5  . PG4 L 3 .  ? 14.64402  20.31929  2.06618   1.000 56.39000  ? 102 PG4 A C5  1 
HETATM 994  C C6  . PG4 L 3 .  ? 13.60572  21.41717  2.10063   1.000 57.91000  ? 102 PG4 A C6  1 
HETATM 995  O O4  . PG4 L 3 .  ? 14.24560  22.66789  2.14831   1.000 69.65000  ? 102 PG4 A O4  1 
HETATM 996  C C7  . PG4 L 3 .  ? 13.46739  23.73127  1.65571   1.000 69.58000  ? 102 PG4 A C7  1 
HETATM 997  C C8  . PG4 L 3 .  ? 14.21538  25.03709  1.76870   1.000 76.53000  ? 102 PG4 A C8  1 
HETATM 998  O O5  . PG4 L 3 .  ? 15.07026  25.20779  0.66128   1.000 69.17000  ? 102 PG4 A O5  1 
HETATM 999  C C1  . PEG M 4 .  ? 16.24057  4.64646   -7.72151  1.000 94.05000  ? 101 PEG D C1  1 
HETATM 1000 O O1  . PEG M 4 .  ? 15.87868  5.97764   -8.01878  1.000 113.07000 ? 101 PEG D O1  1 
HETATM 1001 C C2  . PEG M 4 .  ? 16.90280  4.56751   -6.37045  1.000 95.49000  ? 101 PEG D C2  1 
HETATM 1002 O O2  . PEG M 4 .  ? 16.01925  4.98316   -5.35765  1.000 71.19000  ? 101 PEG D O2  1 
HETATM 1003 C C3  . PEG M 4 .  ? 16.42648  4.58507   -4.07193  1.000 72.93000  ? 101 PEG D C3  1 
HETATM 1004 C C4  . PEG M 4 .  ? 17.75316  5.20447   -3.71048  1.000 88.31000  ? 101 PEG D C4  1 
HETATM 1005 O O4  . PEG M 4 .  ? 17.57100  6.41585   -3.01279  1.000 78.95000  ? 101 PEG D O4  1 
HETATM 1006 S S   . SO4 N 2 .  ? 7.53098   -5.13470  -10.07929 0.500 76.47000  ? 101 SO4 F S   1 
HETATM 1007 O O1  . SO4 N 2 .  ? 6.10517   -5.53901  -9.87574  0.500 91.58000  ? 101 SO4 F O1  1 
HETATM 1008 O O2  . SO4 N 2 .  ? 8.25220   -6.16345  -10.89387 0.500 91.43000  ? 101 SO4 F O2  1 
HETATM 1009 O O3  . SO4 N 2 .  ? 7.56028   -3.82987  -10.81586 0.500 53.85000  ? 101 SO4 F O3  1 
HETATM 1010 O O4  . SO4 N 2 .  ? 8.19929   -5.00483  -8.74234  0.500 49.01000  ? 101 SO4 F O4  1 
HETATM 1011 S S   . SO4 O 2 .  ? -1.49270  -15.23980 7.87524   0.500 92.87000  ? 101 SO4 G S   1 
HETATM 1012 O O1  . SO4 O 2 .  ? -2.19478  -14.27921 8.78421   0.500 57.39000  ? 101 SO4 G O1  1 
HETATM 1013 O O2  . SO4 O 2 .  ? -2.37998  -15.57482 6.71563   0.500 64.26000  ? 101 SO4 G O2  1 
HETATM 1014 O O3  . SO4 O 2 .  ? -0.23165  -14.60404 7.37411   0.500 92.10000  ? 101 SO4 G O3  1 
HETATM 1015 O O4  . SO4 O 2 .  ? -1.16437  -16.49398 8.62875   0.500 80.04000  ? 101 SO4 G O4  1 
HETATM 1016 S S   . SO4 P 2 .  ? -6.04824  4.03005   -4.80370  0.500 80.43000  ? 101 SO4 H S   1 
HETATM 1017 O O1  . SO4 P 2 .  ? -7.00310  5.09852   -5.23876  0.500 78.89000  ? 101 SO4 H O1  1 
HETATM 1018 O O2  . SO4 P 2 .  ? -6.12264  2.87775   -5.75742  0.500 78.87000  ? 101 SO4 H O2  1 
HETATM 1019 O O3  . SO4 P 2 .  ? -4.65536  4.58341   -4.79105  0.500 63.77000  ? 101 SO4 H O3  1 
HETATM 1020 O O4  . SO4 P 2 .  ? -6.41005  3.55655   -3.42861  0.500 103.07000 ? 101 SO4 H O4  1 
HETATM 1021 S S   . SO4 Q 2 .  ? -13.24532 -6.94797  -8.92344  0.500 60.88000  ? 101 SO4 I S   1 
HETATM 1022 O O1  . SO4 Q 2 .  ? -14.10152 -6.04934  -9.76187  0.500 49.80000  ? 101 SO4 I O1  1 
HETATM 1023 O O2  . SO4 Q 2 .  ? -11.87579 -7.03525  -9.52498  0.500 55.01000  ? 101 SO4 I O2  1 
HETATM 1024 O O3  . SO4 Q 2 .  ? -13.14808 -6.38496  -7.53774  0.500 62.32000  ? 101 SO4 I O3  1 
HETATM 1025 O O4  . SO4 Q 2 .  ? -13.85532 -8.31587  -8.86591  0.500 53.44000  ? 101 SO4 I O4  1 
HETATM 1026 O O1  . PG4 R 3 .  ? -19.62649 -5.27556  -2.36617  0.500 59.17000  ? 101 PG4 J O1  1 
HETATM 1027 C C1  . PG4 R 3 .  ? -18.34585 -4.82889  -2.75467  0.500 61.31000  ? 101 PG4 J C1  1 
HETATM 1028 C C2  . PG4 R 3 .  ? -17.45489 -4.66571  -1.54878  0.500 49.94000  ? 101 PG4 J C2  1 
HETATM 1029 O O2  . PG4 R 3 .  ? -17.18751 -5.91337  -0.95309  0.500 41.29000  ? 101 PG4 J O2  1 
HETATM 1030 C C3  . PG4 R 3 .  ? -16.66624 -6.86604  -1.84555  0.500 31.90000  ? 101 PG4 J C3  1 
HETATM 1031 C C4  . PG4 R 3 .  ? -16.24074 -8.09579  -1.08496  0.500 36.78000  ? 101 PG4 J C4  1 
HETATM 1032 O O3  . PG4 R 3 .  ? -15.48168 -8.93375  -1.92053  0.500 43.77000  ? 101 PG4 J O3  1 
HETATM 1033 C C5  . PG4 R 3 .  ? -16.19823 -9.36588  -3.04626  0.500 54.23000  ? 101 PG4 J C5  1 
HETATM 1034 C C6  . PG4 R 3 .  ? -15.29370 -10.15132 -3.95885  0.500 62.09000  ? 101 PG4 J C6  1 
HETATM 1035 O O4  . PG4 R 3 .  ? -14.12049 -9.42566  -4.22034  0.500 59.53000  ? 101 PG4 J O4  1 
HETATM 1036 C C7  . PG4 R 3 .  ? -13.54280 -9.77240  -5.45279  0.500 69.22000  ? 101 PG4 J C7  1 
HETATM 1037 C C8  . PG4 R 3 .  ? -13.20221 -11.23990 -5.47030  0.500 66.39000  ? 101 PG4 J C8  1 
HETATM 1038 O O5  . PG4 R 3 .  ? -12.76824 -11.61455 -6.75849  0.500 58.54000  ? 101 PG4 J O5  1 
HETATM 1039 O O   . HOH S 5 .  ? 5.84609   16.41584  -13.61683 1.000 84.47000  ? 101 HOH B O   1 
HETATM 1040 O O   . HOH T 5 .  ? 3.77380   -0.16677  11.90107  1.000 72.93000  ? 101 HOH C O   1 
HETATM 1041 O O   . HOH T 5 .  ? 11.65684  0.35015   6.70815   1.000 72.90000  ? 102 HOH C O   1 
HETATM 1042 O O   . HOH T 5 .  ? 4.49122   0.06037   9.02324   1.000 84.30000  ? 103 HOH C O   1 
HETATM 1043 O O   . HOH T 5 .  ? 10.93641  15.47682  -12.29404 1.000 64.18000  ? 104 HOH C O   1 
HETATM 1044 O O   . HOH U 5 .  ? 11.49648  9.30132   -11.50251 1.000 106.97000 ? 201 HOH D O   1 
HETATM 1045 O O   . HOH U 5 .  ? 6.59018   8.72698   -12.45292 1.000 67.49000  ? 202 HOH D O   1 
HETATM 1046 O O   . HOH V 5 .  ? 9.01760   7.84233   -13.00892 1.000 84.99000  ? 101 HOH E O   1 
HETATM 1047 O O   . HOH W 5 .  ? 0.65509   4.87840   -10.27883 1.000 75.12000  ? 201 HOH F O   1 
HETATM 1048 O O   . HOH X 5 .  ? -2.75890  -12.22017 10.09528  1.000 82.97000  ? 201 HOH G O   1 
HETATM 1049 O O   . HOH Y 5 .  ? -15.21618 -14.37733 15.34332  1.000 59.46000  ? 201 HOH I O   1 
# 
